data_7JJ0
#
_entry.id   7JJ0
#
_cell.length_a   99.311
_cell.length_b   99.311
_cell.length_c   133.512
_cell.angle_alpha   90.000
_cell.angle_beta   90.000
_cell.angle_gamma   120.000
#
_symmetry.space_group_name_H-M   'P 32'
#
loop_
_entity.id
_entity.type
_entity.pdbx_description
1 polymer 'Succinate--CoA ligase [ADP/GDP-forming] subunit alpha, mitochondrial'
2 polymer 'Succinate--CoA ligase [GDP-forming] subunit beta, mitochondrial'
3 non-polymer 'PHOSPHOMETHYLPHOSPHONIC ACID GUANYLATE ESTER'
4 non-polymer 'MAGNESIUM ION'
5 water water
#
loop_
_entity_poly.entity_id
_entity_poly.type
_entity_poly.pdbx_seq_one_letter_code
_entity_poly.pdbx_strand_id
1 'polypeptide(L)'
;SYTASRKHLYVDKNTKVICQGFTGKQGTFHSQQALEYGTNLVGGTTPGKGGKTHLGLPVFNTVKEAKEQTGATASVIYVP
PPFAAAAINEAIDAEVPLVVCITEGIPQQDMVRVKHRLLRQGKTRLIGPNCPGVINPGECKIGIMPGHIHKKGRIGIVSR
SGTLTYEAVHQTTQVGLGQSLCVGIGGDPFNGTDFTDCLEIFLNDPATEGIILIGEIGGNAEENAAEFLKQHNSGPKSKP
VVSFIAGLTAPPGRRMGHAGAIIAGGKGGAKEKITALQSAGVVVSMSPAQLGTTIYKEFEKRKML
;
A,C
2 'polypeptide(L)'
;MNLQEYQSKKLMSDNGVKVQRFFVADTANEALEAAKRLNAKEIVLKAQILAGGRGKGVFSSGLKGGVHLTKDPEVVGQLA
KQMIGYNLATKQTPKEGVKVNKVMVAEALDISRETYLAILMDRSCNGPVLVGSPQGGVDIEEVAASNPELIFKEQIDIIE
GIKDSQAQRMAENLGFLGPLQNQAADQIKKLYNLFLKIDATQVEVNPFGETPEGQVVCFDAKINFDDNAEFRQKDIFAMD
DKSENEPIENEAAKYDLKYIGLDGNIACFVNGAGLAMATCDIIFLNGGKPANFLDLGGGVKESQVYQAFKLLTADPKVEA
ILVNIFGGIVNCAIIANGITKACRELELKVPLVVRLEGTNVHEAQNILTNSGLPITSAVDLEDAAKKAVASVTKK
;
B,D
#
# COMPACT_ATOMS: atom_id res chain seq x y z
N SER A 1 -11.07 10.21 15.75
CA SER A 1 -9.75 10.69 15.39
C SER A 1 -8.69 9.62 15.62
N TYR A 2 -7.51 9.83 15.04
CA TYR A 2 -6.42 8.87 15.21
C TYR A 2 -6.02 8.74 16.68
N THR A 3 -6.23 9.80 17.47
CA THR A 3 -5.92 9.72 18.90
C THR A 3 -6.75 8.65 19.60
N ALA A 4 -7.90 8.26 19.04
CA ALA A 4 -8.71 7.22 19.64
C ALA A 4 -7.94 5.91 19.72
N SER A 5 -7.01 5.67 18.79
CA SER A 5 -6.22 4.45 18.78
C SER A 5 -5.09 4.47 19.79
N ARG A 6 -4.89 5.59 20.51
CA ARG A 6 -3.84 5.63 21.52
C ARG A 6 -3.94 4.46 22.48
N LYS A 7 -5.17 4.05 22.80
CA LYS A 7 -5.38 3.00 23.80
C LYS A 7 -4.61 1.74 23.43
N HIS A 8 -4.50 1.43 22.14
CA HIS A 8 -3.88 0.19 21.71
C HIS A 8 -2.38 0.16 21.95
N LEU A 9 -1.80 1.24 22.48
CA LEU A 9 -0.37 1.23 22.79
C LEU A 9 -0.08 0.35 24.01
N TYR A 10 -1.05 0.19 24.91
CA TYR A 10 -0.82 -0.50 26.18
C TYR A 10 -1.16 -1.98 26.00
N VAL A 11 -0.23 -2.69 25.35
CA VAL A 11 -0.40 -4.13 25.19
C VAL A 11 -0.36 -4.82 26.55
N ASP A 12 -0.91 -6.03 26.59
CA ASP A 12 -0.93 -6.83 27.80
C ASP A 12 -0.80 -8.30 27.41
N LYS A 13 -0.95 -9.19 28.40
CA LYS A 13 -0.76 -10.61 28.14
C LYS A 13 -1.77 -11.17 27.16
N ASN A 14 -2.92 -10.51 27.02
CA ASN A 14 -3.97 -10.98 26.11
C ASN A 14 -3.76 -10.51 24.67
N THR A 15 -2.76 -9.68 24.42
CA THR A 15 -2.49 -9.23 23.06
C THR A 15 -1.97 -10.40 22.24
N LYS A 16 -2.64 -10.70 21.13
CA LYS A 16 -2.24 -11.77 20.23
C LYS A 16 -1.52 -11.15 19.03
N VAL A 17 -0.24 -11.51 18.87
CA VAL A 17 0.66 -10.83 17.95
C VAL A 17 0.94 -11.71 16.75
N ILE A 18 1.08 -11.09 15.59
CA ILE A 18 1.55 -11.75 14.38
C ILE A 18 2.76 -10.98 13.86
N CYS A 19 3.62 -11.69 13.14
CA CYS A 19 4.88 -11.14 12.67
C CYS A 19 4.86 -11.05 11.16
N GLN A 20 4.93 -9.82 10.64
CA GLN A 20 5.05 -9.60 9.21
C GLN A 20 6.53 -9.67 8.84
N GLY A 21 6.87 -10.54 7.89
CA GLY A 21 8.24 -10.90 7.65
C GLY A 21 8.65 -12.03 8.57
N PHE A 22 7.76 -13.02 8.68
CA PHE A 22 7.91 -14.06 9.70
C PHE A 22 9.15 -14.91 9.45
N THR A 23 9.26 -15.47 8.25
CA THR A 23 10.38 -16.36 7.93
C THR A 23 11.67 -15.60 7.66
N GLY A 24 11.63 -14.27 7.63
CA GLY A 24 12.84 -13.50 7.41
C GLY A 24 13.84 -13.69 8.53
N LYS A 25 15.09 -13.29 8.25
CA LYS A 25 16.17 -13.46 9.21
C LYS A 25 15.84 -12.79 10.54
N GLN A 26 15.40 -11.53 10.49
CA GLN A 26 15.03 -10.83 11.72
C GLN A 26 13.81 -11.45 12.36
N GLY A 27 12.75 -11.68 11.57
CA GLY A 27 11.51 -12.20 12.15
C GLY A 27 11.71 -13.49 12.92
N THR A 28 12.55 -14.39 12.40
CA THR A 28 12.77 -15.65 13.09
C THR A 28 13.38 -15.41 14.47
N PHE A 29 14.49 -14.67 14.52
CA PHE A 29 15.19 -14.45 15.78
C PHE A 29 14.28 -13.82 16.81
N HIS A 30 13.68 -12.67 16.47
CA HIS A 30 12.86 -11.95 17.43
C HIS A 30 11.54 -12.65 17.71
N SER A 31 11.07 -13.50 16.79
CA SER A 31 9.89 -14.32 17.08
C SER A 31 10.21 -15.37 18.13
N GLN A 32 11.39 -15.99 18.05
CA GLN A 32 11.81 -16.92 19.08
C GLN A 32 11.91 -16.21 20.43
N GLN A 33 12.60 -15.07 20.46
CA GLN A 33 12.71 -14.32 21.71
C GLN A 33 11.35 -13.96 22.26
N ALA A 34 10.39 -13.65 21.37
CA ALA A 34 9.05 -13.31 21.83
C ALA A 34 8.36 -14.53 22.46
N LEU A 35 8.50 -15.70 21.82
CA LEU A 35 7.89 -16.90 22.37
C LEU A 35 8.54 -17.29 23.71
N GLU A 36 9.87 -17.28 23.76
CA GLU A 36 10.55 -17.63 25.00
C GLU A 36 10.19 -16.67 26.13
N TYR A 37 9.97 -15.40 25.80
CA TYR A 37 9.60 -14.40 26.81
C TYR A 37 8.17 -14.56 27.28
N GLY A 38 7.35 -15.36 26.60
CA GLY A 38 5.97 -15.57 26.97
C GLY A 38 4.96 -14.78 26.16
N THR A 39 5.40 -14.05 25.15
CA THR A 39 4.47 -13.28 24.32
C THR A 39 3.58 -14.20 23.51
N ASN A 40 2.33 -13.80 23.34
CA ASN A 40 1.34 -14.61 22.63
C ASN A 40 1.48 -14.42 21.12
N LEU A 41 2.63 -14.86 20.61
CA LEU A 41 2.87 -14.87 19.17
C LEU A 41 2.13 -16.06 18.56
N VAL A 42 1.18 -15.78 17.67
CA VAL A 42 0.27 -16.80 17.16
C VAL A 42 0.45 -17.01 15.66
N GLY A 43 1.56 -16.56 15.09
CA GLY A 43 1.86 -16.79 13.70
C GLY A 43 2.48 -15.57 13.07
N GLY A 44 2.56 -15.61 11.74
CA GLY A 44 3.11 -14.50 11.00
C GLY A 44 2.76 -14.62 9.53
N THR A 45 3.40 -13.77 8.72
CA THR A 45 3.11 -13.73 7.30
C THR A 45 4.40 -13.60 6.51
N THR A 46 4.43 -14.28 5.37
CA THR A 46 5.48 -14.10 4.37
C THR A 46 4.87 -14.37 3.00
N PRO A 47 4.92 -13.42 2.06
CA PRO A 47 4.27 -13.65 0.76
C PRO A 47 4.79 -14.93 0.10
N GLY A 48 3.84 -15.79 -0.28
CA GLY A 48 4.18 -17.00 -0.99
C GLY A 48 4.50 -18.19 -0.10
N LYS A 49 4.42 -18.05 1.22
CA LYS A 49 4.71 -19.15 2.13
C LYS A 49 3.51 -19.49 3.01
N GLY A 50 2.32 -19.06 2.62
CA GLY A 50 1.14 -19.40 3.40
C GLY A 50 0.92 -20.90 3.46
N GLY A 51 0.59 -21.39 4.65
CA GLY A 51 0.36 -22.79 4.91
C GLY A 51 1.51 -23.50 5.59
N LYS A 52 2.75 -23.11 5.30
CA LYS A 52 3.89 -23.72 5.95
C LYS A 52 3.84 -23.42 7.45
N THR A 53 4.69 -24.11 8.20
CA THR A 53 4.82 -23.94 9.64
C THR A 53 6.17 -23.36 9.98
N HIS A 54 6.20 -22.46 10.96
CA HIS A 54 7.41 -21.74 11.33
C HIS A 54 7.40 -21.51 12.83
N LEU A 55 8.45 -21.97 13.51
CA LEU A 55 8.55 -21.86 14.96
C LEU A 55 7.30 -22.44 15.63
N GLY A 56 6.78 -23.52 15.05
CA GLY A 56 5.57 -24.12 15.57
C GLY A 56 4.32 -23.30 15.39
N LEU A 57 4.38 -22.23 14.60
CA LEU A 57 3.24 -21.35 14.38
C LEU A 57 2.86 -21.32 12.91
N PRO A 58 1.60 -21.02 12.59
CA PRO A 58 1.19 -20.98 11.19
C PRO A 58 1.74 -19.77 10.47
N VAL A 59 1.98 -19.94 9.18
CA VAL A 59 2.43 -18.87 8.29
C VAL A 59 1.33 -18.59 7.28
N PHE A 60 1.10 -17.32 7.01
CA PHE A 60 0.04 -16.88 6.11
C PHE A 60 0.63 -15.97 5.03
N ASN A 61 -0.12 -15.81 3.94
CA ASN A 61 0.33 -14.96 2.85
C ASN A 61 0.04 -13.49 3.09
N THR A 62 -1.08 -13.18 3.75
CA THR A 62 -1.49 -11.80 3.98
C THR A 62 -1.82 -11.58 5.45
N VAL A 63 -1.83 -10.31 5.86
CA VAL A 63 -2.11 -9.98 7.25
C VAL A 63 -3.56 -10.26 7.59
N LYS A 64 -4.49 -9.90 6.70
CA LYS A 64 -5.90 -10.13 6.98
C LYS A 64 -6.19 -11.62 7.11
N GLU A 65 -5.52 -12.44 6.28
CA GLU A 65 -5.67 -13.89 6.41
C GLU A 65 -5.24 -14.36 7.79
N ALA A 66 -4.09 -13.86 8.28
CA ALA A 66 -3.61 -14.23 9.60
C ALA A 66 -4.54 -13.72 10.69
N LYS A 67 -5.23 -12.60 10.46
CA LYS A 67 -6.04 -11.99 11.50
C LYS A 67 -7.32 -12.78 11.75
N GLU A 68 -8.02 -13.17 10.68
CA GLU A 68 -9.27 -13.89 10.86
C GLU A 68 -9.05 -15.32 11.33
N GLN A 69 -7.87 -15.89 11.07
CA GLN A 69 -7.57 -17.24 11.53
C GLN A 69 -7.15 -17.25 13.00
N THR A 70 -6.34 -16.27 13.42
CA THR A 70 -5.77 -16.24 14.75
C THR A 70 -6.39 -15.18 15.65
N GLY A 71 -7.26 -14.33 15.13
CA GLY A 71 -7.80 -13.25 15.94
C GLY A 71 -6.75 -12.30 16.44
N ALA A 72 -5.64 -12.16 15.73
CA ALA A 72 -4.55 -11.29 16.19
C ALA A 72 -5.03 -9.85 16.35
N THR A 73 -4.50 -9.18 17.36
CA THR A 73 -4.82 -7.79 17.62
C THR A 73 -3.60 -6.86 17.54
N ALA A 74 -2.41 -7.41 17.35
CA ALA A 74 -1.20 -6.63 17.19
C ALA A 74 -0.33 -7.29 16.13
N SER A 75 0.48 -6.46 15.46
CA SER A 75 1.34 -6.93 14.39
C SER A 75 2.69 -6.24 14.51
N VAL A 76 3.76 -7.00 14.29
CA VAL A 76 5.12 -6.49 14.29
C VAL A 76 5.70 -6.71 12.90
N ILE A 77 6.42 -5.71 12.40
CA ILE A 77 6.90 -5.69 11.02
C ILE A 77 8.42 -5.68 11.00
N TYR A 78 9.00 -6.62 10.26
CA TYR A 78 10.44 -6.63 10.00
C TYR A 78 10.73 -6.60 8.50
N VAL A 79 9.74 -6.30 7.67
CA VAL A 79 9.90 -6.27 6.22
C VAL A 79 11.00 -5.27 5.87
N PRO A 80 11.80 -5.51 4.84
CA PRO A 80 12.86 -4.55 4.50
C PRO A 80 12.30 -3.19 4.15
N PRO A 81 13.14 -2.17 4.09
CA PRO A 81 12.65 -0.79 3.90
C PRO A 81 11.84 -0.63 2.63
N PRO A 82 12.29 -1.17 1.49
CA PRO A 82 11.55 -0.92 0.23
C PRO A 82 10.09 -1.31 0.30
N PHE A 83 9.72 -2.27 1.16
CA PHE A 83 8.34 -2.75 1.23
C PHE A 83 7.75 -2.67 2.64
N ALA A 84 8.43 -2.00 3.57
CA ALA A 84 7.92 -1.92 4.93
C ALA A 84 6.71 -1.00 5.00
N ALA A 85 6.72 0.11 4.26
CA ALA A 85 5.58 1.00 4.24
C ALA A 85 4.33 0.28 3.77
N ALA A 86 4.44 -0.45 2.65
CA ALA A 86 3.30 -1.22 2.17
C ALA A 86 2.87 -2.26 3.20
N ALA A 87 3.80 -2.73 4.04
CA ALA A 87 3.43 -3.68 5.07
C ALA A 87 2.61 -3.01 6.16
N ILE A 88 2.93 -1.77 6.51
CA ILE A 88 2.09 -1.02 7.44
C ILE A 88 0.70 -0.85 6.86
N ASN A 89 0.62 -0.49 5.58
CA ASN A 89 -0.67 -0.30 4.94
C ASN A 89 -1.49 -1.58 4.95
N GLU A 90 -0.85 -2.72 4.73
CA GLU A 90 -1.56 -3.99 4.75
C GLU A 90 -2.20 -4.24 6.11
N ALA A 91 -1.53 -3.82 7.18
CA ALA A 91 -2.10 -4.00 8.52
C ALA A 91 -3.24 -3.03 8.78
N ILE A 92 -3.09 -1.78 8.31
CA ILE A 92 -4.16 -0.81 8.49
C ILE A 92 -5.40 -1.25 7.70
N ASP A 93 -5.21 -1.72 6.47
CA ASP A 93 -6.32 -2.24 5.70
C ASP A 93 -7.04 -3.35 6.46
N ALA A 94 -6.27 -4.24 7.09
CA ALA A 94 -6.85 -5.31 7.90
C ALA A 94 -7.38 -4.82 9.24
N GLU A 95 -7.19 -3.55 9.56
CA GLU A 95 -7.70 -2.96 10.80
C GLU A 95 -7.11 -3.65 12.03
N VAL A 96 -5.81 -3.94 11.97
CA VAL A 96 -5.08 -4.46 13.12
C VAL A 96 -4.97 -3.34 14.15
N PRO A 97 -5.51 -3.51 15.36
CA PRO A 97 -5.48 -2.39 16.33
C PRO A 97 -4.10 -1.77 16.53
N LEU A 98 -3.06 -2.58 16.72
CA LEU A 98 -1.72 -2.10 16.98
C LEU A 98 -0.76 -2.64 15.93
N VAL A 99 0.01 -1.74 15.32
CA VAL A 99 1.05 -2.10 14.37
C VAL A 99 2.36 -1.50 14.84
N VAL A 100 3.39 -2.35 14.96
CA VAL A 100 4.71 -1.92 15.38
C VAL A 100 5.68 -2.24 14.25
N CYS A 101 6.28 -1.20 13.68
CA CYS A 101 7.22 -1.35 12.57
C CYS A 101 8.63 -1.15 13.11
N ILE A 102 9.42 -2.23 13.14
CA ILE A 102 10.78 -2.13 13.63
C ILE A 102 11.72 -1.62 12.55
N THR A 103 11.37 -1.85 11.28
CA THR A 103 12.32 -1.65 10.19
C THR A 103 12.91 -0.25 10.22
N GLU A 104 14.22 -0.18 9.99
CA GLU A 104 14.93 1.08 9.84
C GLU A 104 15.25 1.28 8.37
N GLY A 105 15.20 2.54 7.93
CA GLY A 105 15.56 2.89 6.59
C GLY A 105 14.40 3.11 5.63
N ILE A 106 13.19 3.29 6.14
CA ILE A 106 12.06 3.51 5.24
C ILE A 106 12.13 4.93 4.68
N PRO A 107 12.08 5.12 3.36
CA PRO A 107 12.10 6.48 2.81
C PRO A 107 11.07 7.38 3.49
N GLN A 108 11.48 8.61 3.78
CA GLN A 108 10.57 9.54 4.45
C GLN A 108 9.32 9.77 3.61
N GLN A 109 9.47 9.84 2.29
CA GLN A 109 8.31 10.05 1.44
C GLN A 109 7.28 8.94 1.63
N ASP A 110 7.74 7.70 1.78
CA ASP A 110 6.82 6.58 2.00
C ASP A 110 6.04 6.77 3.30
N MET A 111 6.72 7.20 4.36
CA MET A 111 6.04 7.36 5.66
C MET A 111 5.14 8.59 5.67
N VAL A 112 5.51 9.64 4.93
CA VAL A 112 4.60 10.78 4.78
C VAL A 112 3.28 10.32 4.20
N ARG A 113 3.33 9.47 3.18
CA ARG A 113 2.09 8.98 2.58
C ARG A 113 1.36 8.02 3.52
N VAL A 114 2.10 7.18 4.23
CA VAL A 114 1.47 6.28 5.19
C VAL A 114 0.79 7.07 6.29
N LYS A 115 1.50 8.05 6.87
CA LYS A 115 0.92 8.82 7.96
C LYS A 115 -0.25 9.67 7.48
N HIS A 116 -0.26 10.04 6.20
CA HIS A 116 -1.39 10.78 5.66
C HIS A 116 -2.69 10.01 5.84
N ARG A 117 -2.67 8.71 5.49
CA ARG A 117 -3.86 7.88 5.68
C ARG A 117 -4.06 7.53 7.14
N LEU A 118 -2.97 7.28 7.87
CA LEU A 118 -3.07 6.87 9.26
C LEU A 118 -3.86 7.88 10.09
N LEU A 119 -3.62 9.18 9.86
CA LEU A 119 -4.30 10.21 10.65
C LEU A 119 -5.78 10.33 10.31
N ARG A 120 -6.21 9.78 9.17
CA ARG A 120 -7.60 9.84 8.77
C ARG A 120 -8.42 8.65 9.26
N GLN A 121 -7.85 7.79 10.09
CA GLN A 121 -8.55 6.66 10.66
C GLN A 121 -8.21 6.56 12.15
N GLY A 122 -9.00 5.78 12.88
CA GLY A 122 -8.79 5.66 14.31
C GLY A 122 -8.83 4.23 14.81
N LYS A 123 -8.78 3.27 13.89
CA LYS A 123 -8.82 1.86 14.27
C LYS A 123 -7.43 1.27 14.51
N THR A 124 -6.42 1.73 13.77
CA THR A 124 -5.07 1.20 13.87
C THR A 124 -4.14 2.23 14.49
N ARG A 125 -3.26 1.76 15.38
CA ARG A 125 -2.25 2.58 16.03
C ARG A 125 -0.89 2.08 15.60
N LEU A 126 -0.08 2.98 15.05
CA LEU A 126 1.26 2.63 14.55
C LEU A 126 2.32 3.09 15.54
N ILE A 127 3.29 2.22 15.78
CA ILE A 127 4.50 2.55 16.53
C ILE A 127 5.66 2.38 15.57
N GLY A 128 6.46 3.43 15.41
CA GLY A 128 7.58 3.40 14.49
C GLY A 128 7.31 4.22 13.25
N PRO A 129 8.05 3.95 12.17
CA PRO A 129 9.07 2.90 12.03
C PRO A 129 10.39 3.22 12.73
N ASN A 130 11.40 2.39 12.49
CA ASN A 130 12.73 2.59 13.07
C ASN A 130 12.66 2.76 14.58
N CYS A 131 12.03 1.80 15.24
CA CYS A 131 11.84 1.84 16.67
C CYS A 131 12.12 0.46 17.26
N PRO A 132 12.41 0.37 18.55
CA PRO A 132 12.63 -0.93 19.17
C PRO A 132 11.36 -1.66 19.57
N GLY A 133 10.21 -1.00 19.56
CA GLY A 133 8.94 -1.64 19.84
C GLY A 133 8.34 -1.20 21.17
N VAL A 134 7.44 -2.04 21.67
CA VAL A 134 6.75 -1.81 22.94
C VAL A 134 6.74 -3.10 23.73
N ILE A 135 6.84 -2.99 25.05
CA ILE A 135 6.90 -4.14 25.93
C ILE A 135 6.15 -3.84 27.21
N ASN A 136 5.21 -4.73 27.57
CA ASN A 136 4.62 -4.75 28.89
C ASN A 136 5.38 -5.79 29.70
N PRO A 137 6.30 -5.39 30.59
CA PRO A 137 7.20 -6.36 31.22
C PRO A 137 6.48 -7.55 31.85
N GLY A 138 6.81 -8.76 31.38
CA GLY A 138 6.24 -9.98 31.89
C GLY A 138 4.97 -10.44 31.19
N GLU A 139 4.30 -9.55 30.46
CA GLU A 139 3.03 -9.86 29.81
C GLU A 139 3.13 -9.91 28.29
N CYS A 140 3.73 -8.90 27.67
CA CYS A 140 3.80 -8.85 26.22
C CYS A 140 5.05 -8.08 25.79
N LYS A 141 5.76 -8.63 24.81
CA LYS A 141 6.97 -8.02 24.26
C LYS A 141 6.84 -8.01 22.75
N ILE A 142 6.68 -6.83 22.17
CA ILE A 142 6.56 -6.65 20.72
C ILE A 142 7.70 -5.73 20.31
N GLY A 143 8.81 -6.32 19.89
CA GLY A 143 9.94 -5.54 19.43
C GLY A 143 11.23 -6.31 19.62
N ILE A 144 12.32 -5.56 19.65
CA ILE A 144 13.68 -6.11 19.69
C ILE A 144 14.35 -5.88 21.04
N MET A 145 13.66 -5.28 22.00
CA MET A 145 14.29 -4.98 23.28
C MET A 145 14.64 -6.27 24.01
N PRO A 146 15.80 -6.33 24.66
CA PRO A 146 16.11 -7.53 25.46
C PRO A 146 15.15 -7.67 26.62
N GLY A 147 14.51 -8.83 26.71
CA GLY A 147 13.48 -9.02 27.71
C GLY A 147 14.02 -9.17 29.12
N HIS A 148 15.21 -9.77 29.26
CA HIS A 148 15.69 -10.12 30.59
C HIS A 148 15.97 -8.90 31.47
N ILE A 149 16.23 -7.73 30.87
CA ILE A 149 16.50 -6.55 31.68
C ILE A 149 15.24 -5.90 32.24
N HIS A 150 14.06 -6.32 31.78
CA HIS A 150 12.80 -5.72 32.23
C HIS A 150 12.26 -6.46 33.44
N LYS A 151 11.41 -5.76 34.20
CA LYS A 151 10.68 -6.37 35.29
C LYS A 151 9.47 -5.49 35.58
N LYS A 152 8.29 -6.09 35.60
CA LYS A 152 7.05 -5.34 35.81
C LYS A 152 7.17 -4.46 37.05
N GLY A 153 6.88 -3.17 36.88
CA GLY A 153 7.09 -2.18 37.93
C GLY A 153 6.18 -0.99 37.79
N ARG A 154 6.73 0.20 38.08
CA ARG A 154 5.91 1.39 38.30
C ARG A 154 6.29 2.57 37.42
N ILE A 155 7.31 2.45 36.58
CA ILE A 155 7.83 3.56 35.79
C ILE A 155 7.46 3.33 34.33
N GLY A 156 6.69 4.25 33.77
CA GLY A 156 6.41 4.24 32.33
C GLY A 156 7.51 4.95 31.57
N ILE A 157 8.14 4.25 30.63
CA ILE A 157 9.29 4.78 29.90
C ILE A 157 8.90 5.01 28.44
N VAL A 158 9.18 6.22 27.95
CA VAL A 158 9.02 6.57 26.54
C VAL A 158 10.36 7.09 26.06
N SER A 159 10.81 6.62 24.90
CA SER A 159 12.16 6.93 24.42
C SER A 159 12.13 7.16 22.92
N ARG A 160 12.73 8.27 22.49
CA ARG A 160 12.95 8.53 21.08
C ARG A 160 14.23 7.89 20.57
N SER A 161 15.08 7.39 21.47
CA SER A 161 16.32 6.72 21.11
C SER A 161 16.11 5.21 21.11
N GLY A 162 17.05 4.50 20.50
CA GLY A 162 16.96 3.06 20.39
C GLY A 162 17.54 2.34 21.59
N THR A 163 18.77 1.86 21.45
CA THR A 163 19.39 1.08 22.52
C THR A 163 19.50 1.88 23.81
N LEU A 164 19.55 3.21 23.72
CA LEU A 164 19.64 4.02 24.93
C LEU A 164 18.47 3.77 25.86
N THR A 165 17.32 3.36 25.32
CA THR A 165 16.17 3.05 26.17
C THR A 165 16.51 1.98 27.19
N TYR A 166 17.33 1.00 26.79
CA TYR A 166 17.61 -0.12 27.66
C TYR A 166 18.32 0.31 28.93
N GLU A 167 19.11 1.40 28.86
CA GLU A 167 19.77 1.89 30.06
C GLU A 167 18.76 2.37 31.09
N ALA A 168 17.74 3.11 30.66
CA ALA A 168 16.70 3.54 31.58
C ALA A 168 15.94 2.36 32.16
N VAL A 169 15.76 1.30 31.35
CA VAL A 169 15.06 0.12 31.82
C VAL A 169 15.89 -0.61 32.86
N HIS A 170 17.11 -0.97 32.51
CA HIS A 170 17.97 -1.72 33.42
C HIS A 170 18.12 -1.01 34.76
N GLN A 171 18.25 0.32 34.72
CA GLN A 171 18.42 1.08 35.96
C GLN A 171 17.16 1.05 36.81
N THR A 172 15.99 1.22 36.20
CA THR A 172 14.75 1.20 36.96
C THR A 172 14.49 -0.16 37.60
N THR A 173 15.05 -1.23 37.06
CA THR A 173 14.90 -2.53 37.69
C THR A 173 15.88 -2.70 38.84
N GLN A 174 17.12 -2.24 38.66
CA GLN A 174 18.13 -2.38 39.71
C GLN A 174 17.72 -1.61 40.95
N VAL A 175 17.12 -0.43 40.78
CA VAL A 175 16.64 0.36 41.92
C VAL A 175 15.36 -0.20 42.52
N GLY A 176 14.82 -1.27 41.94
CA GLY A 176 13.65 -1.93 42.49
C GLY A 176 12.31 -1.33 42.09
N LEU A 177 12.30 -0.38 41.17
CA LEU A 177 11.05 0.24 40.73
C LEU A 177 10.42 -0.49 39.55
N GLY A 178 11.24 -1.01 38.64
CA GLY A 178 10.71 -1.69 37.47
C GLY A 178 10.02 -0.72 36.53
N GLN A 179 9.26 -1.30 35.58
CA GLN A 179 8.58 -0.52 34.56
C GLN A 179 7.17 -1.04 34.36
N SER A 180 6.22 -0.12 34.24
CA SER A 180 4.84 -0.49 33.91
C SER A 180 4.69 -0.75 32.42
N LEU A 181 5.14 0.20 31.60
CA LEU A 181 5.09 0.05 30.14
C LEU A 181 6.22 0.85 29.53
N CYS A 182 6.93 0.25 28.59
CA CYS A 182 8.03 0.90 27.89
C CYS A 182 7.71 0.96 26.40
N VAL A 183 7.79 2.16 25.83
CA VAL A 183 7.46 2.40 24.43
C VAL A 183 8.62 3.11 23.77
N GLY A 184 9.17 2.52 22.72
CA GLY A 184 10.15 3.19 21.87
C GLY A 184 9.50 3.74 20.63
N ILE A 185 9.42 5.08 20.53
CA ILE A 185 8.71 5.70 19.42
C ILE A 185 9.54 5.79 18.15
N GLY A 186 10.82 5.44 18.20
CA GLY A 186 11.65 5.40 17.02
C GLY A 186 12.33 6.73 16.74
N GLY A 187 13.25 6.69 15.78
CA GLY A 187 14.06 7.84 15.45
C GLY A 187 13.81 8.42 14.07
N ASP A 188 12.62 8.14 13.49
CA ASP A 188 12.29 8.72 12.19
C ASP A 188 11.41 9.95 12.36
N PRO A 189 11.47 10.90 11.43
CA PRO A 189 10.70 12.15 11.61
C PRO A 189 9.21 11.95 11.46
N PHE A 190 8.77 11.01 10.63
CA PHE A 190 7.35 10.76 10.39
C PHE A 190 7.02 9.38 10.97
N ASN A 191 6.27 9.37 12.07
CA ASN A 191 5.96 8.14 12.79
C ASN A 191 4.52 8.20 13.26
N GLY A 192 4.04 7.06 13.77
CA GLY A 192 2.67 6.94 14.22
C GLY A 192 2.44 7.30 15.67
N THR A 193 3.49 7.43 16.47
CA THR A 193 3.35 7.72 17.89
C THR A 193 4.47 8.65 18.33
N ASP A 194 4.10 9.74 19.01
CA ASP A 194 5.05 10.71 19.52
C ASP A 194 5.07 10.67 21.04
N PHE A 195 5.86 11.57 21.63
CA PHE A 195 5.97 11.61 23.09
C PHE A 195 4.61 11.81 23.74
N THR A 196 3.85 12.82 23.28
CA THR A 196 2.59 13.15 23.94
C THR A 196 1.64 11.97 23.94
N ASP A 197 1.62 11.21 22.84
CA ASP A 197 0.75 10.02 22.78
C ASP A 197 1.03 9.08 23.94
N CYS A 198 2.31 8.81 24.22
CA CYS A 198 2.66 7.90 25.30
C CYS A 198 2.44 8.55 26.66
N LEU A 199 2.75 9.84 26.80
CA LEU A 199 2.56 10.53 28.07
C LEU A 199 1.08 10.52 28.46
N GLU A 200 0.18 10.63 27.48
CA GLU A 200 -1.24 10.55 27.77
C GLU A 200 -1.58 9.23 28.43
N ILE A 201 -1.07 8.13 27.89
CA ILE A 201 -1.35 6.81 28.46
C ILE A 201 -0.75 6.70 29.86
N PHE A 202 0.48 7.19 30.04
CA PHE A 202 1.14 7.11 31.34
C PHE A 202 0.36 7.87 32.40
N LEU A 203 -0.03 9.10 32.11
CA LEU A 203 -0.72 9.92 33.10
C LEU A 203 -2.07 9.35 33.49
N ASN A 204 -2.65 8.48 32.67
CA ASN A 204 -3.94 7.87 32.96
C ASN A 204 -3.81 6.41 33.36
N ASP A 205 -2.59 5.90 33.52
CA ASP A 205 -2.38 4.52 33.92
C ASP A 205 -2.11 4.49 35.42
N PRO A 206 -3.00 3.89 36.23
CA PRO A 206 -2.68 3.78 37.66
C PRO A 206 -1.38 3.05 37.93
N ALA A 207 -1.09 1.98 37.17
CA ALA A 207 0.14 1.23 37.39
C ALA A 207 1.38 2.07 37.15
N THR A 208 1.27 3.16 36.38
CA THR A 208 2.40 4.04 36.09
C THR A 208 2.36 5.18 37.10
N GLU A 209 3.30 5.15 38.05
CA GLU A 209 3.40 6.20 39.06
C GLU A 209 4.49 7.21 38.74
N GLY A 210 5.57 6.78 38.09
CA GLY A 210 6.61 7.68 37.62
C GLY A 210 6.79 7.54 36.12
N ILE A 211 7.47 8.51 35.51
CA ILE A 211 7.67 8.53 34.07
C ILE A 211 9.12 8.91 33.79
N ILE A 212 9.73 8.19 32.84
CA ILE A 212 11.05 8.51 32.32
C ILE A 212 10.92 8.75 30.83
N LEU A 213 11.45 9.89 30.38
CA LEU A 213 11.41 10.29 28.98
C LEU A 213 12.84 10.39 28.47
N ILE A 214 13.18 9.56 27.50
CA ILE A 214 14.52 9.56 26.91
C ILE A 214 14.45 10.30 25.59
N GLY A 215 15.29 11.33 25.44
CA GLY A 215 15.33 12.11 24.22
C GLY A 215 16.74 12.35 23.74
N GLU A 216 16.92 13.34 22.88
CA GLU A 216 18.22 13.68 22.32
C GLU A 216 18.08 14.94 21.49
N ILE A 217 19.22 15.44 21.01
CA ILE A 217 19.22 16.67 20.23
C ILE A 217 18.43 16.45 18.93
N GLY A 218 17.95 17.55 18.38
CA GLY A 218 17.27 17.53 17.10
C GLY A 218 15.77 17.74 17.23
N GLY A 219 15.20 18.43 16.25
CA GLY A 219 13.76 18.62 16.20
C GLY A 219 13.22 19.36 17.43
N ASN A 220 11.91 19.20 17.63
CA ASN A 220 11.21 19.82 18.75
C ASN A 220 10.29 18.84 19.46
N ALA A 221 10.56 17.54 19.34
CA ALA A 221 9.72 16.55 20.01
C ALA A 221 9.73 16.75 21.52
N GLU A 222 10.92 16.92 22.09
CA GLU A 222 11.02 17.14 23.54
C GLU A 222 10.31 18.42 23.95
N GLU A 223 10.41 19.47 23.13
CA GLU A 223 9.72 20.71 23.44
C GLU A 223 8.21 20.49 23.49
N ASN A 224 7.67 19.78 22.49
CA ASN A 224 6.24 19.50 22.48
C ASN A 224 5.84 18.68 23.69
N ALA A 225 6.66 17.69 24.06
CA ALA A 225 6.37 16.91 25.25
C ALA A 225 6.30 17.79 26.49
N ALA A 226 7.18 18.80 26.56
CA ALA A 226 7.17 19.70 27.71
C ALA A 226 5.85 20.47 27.79
N GLU A 227 5.44 21.08 26.68
CA GLU A 227 4.18 21.82 26.67
C GLU A 227 3.02 20.93 27.11
N PHE A 228 3.03 19.68 26.68
CA PHE A 228 1.96 18.75 27.06
C PHE A 228 1.92 18.55 28.57
N LEU A 229 3.09 18.33 29.17
CA LEU A 229 3.15 18.09 30.62
C LEU A 229 2.82 19.35 31.41
N LYS A 230 3.19 20.52 30.91
CA LYS A 230 2.96 21.75 31.64
C LYS A 230 1.49 21.93 32.00
N GLN A 231 0.60 21.67 31.04
CA GLN A 231 -0.83 21.90 31.27
C GLN A 231 -1.52 20.70 31.90
N HIS A 232 -1.19 19.48 31.46
CA HIS A 232 -1.93 18.30 31.91
C HIS A 232 -1.33 17.66 33.16
N ASN A 233 -0.04 17.83 33.42
CA ASN A 233 0.61 17.19 34.56
C ASN A 233 0.70 18.08 35.78
N SER A 234 0.68 19.40 35.62
CA SER A 234 0.72 20.31 36.76
C SER A 234 -0.63 20.24 37.48
N GLY A 235 -0.63 19.66 38.68
CA GLY A 235 -1.84 19.50 39.44
C GLY A 235 -1.65 18.64 40.67
N PRO A 236 -2.75 18.27 41.33
CA PRO A 236 -2.65 17.45 42.54
C PRO A 236 -2.11 16.06 42.24
N LYS A 237 -2.66 15.42 41.21
CA LYS A 237 -2.19 14.10 40.77
C LYS A 237 -1.02 14.20 39.81
N SER A 238 -0.12 15.15 40.03
CA SER A 238 1.06 15.26 39.19
C SER A 238 1.95 14.05 39.42
N LYS A 239 2.36 13.40 38.33
CA LYS A 239 3.28 12.28 38.47
C LYS A 239 4.71 12.73 38.20
N PRO A 240 5.68 12.28 38.99
CA PRO A 240 7.07 12.69 38.74
C PRO A 240 7.53 12.22 37.37
N VAL A 241 8.25 13.10 36.67
CA VAL A 241 8.76 12.83 35.34
C VAL A 241 10.26 13.09 35.33
N VAL A 242 11.02 12.10 34.89
CA VAL A 242 12.48 12.21 34.76
C VAL A 242 12.83 12.09 33.29
N SER A 243 13.96 12.68 32.90
CA SER A 243 14.36 12.66 31.49
C SER A 243 15.87 12.77 31.38
N PHE A 244 16.39 12.23 30.29
CA PHE A 244 17.77 12.42 29.88
C PHE A 244 17.79 12.72 28.40
N ILE A 245 18.55 13.74 28.00
CA ILE A 245 18.67 14.15 26.61
C ILE A 245 20.08 13.84 26.16
N ALA A 246 20.21 12.88 25.24
CA ALA A 246 21.52 12.49 24.75
C ALA A 246 22.08 13.55 23.81
N GLY A 247 23.41 13.60 23.73
CA GLY A 247 24.06 14.56 22.87
C GLY A 247 24.37 15.90 23.51
N LEU A 248 24.41 15.96 24.84
CA LEU A 248 24.75 17.22 25.51
C LEU A 248 26.13 17.72 25.08
N THR A 249 27.06 16.81 24.81
CA THR A 249 28.40 17.17 24.38
C THR A 249 28.60 17.02 22.89
N ALA A 250 27.54 16.76 22.14
CA ALA A 250 27.68 16.63 20.69
C ALA A 250 27.96 18.00 20.08
N PRO A 251 28.78 18.07 19.04
CA PRO A 251 29.04 19.36 18.40
C PRO A 251 27.96 19.68 17.38
N PRO A 252 27.72 20.97 17.09
CA PRO A 252 26.68 21.34 16.11
C PRO A 252 26.99 20.82 14.71
N GLY A 257 21.20 24.52 4.60
CA GLY A 257 19.96 25.15 4.20
C GLY A 257 19.35 26.02 5.28
N HIS A 258 18.21 26.64 4.97
CA HIS A 258 17.53 27.54 5.89
C HIS A 258 16.07 27.19 6.12
N ALA A 259 15.50 26.26 5.35
CA ALA A 259 14.07 25.98 5.48
C ALA A 259 13.72 25.38 6.84
N GLY A 260 14.56 24.46 7.34
CA GLY A 260 14.27 23.84 8.62
C GLY A 260 14.25 24.85 9.75
N ALA A 261 15.19 25.80 9.73
CA ALA A 261 15.23 26.82 10.78
C ALA A 261 14.02 27.74 10.71
N ILE A 262 13.43 27.91 9.53
CA ILE A 262 12.28 28.80 9.40
C ILE A 262 11.06 28.16 10.07
N ILE A 263 10.85 26.87 9.87
CA ILE A 263 9.73 26.17 10.51
C ILE A 263 10.20 24.79 10.98
N GLY A 269 19.49 21.29 19.37
CA GLY A 269 19.56 22.25 20.46
C GLY A 269 19.15 21.65 21.79
N ALA A 270 20.13 21.08 22.50
CA ALA A 270 19.83 20.41 23.76
C ALA A 270 19.40 21.41 24.83
N LYS A 271 20.24 22.42 25.09
CA LYS A 271 19.97 23.38 26.16
C LYS A 271 18.52 23.82 26.17
N GLU A 272 17.96 24.14 25.00
CA GLU A 272 16.56 24.56 24.96
C GLU A 272 15.63 23.44 25.40
N LYS A 273 15.99 22.20 25.07
CA LYS A 273 15.15 21.07 25.47
C LYS A 273 15.17 20.88 26.98
N ILE A 274 16.36 20.86 27.57
CA ILE A 274 16.47 20.67 29.02
C ILE A 274 15.69 21.76 29.75
N THR A 275 15.90 23.02 29.36
CA THR A 275 15.21 24.12 30.01
C THR A 275 13.71 24.04 29.82
N ALA A 276 13.26 23.56 28.65
CA ALA A 276 11.84 23.45 28.40
C ALA A 276 11.21 22.33 29.23
N LEU A 277 11.87 21.17 29.29
CA LEU A 277 11.35 20.07 30.10
C LEU A 277 11.29 20.46 31.57
N GLN A 278 12.31 21.16 32.06
CA GLN A 278 12.32 21.58 33.46
C GLN A 278 11.18 22.53 33.76
N SER A 279 10.90 23.47 32.83
CA SER A 279 9.82 24.41 33.06
C SER A 279 8.49 23.70 33.28
N ALA A 280 8.31 22.53 32.67
CA ALA A 280 7.11 21.73 32.87
C ALA A 280 7.19 20.86 34.12
N GLY A 281 8.28 20.94 34.88
CA GLY A 281 8.43 20.16 36.09
C GLY A 281 9.25 18.89 35.94
N VAL A 282 9.84 18.65 34.79
CA VAL A 282 10.59 17.42 34.56
C VAL A 282 11.97 17.56 35.20
N VAL A 283 12.40 16.54 35.93
CA VAL A 283 13.73 16.49 36.52
C VAL A 283 14.65 15.84 35.50
N VAL A 284 15.60 16.61 34.97
CA VAL A 284 16.47 16.16 33.89
C VAL A 284 17.79 15.69 34.49
N SER A 285 18.08 14.40 34.34
CA SER A 285 19.37 13.85 34.75
C SER A 285 20.42 14.17 33.69
N MET A 286 21.52 14.80 34.12
CA MET A 286 22.58 15.13 33.20
C MET A 286 23.44 13.94 32.82
N SER A 287 23.35 12.84 33.57
CA SER A 287 24.13 11.64 33.30
C SER A 287 23.22 10.53 32.81
N PRO A 288 23.60 9.80 31.75
CA PRO A 288 22.74 8.69 31.29
C PRO A 288 22.66 7.53 32.25
N ALA A 289 23.51 7.49 33.27
CA ALA A 289 23.56 6.39 34.21
C ALA A 289 22.77 6.66 35.49
N GLN A 290 22.12 7.82 35.59
CA GLN A 290 21.43 8.22 36.81
C GLN A 290 19.92 8.36 36.58
N LEU A 291 19.39 7.68 35.57
CA LEU A 291 17.94 7.73 35.35
C LEU A 291 17.19 6.98 36.43
N GLY A 292 17.74 5.86 36.90
CA GLY A 292 17.08 5.10 37.95
C GLY A 292 17.18 5.79 39.30
N THR A 293 18.37 6.28 39.65
CA THR A 293 18.54 6.93 40.94
C THR A 293 17.76 8.23 41.02
N THR A 294 17.67 8.97 39.91
CA THR A 294 16.96 10.24 39.92
C THR A 294 15.47 10.02 40.17
N ILE A 295 14.84 9.11 39.40
CA ILE A 295 13.43 8.83 39.61
C ILE A 295 13.20 8.20 40.97
N TYR A 296 14.15 7.38 41.43
CA TYR A 296 14.00 6.76 42.74
C TYR A 296 13.94 7.82 43.84
N LYS A 297 14.87 8.77 43.83
CA LYS A 297 14.87 9.80 44.85
C LYS A 297 13.67 10.73 44.69
N GLU A 298 13.18 10.91 43.46
CA GLU A 298 11.95 11.69 43.28
C GLU A 298 10.77 10.97 43.91
N PHE A 299 10.75 9.64 43.86
CA PHE A 299 9.74 8.89 44.58
C PHE A 299 9.91 9.08 46.09
N GLU A 300 11.17 9.15 46.54
CA GLU A 300 11.43 9.33 47.97
C GLU A 300 10.99 10.70 48.43
N LYS A 301 11.27 11.74 47.63
CA LYS A 301 10.84 13.09 47.98
C LYS A 301 9.33 13.14 48.20
N ARG A 302 8.57 12.41 47.39
CA ARG A 302 7.12 12.44 47.43
C ARG A 302 6.52 11.31 48.26
N LYS A 303 7.35 10.58 48.99
CA LYS A 303 6.87 9.50 49.87
C LYS A 303 6.08 8.47 49.09
N MET A 304 6.58 8.14 47.89
CA MET A 304 5.90 7.18 47.01
C MET A 304 6.44 5.77 47.14
N LEU A 305 7.62 5.58 47.73
CA LEU A 305 8.17 4.24 47.90
C LEU A 305 7.31 3.42 48.87
N MET B 1 21.80 13.20 2.63
CA MET B 1 22.96 13.44 1.72
C MET B 1 22.78 14.76 0.97
N ASN B 2 23.89 15.46 0.76
CA ASN B 2 23.88 16.76 0.10
C ASN B 2 24.87 16.75 -1.06
N LEU B 3 24.46 17.35 -2.18
CA LEU B 3 25.31 17.50 -3.34
C LEU B 3 25.72 18.96 -3.48
N GLN B 4 26.75 19.19 -4.29
CA GLN B 4 27.20 20.55 -4.55
C GLN B 4 26.16 21.28 -5.39
N GLU B 5 26.41 22.56 -5.64
CA GLU B 5 25.47 23.36 -6.44
C GLU B 5 25.48 22.93 -7.90
N TYR B 6 26.66 22.68 -8.46
CA TYR B 6 26.75 22.29 -9.86
C TYR B 6 26.13 20.92 -10.12
N GLN B 7 25.96 20.10 -9.08
CA GLN B 7 25.32 18.80 -9.24
C GLN B 7 23.80 18.91 -9.13
N SER B 8 23.30 19.69 -8.16
CA SER B 8 21.86 19.92 -8.06
C SER B 8 21.34 20.70 -9.25
N LYS B 9 22.10 21.68 -9.72
CA LYS B 9 21.67 22.48 -10.86
C LYS B 9 21.36 21.61 -12.07
N LYS B 10 22.20 20.59 -12.31
CA LYS B 10 21.95 19.70 -13.45
C LYS B 10 20.63 18.97 -13.29
N LEU B 11 20.39 18.41 -12.10
CA LEU B 11 19.13 17.70 -11.87
C LEU B 11 17.93 18.59 -12.14
N MET B 12 18.03 19.88 -11.83
CA MET B 12 16.90 20.77 -12.00
C MET B 12 16.60 21.02 -13.48
N SER B 13 17.64 21.30 -14.27
CA SER B 13 17.42 21.56 -15.69
C SER B 13 16.83 20.34 -16.40
N ASP B 14 17.31 19.15 -16.06
CA ASP B 14 16.80 17.93 -16.69
C ASP B 14 15.30 17.74 -16.44
N ASN B 15 14.74 18.40 -15.43
CA ASN B 15 13.32 18.28 -15.11
C ASN B 15 12.56 19.57 -15.34
N GLY B 16 13.01 20.39 -16.30
CA GLY B 16 12.26 21.56 -16.73
C GLY B 16 12.41 22.78 -15.86
N VAL B 17 13.29 22.76 -14.86
CA VAL B 17 13.52 23.92 -14.00
C VAL B 17 14.58 24.80 -14.64
N LYS B 18 14.30 26.11 -14.70
CA LYS B 18 15.20 27.05 -15.35
C LYS B 18 16.36 27.38 -14.41
N VAL B 19 17.58 27.08 -14.85
CA VAL B 19 18.78 27.38 -14.08
C VAL B 19 19.82 27.98 -15.02
N GLN B 20 20.91 28.46 -14.42
CA GLN B 20 21.98 29.11 -15.17
C GLN B 20 22.92 28.09 -15.79
N ARG B 21 23.37 28.40 -17.00
CA ARG B 21 24.43 27.61 -17.64
C ARG B 21 25.72 27.76 -16.83
N PHE B 22 26.40 26.65 -16.59
CA PHE B 22 27.52 26.67 -15.65
C PHE B 22 28.62 25.72 -16.07
N PHE B 23 29.80 25.94 -15.48
CA PHE B 23 30.95 25.05 -15.62
C PHE B 23 31.70 25.06 -14.29
N VAL B 24 32.37 23.95 -14.00
CA VAL B 24 33.13 23.80 -12.76
C VAL B 24 34.61 23.60 -13.09
N ALA B 25 35.46 24.24 -12.30
CA ALA B 25 36.91 24.20 -12.51
C ALA B 25 37.61 23.91 -11.18
N ASP B 26 38.66 23.09 -11.25
CA ASP B 26 39.44 22.74 -10.07
C ASP B 26 40.63 23.66 -9.82
N THR B 27 40.99 24.52 -10.76
CA THR B 27 42.12 25.43 -10.61
C THR B 27 41.70 26.84 -10.98
N ALA B 28 42.56 27.80 -10.65
CA ALA B 28 42.25 29.20 -10.93
C ALA B 28 42.43 29.54 -12.40
N ASN B 29 43.48 29.01 -13.04
CA ASN B 29 43.68 29.29 -14.46
C ASN B 29 42.66 28.54 -15.32
N GLU B 30 42.20 27.38 -14.86
CA GLU B 30 41.14 26.67 -15.59
C GLU B 30 39.80 27.38 -15.45
N ALA B 31 39.60 28.10 -14.34
CA ALA B 31 38.40 28.92 -14.21
C ALA B 31 38.40 30.05 -15.23
N LEU B 32 39.58 30.52 -15.64
CA LEU B 32 39.64 31.50 -16.72
C LEU B 32 39.38 30.84 -18.06
N GLU B 33 39.87 29.62 -18.26
CA GLU B 33 39.59 28.88 -19.49
C GLU B 33 38.10 28.60 -19.63
N ALA B 34 37.38 28.42 -18.51
CA ALA B 34 35.96 28.13 -18.58
C ALA B 34 35.14 29.42 -18.68
N ALA B 35 35.56 30.47 -17.98
CA ALA B 35 34.87 31.75 -18.10
C ALA B 35 34.79 32.19 -19.55
N LYS B 36 35.86 31.99 -20.30
CA LYS B 36 35.86 32.30 -21.73
C LYS B 36 35.02 31.29 -22.51
N ARG B 37 34.90 30.07 -22.01
CA ARG B 37 34.11 29.03 -22.67
C ARG B 37 32.61 29.31 -22.61
N LEU B 38 32.18 30.23 -21.75
CA LEU B 38 30.75 30.50 -21.60
C LEU B 38 30.20 31.36 -22.73
N ASN B 39 30.99 32.31 -23.23
CA ASN B 39 30.53 33.24 -24.26
C ASN B 39 29.46 34.16 -23.68
N ALA B 40 29.66 34.53 -22.41
CA ALA B 40 28.65 35.19 -21.60
C ALA B 40 28.81 36.70 -21.58
N LYS B 41 27.68 37.39 -21.44
CA LYS B 41 27.71 38.82 -21.23
C LYS B 41 28.31 39.17 -19.87
N GLU B 42 28.23 38.25 -18.92
CA GLU B 42 28.81 38.43 -17.60
C GLU B 42 29.02 37.05 -17.00
N ILE B 43 29.92 36.97 -16.02
CA ILE B 43 30.32 35.70 -15.43
C ILE B 43 30.24 35.82 -13.91
N VAL B 44 29.69 34.79 -13.28
CA VAL B 44 29.50 34.74 -11.83
C VAL B 44 30.46 33.70 -11.25
N LEU B 45 31.15 34.07 -10.18
CA LEU B 45 32.09 33.19 -9.49
C LEU B 45 31.48 32.80 -8.16
N LYS B 46 31.29 31.50 -7.94
CA LYS B 46 30.59 30.99 -6.76
C LYS B 46 31.40 29.84 -6.19
N ALA B 47 31.95 30.03 -4.99
CA ALA B 47 32.67 28.95 -4.32
C ALA B 47 31.73 27.79 -4.04
N GLN B 48 32.24 26.58 -4.20
CA GLN B 48 31.44 25.36 -4.08
C GLN B 48 31.67 24.76 -2.70
N ILE B 49 30.75 25.05 -1.78
CA ILE B 49 30.72 24.42 -0.46
C ILE B 49 29.30 23.98 -0.17
N LEU B 50 29.16 22.84 0.52
CA LEU B 50 27.84 22.32 0.83
C LEU B 50 27.11 23.15 1.87
N ALA B 51 27.79 24.13 2.47
CA ALA B 51 27.19 25.02 3.46
C ALA B 51 26.67 26.28 2.79
N GLY B 52 25.78 26.98 3.50
CA GLY B 52 25.18 28.19 2.99
C GLY B 52 25.79 29.43 3.62
N GLY B 53 25.50 30.58 3.00
CA GLY B 53 26.02 31.84 3.48
C GLY B 53 27.31 32.27 2.81
N ARG B 54 27.52 31.90 1.55
CA ARG B 54 28.77 32.21 0.88
C ARG B 54 28.93 33.70 0.64
N GLY B 55 27.82 34.43 0.48
CA GLY B 55 27.90 35.84 0.13
C GLY B 55 28.77 36.64 1.08
N LYS B 56 28.46 36.59 2.38
CA LYS B 56 29.20 37.34 3.39
C LYS B 56 30.16 36.46 4.19
N GLY B 57 30.81 35.51 3.52
CA GLY B 57 31.82 34.68 4.15
C GLY B 57 33.19 35.10 3.67
N VAL B 58 34.19 34.94 4.53
CA VAL B 58 35.55 35.38 4.24
C VAL B 58 36.47 34.18 4.19
N PHE B 59 37.41 34.21 3.25
CA PHE B 59 38.40 33.15 3.10
C PHE B 59 39.59 33.40 4.03
N SER B 60 40.49 32.42 4.08
CA SER B 60 41.71 32.55 4.87
C SER B 60 42.80 33.33 4.14
N SER B 61 42.48 33.97 3.01
CA SER B 61 43.43 34.77 2.26
C SER B 61 43.15 36.27 2.28
N GLY B 62 41.95 36.68 2.69
CA GLY B 62 41.55 38.07 2.68
C GLY B 62 40.37 38.37 1.78
N LEU B 63 40.04 37.46 0.87
CA LEU B 63 38.91 37.67 -0.04
C LEU B 63 37.61 37.67 0.77
N LYS B 64 36.85 38.76 0.66
CA LYS B 64 35.64 38.95 1.44
C LYS B 64 34.42 38.58 0.60
N GLY B 65 34.30 37.30 0.32
CA GLY B 65 33.12 36.82 -0.40
C GLY B 65 33.31 35.50 -1.14
N GLY B 66 32.49 34.51 -0.80
CA GLY B 66 32.45 33.28 -1.54
C GLY B 66 31.75 33.38 -2.87
N VAL B 67 31.21 34.56 -3.19
CA VAL B 67 30.52 34.82 -4.44
C VAL B 67 31.00 36.15 -4.98
N HIS B 68 31.40 36.17 -6.26
CA HIS B 68 31.87 37.38 -6.91
C HIS B 68 31.28 37.47 -8.30
N LEU B 69 31.21 38.69 -8.83
CA LEU B 69 30.63 38.97 -10.13
C LEU B 69 31.57 39.88 -10.91
N THR B 70 31.91 39.46 -12.13
CA THR B 70 32.79 40.23 -12.99
C THR B 70 32.35 40.07 -14.43
N LYS B 71 32.85 40.96 -15.29
CA LYS B 71 32.49 40.99 -16.70
C LYS B 71 33.63 40.55 -17.62
N ASP B 72 34.81 40.26 -17.07
CA ASP B 72 35.98 39.92 -17.86
C ASP B 72 36.53 38.57 -17.37
N PRO B 73 36.72 37.58 -18.25
CA PRO B 73 37.26 36.30 -17.79
C PRO B 73 38.60 36.42 -17.08
N GLU B 74 39.36 37.49 -17.30
CA GLU B 74 40.65 37.63 -16.64
C GLU B 74 40.50 37.83 -15.14
N VAL B 75 39.39 38.42 -14.70
CA VAL B 75 39.19 38.65 -13.28
C VAL B 75 38.79 37.38 -12.54
N VAL B 76 38.25 36.39 -13.24
CA VAL B 76 37.86 35.14 -12.59
C VAL B 76 39.09 34.36 -12.14
N GLY B 77 40.10 34.26 -13.01
CA GLY B 77 41.32 33.59 -12.61
C GLY B 77 42.00 34.24 -11.43
N GLN B 78 41.88 35.56 -11.30
CA GLN B 78 42.44 36.25 -10.14
C GLN B 78 41.62 35.95 -8.89
N LEU B 79 40.28 36.05 -9.00
CA LEU B 79 39.43 35.73 -7.86
C LEU B 79 39.41 34.23 -7.59
N ALA B 80 39.49 33.40 -8.63
CA ALA B 80 39.49 31.96 -8.42
C ALA B 80 40.73 31.54 -7.64
N LYS B 81 41.87 32.20 -7.87
CA LYS B 81 43.07 31.93 -7.10
C LYS B 81 42.89 32.32 -5.64
N GLN B 82 41.95 33.20 -5.33
CA GLN B 82 41.63 33.58 -3.96
C GLN B 82 40.48 32.75 -3.37
N MET B 83 40.14 31.63 -4.00
CA MET B 83 39.05 30.78 -3.52
C MET B 83 39.50 29.33 -3.39
N ILE B 84 40.03 28.77 -4.48
CA ILE B 84 40.39 27.36 -4.51
C ILE B 84 41.48 27.10 -3.49
N GLY B 85 41.28 26.08 -2.66
CA GLY B 85 42.25 25.69 -1.67
C GLY B 85 42.07 26.31 -0.31
N TYR B 86 41.30 27.40 -0.22
CA TYR B 86 41.12 28.10 1.04
C TYR B 86 39.87 27.60 1.77
N ASN B 87 39.89 27.77 3.08
CA ASN B 87 38.70 27.49 3.88
C ASN B 87 37.75 28.67 3.77
N LEU B 88 36.47 28.39 3.53
CA LEU B 88 35.43 29.42 3.44
C LEU B 88 34.63 29.36 4.72
N ALA B 89 34.87 30.32 5.62
CA ALA B 89 34.17 30.39 6.90
C ALA B 89 32.99 31.34 6.74
N THR B 90 31.78 30.79 6.80
CA THR B 90 30.56 31.56 6.69
C THR B 90 29.73 31.37 7.96
N LYS B 91 28.47 31.81 7.91
CA LYS B 91 27.61 31.75 9.08
C LYS B 91 27.29 30.31 9.46
N GLN B 92 27.31 29.38 8.51
CA GLN B 92 26.89 28.01 8.75
C GLN B 92 28.02 26.99 8.54
N THR B 93 29.26 27.43 8.65
CA THR B 93 30.42 26.55 8.61
C THR B 93 31.15 26.59 9.95
N PRO B 94 31.95 25.57 10.26
CA PRO B 94 32.77 25.64 11.48
C PRO B 94 33.67 26.86 11.46
N LYS B 95 33.98 27.36 12.65
CA LYS B 95 34.80 28.57 12.73
C LYS B 95 36.14 28.41 12.03
N GLU B 96 36.63 27.18 11.86
CA GLU B 96 37.83 26.95 11.07
C GLU B 96 37.57 27.03 9.57
N GLY B 97 36.32 26.79 9.14
CA GLY B 97 35.95 26.87 7.74
C GLY B 97 35.98 25.51 7.07
N VAL B 98 35.62 25.52 5.78
CA VAL B 98 35.59 24.33 4.95
C VAL B 98 36.42 24.59 3.69
N LYS B 99 37.37 23.70 3.41
CA LYS B 99 38.24 23.87 2.25
C LYS B 99 37.42 23.87 0.97
N VAL B 100 37.67 24.86 0.12
CA VAL B 100 36.98 25.03 -1.16
C VAL B 100 37.85 24.41 -2.23
N ASN B 101 37.43 23.26 -2.75
CA ASN B 101 38.17 22.57 -3.81
C ASN B 101 37.64 22.86 -5.21
N LYS B 102 36.42 23.36 -5.33
CA LYS B 102 35.83 23.68 -6.63
C LYS B 102 35.15 25.03 -6.57
N VAL B 103 35.00 25.64 -7.76
CA VAL B 103 34.35 26.93 -7.91
C VAL B 103 33.50 26.85 -9.17
N MET B 104 32.44 27.67 -9.21
CA MET B 104 31.46 27.63 -10.28
C MET B 104 31.53 28.91 -11.10
N VAL B 105 31.77 28.77 -12.39
CA VAL B 105 31.70 29.88 -13.35
C VAL B 105 30.49 29.62 -14.23
N ALA B 106 29.49 30.50 -14.13
CA ALA B 106 28.21 30.31 -14.79
C ALA B 106 27.81 31.57 -15.55
N GLU B 107 27.01 31.38 -16.59
CA GLU B 107 26.49 32.52 -17.34
C GLU B 107 25.64 33.36 -16.39
N ALA B 108 26.22 34.45 -15.90
CA ALA B 108 25.52 35.32 -14.96
C ALA B 108 24.32 35.98 -15.62
N LEU B 109 23.24 36.08 -14.86
CA LEU B 109 22.03 36.75 -15.31
C LEU B 109 21.72 37.91 -14.37
N ASP B 110 21.03 38.91 -14.91
CA ASP B 110 20.59 40.03 -14.10
C ASP B 110 19.40 39.64 -13.25
N ILE B 111 19.34 40.17 -12.04
CA ILE B 111 18.31 39.82 -11.05
C ILE B 111 17.50 41.08 -10.76
N SER B 112 16.29 41.14 -11.29
CA SER B 112 15.40 42.26 -11.00
C SER B 112 14.78 42.15 -9.62
N ARG B 113 14.60 40.92 -9.11
CA ARG B 113 13.91 40.72 -7.85
C ARG B 113 14.33 39.39 -7.28
N GLU B 114 14.55 39.35 -5.96
CA GLU B 114 14.96 38.14 -5.26
C GLU B 114 13.84 37.69 -4.33
N THR B 115 13.47 36.42 -4.44
CA THR B 115 12.49 35.81 -3.56
C THR B 115 13.05 34.50 -3.02
N TYR B 116 12.43 34.02 -1.95
CA TYR B 116 12.83 32.76 -1.31
C TYR B 116 11.72 31.73 -1.49
N LEU B 117 12.11 30.51 -1.83
CA LEU B 117 11.18 29.41 -2.00
C LEU B 117 11.85 28.12 -1.57
N ALA B 118 11.11 27.28 -0.86
CA ALA B 118 11.62 26.02 -0.38
C ALA B 118 10.51 24.99 -0.33
N ILE B 119 10.86 23.74 -0.64
CA ILE B 119 9.95 22.61 -0.54
C ILE B 119 10.63 21.57 0.33
N LEU B 120 9.92 21.09 1.34
CA LEU B 120 10.52 20.12 2.25
C LEU B 120 9.42 19.32 2.94
N MET B 121 9.82 18.15 3.44
CA MET B 121 8.96 17.39 4.33
C MET B 121 9.12 17.94 5.75
N ASP B 122 8.00 18.32 6.35
CA ASP B 122 8.01 18.90 7.69
C ASP B 122 7.06 18.13 8.58
N ARG B 123 7.56 17.70 9.74
CA ARG B 123 6.75 16.91 10.66
C ARG B 123 5.50 17.68 11.09
N SER B 124 5.67 18.92 11.52
CA SER B 124 4.54 19.72 11.99
C SER B 124 3.50 19.89 10.90
N CYS B 125 3.94 20.17 9.68
CA CYS B 125 3.02 20.33 8.55
C CYS B 125 2.49 19.01 8.02
N ASN B 126 2.93 17.88 8.57
CA ASN B 126 2.45 16.56 8.17
C ASN B 126 2.57 16.37 6.67
N GLY B 127 3.82 16.36 6.21
CA GLY B 127 4.12 16.11 4.82
C GLY B 127 4.79 17.28 4.14
N PRO B 128 4.76 17.30 2.81
CA PRO B 128 5.42 18.38 2.07
C PRO B 128 4.73 19.71 2.30
N VAL B 129 5.53 20.78 2.25
CA VAL B 129 5.02 22.13 2.44
C VAL B 129 5.87 23.10 1.62
N LEU B 130 5.21 24.01 0.92
CA LEU B 130 5.89 25.08 0.21
C LEU B 130 6.14 26.22 1.19
N VAL B 131 7.41 26.63 1.31
CA VAL B 131 7.80 27.75 2.17
C VAL B 131 8.46 28.80 1.28
N GLY B 132 7.87 29.99 1.27
CA GLY B 132 8.41 31.07 0.45
C GLY B 132 8.22 32.41 1.10
N SER B 133 9.03 33.37 0.65
CA SER B 133 8.97 34.73 1.15
C SER B 133 9.34 35.69 0.04
N PRO B 134 8.66 36.83 -0.09
CA PRO B 134 9.11 37.83 -1.07
C PRO B 134 10.43 38.47 -0.70
N GLN B 135 10.78 38.50 0.59
CA GLN B 135 12.04 39.06 1.06
C GLN B 135 13.13 37.99 0.95
N GLY B 136 13.50 37.70 -0.30
CA GLY B 136 14.50 36.68 -0.56
C GLY B 136 15.89 37.27 -0.72
N GLY B 137 16.84 36.39 -0.98
CA GLY B 137 18.21 36.81 -1.19
C GLY B 137 18.94 37.04 0.12
N VAL B 138 20.19 36.55 0.21
CA VAL B 138 21.00 36.70 1.41
C VAL B 138 20.21 36.18 2.61
N ASP B 139 20.35 36.83 3.76
CA ASP B 139 19.72 36.36 4.99
C ASP B 139 18.21 36.22 4.87
N ILE B 140 17.73 34.98 4.90
CA ILE B 140 16.29 34.70 4.92
C ILE B 140 15.85 34.49 6.36
N GLU B 141 16.73 33.92 7.17
CA GLU B 141 16.40 33.67 8.58
C GLU B 141 16.27 34.96 9.36
N GLU B 142 16.93 36.03 8.93
CA GLU B 142 16.80 37.31 9.62
C GLU B 142 15.39 37.87 9.44
N VAL B 143 14.90 37.90 8.20
CA VAL B 143 13.56 38.41 7.95
C VAL B 143 12.50 37.45 8.48
N ALA B 144 12.81 36.14 8.50
CA ALA B 144 11.87 35.18 9.05
C ALA B 144 11.62 35.43 10.52
N ALA B 145 12.65 35.87 11.26
CA ALA B 145 12.49 36.15 12.69
C ALA B 145 11.91 37.53 12.93
N SER B 146 12.38 38.54 12.20
CA SER B 146 11.90 39.90 12.42
C SER B 146 10.42 40.03 12.06
N ASN B 147 10.08 39.69 10.82
CA ASN B 147 8.71 39.81 10.31
C ASN B 147 8.20 38.42 9.91
N PRO B 148 7.59 37.69 10.85
CA PRO B 148 7.03 36.38 10.47
C PRO B 148 5.96 36.48 9.41
N GLU B 149 5.27 37.63 9.32
CA GLU B 149 4.20 37.77 8.34
C GLU B 149 4.70 37.69 6.91
N LEU B 150 6.01 37.87 6.69
CA LEU B 150 6.59 37.80 5.37
C LEU B 150 6.99 36.37 4.99
N ILE B 151 6.61 35.38 5.80
CA ILE B 151 6.82 33.97 5.48
C ILE B 151 5.48 33.36 5.13
N PHE B 152 5.38 32.77 3.94
CA PHE B 152 4.15 32.15 3.47
C PHE B 152 4.35 30.65 3.34
N LYS B 153 3.35 29.88 3.77
CA LYS B 153 3.42 28.43 3.76
C LYS B 153 2.21 27.86 3.04
N GLU B 154 2.43 26.79 2.27
CA GLU B 154 1.36 26.11 1.53
C GLU B 154 1.57 24.61 1.69
N GLN B 155 0.79 24.00 2.60
CA GLN B 155 0.91 22.56 2.80
C GLN B 155 0.34 21.83 1.60
N ILE B 156 1.13 20.91 1.05
CA ILE B 156 0.77 20.16 -0.15
C ILE B 156 0.31 18.77 0.27
N ASP B 157 -0.82 18.34 -0.28
CA ASP B 157 -1.35 17.00 -0.01
C ASP B 157 -0.58 15.97 -0.81
N ILE B 158 0.12 15.08 -0.12
CA ILE B 158 1.00 14.11 -0.79
C ILE B 158 0.23 13.29 -1.80
N ILE B 159 -1.05 13.01 -1.54
CA ILE B 159 -1.84 12.17 -2.43
C ILE B 159 -2.30 12.97 -3.64
N GLU B 160 -2.96 14.11 -3.39
CA GLU B 160 -3.45 14.93 -4.49
C GLU B 160 -2.32 15.55 -5.30
N GLY B 161 -1.19 15.83 -4.65
CA GLY B 161 -0.12 16.56 -5.29
C GLY B 161 -0.35 18.06 -5.22
N ILE B 162 0.55 18.80 -5.85
CA ILE B 162 0.47 20.25 -5.86
C ILE B 162 -0.60 20.67 -6.86
N LYS B 163 -1.55 21.48 -6.40
CA LYS B 163 -2.63 21.95 -7.24
C LYS B 163 -2.30 23.31 -7.83
N ASP B 164 -3.01 23.67 -8.91
CA ASP B 164 -2.79 24.96 -9.55
C ASP B 164 -3.10 26.10 -8.60
N SER B 165 -4.20 25.99 -7.84
CA SER B 165 -4.56 27.05 -6.92
C SER B 165 -3.47 27.32 -5.89
N GLN B 166 -2.71 26.29 -5.53
CA GLN B 166 -1.63 26.47 -4.54
C GLN B 166 -0.42 27.12 -5.16
N ALA B 167 0.00 26.67 -6.35
CA ALA B 167 1.15 27.27 -7.01
C ALA B 167 0.89 28.73 -7.35
N GLN B 168 -0.32 29.03 -7.83
CA GLN B 168 -0.66 30.41 -8.16
C GLN B 168 -0.65 31.30 -6.92
N ARG B 169 -1.21 30.80 -5.82
CA ARG B 169 -1.25 31.60 -4.60
C ARG B 169 0.14 31.89 -4.07
N MET B 170 1.00 30.87 -4.02
CA MET B 170 2.37 31.07 -3.56
C MET B 170 3.11 32.04 -4.48
N ALA B 171 2.99 31.83 -5.79
CA ALA B 171 3.64 32.72 -6.74
C ALA B 171 3.18 34.17 -6.55
N GLU B 172 1.91 34.36 -6.20
CA GLU B 172 1.40 35.72 -5.99
C GLU B 172 1.91 36.30 -4.69
N ASN B 173 1.98 35.48 -3.63
CA ASN B 173 2.53 35.97 -2.36
C ASN B 173 4.01 36.30 -2.47
N LEU B 174 4.73 35.62 -3.35
CA LEU B 174 6.14 35.93 -3.57
C LEU B 174 6.34 37.21 -4.36
N GLY B 175 5.27 37.80 -4.90
CA GLY B 175 5.37 39.04 -5.64
C GLY B 175 5.48 38.90 -7.14
N PHE B 176 5.22 37.71 -7.69
CA PHE B 176 5.26 37.50 -9.13
C PHE B 176 3.96 37.99 -9.74
N LEU B 177 4.02 39.12 -10.45
CA LEU B 177 2.87 39.77 -11.05
C LEU B 177 2.87 39.57 -12.55
N GLY B 178 1.75 39.91 -13.18
CA GLY B 178 1.62 39.86 -14.61
C GLY B 178 1.88 38.47 -15.16
N PRO B 179 2.41 38.38 -16.38
CA PRO B 179 2.67 37.06 -16.98
C PRO B 179 3.66 36.23 -16.20
N LEU B 180 4.41 36.81 -15.27
CA LEU B 180 5.38 36.05 -14.50
C LEU B 180 4.73 35.20 -13.41
N GLN B 181 3.48 35.46 -13.07
CA GLN B 181 2.79 34.66 -12.06
C GLN B 181 2.62 33.22 -12.53
N ASN B 182 2.03 33.03 -13.71
CA ASN B 182 1.86 31.68 -14.24
C ASN B 182 3.19 31.02 -14.55
N GLN B 183 4.20 31.80 -14.94
CA GLN B 183 5.51 31.22 -15.19
C GLN B 183 6.16 30.73 -13.90
N ALA B 184 6.07 31.53 -12.84
CA ALA B 184 6.60 31.10 -11.54
C ALA B 184 5.82 29.91 -11.00
N ALA B 185 4.48 30.00 -11.05
CA ALA B 185 3.66 28.88 -10.59
C ALA B 185 4.01 27.60 -11.33
N ASP B 186 4.38 27.70 -12.60
CA ASP B 186 4.77 26.51 -13.35
C ASP B 186 6.13 26.00 -12.90
N GLN B 187 7.03 26.90 -12.48
CA GLN B 187 8.31 26.46 -11.95
C GLN B 187 8.14 25.86 -10.56
N ILE B 188 7.23 26.42 -9.76
CA ILE B 188 6.96 25.85 -8.45
C ILE B 188 6.44 24.43 -8.58
N LYS B 189 5.56 24.18 -9.55
CA LYS B 189 5.06 22.84 -9.77
C LYS B 189 6.19 21.89 -10.16
N LYS B 190 7.00 22.30 -11.14
CA LYS B 190 8.11 21.46 -11.58
C LYS B 190 9.13 21.24 -10.48
N LEU B 191 9.25 22.20 -9.55
CA LEU B 191 10.13 22.01 -8.41
C LEU B 191 9.57 20.97 -7.45
N TYR B 192 8.27 21.07 -7.14
CA TYR B 192 7.65 20.09 -6.26
C TYR B 192 7.71 18.70 -6.87
N ASN B 193 7.40 18.57 -8.16
CA ASN B 193 7.49 17.27 -8.81
C ASN B 193 8.91 16.73 -8.74
N LEU B 194 9.90 17.58 -8.96
CA LEU B 194 11.29 17.17 -8.79
C LEU B 194 11.55 16.79 -7.34
N PHE B 195 11.04 17.58 -6.40
CA PHE B 195 11.20 17.29 -4.98
C PHE B 195 10.77 15.86 -4.65
N LEU B 196 9.65 15.42 -5.22
CA LEU B 196 9.18 14.06 -4.97
C LEU B 196 9.95 13.03 -5.76
N LYS B 197 10.36 13.38 -6.99
CA LYS B 197 11.03 12.40 -7.85
C LYS B 197 12.35 11.95 -7.26
N ILE B 198 13.15 12.89 -6.73
CA ILE B 198 14.50 12.59 -6.30
C ILE B 198 14.53 12.20 -4.83
N ASP B 199 13.36 12.01 -4.23
CA ASP B 199 13.26 11.64 -2.82
C ASP B 199 14.01 12.64 -1.94
N ALA B 200 13.77 13.92 -2.22
CA ALA B 200 14.43 14.98 -1.47
C ALA B 200 13.71 15.24 -0.16
N THR B 201 14.49 15.56 0.88
CA THR B 201 13.92 16.07 2.13
C THR B 201 13.80 17.59 2.12
N GLN B 202 14.56 18.27 1.27
CA GLN B 202 14.48 19.72 1.18
C GLN B 202 15.05 20.17 -0.16
N VAL B 203 14.29 21.00 -0.87
CA VAL B 203 14.76 21.68 -2.07
C VAL B 203 14.62 23.17 -1.80
N GLU B 204 15.75 23.86 -1.66
CA GLU B 204 15.77 25.27 -1.29
C GLU B 204 16.40 26.07 -2.42
N VAL B 205 15.66 27.05 -2.94
CA VAL B 205 16.16 27.96 -3.97
C VAL B 205 16.17 29.36 -3.36
N ASN B 206 17.34 29.96 -3.33
CA ASN B 206 17.49 31.31 -2.78
C ASN B 206 18.67 31.99 -3.47
N PRO B 207 18.45 33.03 -4.29
CA PRO B 207 17.16 33.66 -4.60
C PRO B 207 16.39 32.95 -5.71
N PHE B 208 15.09 32.78 -5.50
CA PHE B 208 14.18 32.37 -6.57
C PHE B 208 13.94 33.63 -7.41
N GLY B 209 14.85 33.86 -8.37
CA GLY B 209 15.02 35.16 -8.97
C GLY B 209 14.09 35.44 -10.14
N GLU B 210 14.19 36.67 -10.63
CA GLU B 210 13.35 37.16 -11.71
C GLU B 210 14.19 38.10 -12.57
N THR B 211 14.57 37.65 -13.76
CA THR B 211 15.45 38.44 -14.62
C THR B 211 14.67 39.58 -15.28
N PRO B 212 15.38 40.58 -15.80
CA PRO B 212 14.68 41.69 -16.47
C PRO B 212 13.97 41.28 -17.74
N GLU B 213 14.40 40.20 -18.40
CA GLU B 213 13.72 39.72 -19.60
C GLU B 213 12.44 38.97 -19.28
N GLY B 214 12.08 38.81 -18.01
CA GLY B 214 10.87 38.11 -17.65
C GLY B 214 11.02 36.60 -17.62
N GLN B 215 12.11 36.11 -17.03
CA GLN B 215 12.37 34.68 -16.91
C GLN B 215 12.57 34.34 -15.44
N VAL B 216 11.71 33.46 -14.92
CA VAL B 216 11.85 32.97 -13.54
C VAL B 216 12.95 31.93 -13.52
N VAL B 217 13.99 32.17 -12.73
CA VAL B 217 15.19 31.34 -12.71
C VAL B 217 15.54 31.00 -11.27
N CYS B 218 16.01 29.77 -11.06
CA CYS B 218 16.57 29.35 -9.78
C CYS B 218 18.08 29.59 -9.83
N PHE B 219 18.54 30.62 -9.13
CA PHE B 219 19.94 31.02 -9.24
C PHE B 219 20.84 30.15 -8.38
N ASP B 220 20.44 29.85 -7.14
CA ASP B 220 21.17 28.95 -6.28
C ASP B 220 20.23 27.86 -5.78
N ALA B 221 20.78 26.67 -5.60
CA ALA B 221 19.98 25.51 -5.20
C ALA B 221 20.72 24.71 -4.13
N LYS B 222 19.98 24.29 -3.11
CA LYS B 222 20.49 23.44 -2.04
C LYS B 222 19.50 22.31 -1.85
N ILE B 223 19.81 21.14 -2.41
CA ILE B 223 18.94 19.97 -2.35
C ILE B 223 19.50 19.00 -1.32
N ASN B 224 18.66 18.64 -0.35
CA ASN B 224 19.00 17.63 0.65
C ASN B 224 18.23 16.36 0.32
N PHE B 225 18.95 15.24 0.22
CA PHE B 225 18.38 13.98 -0.23
C PHE B 225 18.18 13.03 0.95
N ASP B 226 17.10 12.25 0.90
CA ASP B 226 16.82 11.28 1.94
C ASP B 226 17.78 10.10 1.82
N ASP B 227 18.59 9.88 2.85
CA ASP B 227 19.53 8.77 2.83
C ASP B 227 18.81 7.43 2.73
N ASN B 228 17.62 7.33 3.30
CA ASN B 228 16.88 6.07 3.27
C ASN B 228 16.43 5.68 1.86
N ALA B 229 16.42 6.62 0.93
CA ALA B 229 15.94 6.36 -0.42
C ALA B 229 17.07 6.06 -1.41
N GLU B 230 18.29 5.83 -0.91
CA GLU B 230 19.40 5.58 -1.82
C GLU B 230 19.16 4.36 -2.69
N PHE B 231 18.44 3.37 -2.18
CA PHE B 231 18.22 2.15 -2.96
C PHE B 231 17.40 2.41 -4.21
N ARG B 232 16.71 3.56 -4.29
CA ARG B 232 15.93 3.93 -5.47
C ARG B 232 16.36 5.28 -6.02
N GLN B 233 17.55 5.74 -5.64
CA GLN B 233 18.15 6.96 -6.19
C GLN B 233 19.62 6.69 -6.50
N LYS B 234 19.87 5.58 -7.19
CA LYS B 234 21.25 5.13 -7.43
C LYS B 234 22.04 6.17 -8.21
N ASP B 235 21.47 6.67 -9.31
CA ASP B 235 22.19 7.64 -10.13
C ASP B 235 22.54 8.89 -9.32
N ILE B 236 21.65 9.32 -8.45
CA ILE B 236 21.88 10.55 -7.69
C ILE B 236 22.96 10.34 -6.65
N PHE B 237 22.86 9.26 -5.87
CA PHE B 237 23.85 9.00 -4.83
C PHE B 237 25.22 8.69 -5.40
N ALA B 238 25.31 8.28 -6.67
CA ALA B 238 26.61 8.11 -7.30
C ALA B 238 27.31 9.46 -7.46
N MET B 239 26.55 10.54 -7.53
CA MET B 239 27.12 11.88 -7.70
C MET B 239 27.76 12.41 -6.42
N ASP B 240 27.53 11.78 -5.28
CA ASP B 240 28.09 12.26 -4.03
C ASP B 240 29.61 12.19 -4.09
N ASP B 241 30.26 13.36 -3.99
CA ASP B 241 31.71 13.41 -4.11
C ASP B 241 32.37 12.60 -3.01
N LYS B 242 31.87 12.71 -1.77
CA LYS B 242 32.44 12.10 -0.58
C LYS B 242 33.75 12.74 -0.18
N SER B 243 34.25 13.71 -0.94
CA SER B 243 35.54 14.33 -0.65
C SER B 243 35.47 15.24 0.57
N GLU B 244 34.31 15.84 0.84
CA GLU B 244 34.17 16.72 1.98
C GLU B 244 34.02 15.98 3.29
N ASN B 245 34.05 14.65 3.28
CA ASN B 245 34.05 13.84 4.48
C ASN B 245 35.45 13.31 4.75
N GLU B 246 35.74 13.06 6.03
CA GLU B 246 37.04 12.51 6.39
C GLU B 246 37.23 11.14 5.75
N PRO B 247 38.43 10.78 5.32
CA PRO B 247 38.61 9.48 4.66
C PRO B 247 38.17 8.30 5.50
N ILE B 248 38.37 8.35 6.81
CA ILE B 248 37.96 7.25 7.67
C ILE B 248 36.44 7.12 7.67
N GLU B 249 35.73 8.25 7.59
CA GLU B 249 34.28 8.20 7.52
C GLU B 249 33.82 7.39 6.31
N ASN B 250 34.42 7.67 5.15
CA ASN B 250 34.07 6.91 3.95
C ASN B 250 34.52 5.46 4.05
N GLU B 251 35.61 5.20 4.79
CA GLU B 251 36.09 3.83 4.94
C GLU B 251 35.16 3.02 5.83
N ALA B 252 34.71 3.61 6.95
CA ALA B 252 33.77 2.92 7.81
C ALA B 252 32.46 2.61 7.09
N ALA B 253 32.01 3.53 6.24
CA ALA B 253 30.77 3.31 5.50
C ALA B 253 30.87 2.07 4.61
N LYS B 254 32.08 1.73 4.16
CA LYS B 254 32.24 0.55 3.32
C LYS B 254 31.72 -0.70 4.01
N TYR B 255 31.85 -0.78 5.34
CA TYR B 255 31.43 -1.94 6.11
C TYR B 255 30.15 -1.65 6.89
N ASP B 256 29.35 -0.71 6.42
CA ASP B 256 28.08 -0.35 7.08
C ASP B 256 28.35 0.13 8.50
N LEU B 257 29.36 0.97 8.67
CA LEU B 257 29.71 1.56 9.95
C LEU B 257 29.74 3.07 9.80
N LYS B 258 28.89 3.77 10.55
CA LYS B 258 28.86 5.23 10.51
C LYS B 258 29.83 5.78 11.56
N TYR B 259 30.72 6.66 11.11
CA TYR B 259 31.78 7.22 11.94
C TYR B 259 31.55 8.71 12.13
N ILE B 260 31.82 9.19 13.34
CA ILE B 260 31.72 10.61 13.68
C ILE B 260 32.98 10.96 14.47
N GLY B 261 33.91 11.66 13.82
CA GLY B 261 35.15 11.99 14.47
C GLY B 261 34.99 13.14 15.46
N LEU B 262 35.76 13.06 16.55
CA LEU B 262 35.75 14.06 17.60
C LEU B 262 37.19 14.40 17.98
N ASP B 263 37.34 15.33 18.91
CA ASP B 263 38.66 15.78 19.36
C ASP B 263 38.94 15.21 20.75
N GLY B 264 39.26 13.92 20.76
CA GLY B 264 39.56 13.22 22.00
C GLY B 264 40.52 12.07 21.79
N ASN B 265 40.69 11.22 22.81
CA ASN B 265 41.59 10.09 22.72
C ASN B 265 40.93 8.76 23.06
N ILE B 266 39.66 8.75 23.45
CA ILE B 266 38.94 7.55 23.84
C ILE B 266 37.97 7.23 22.72
N ALA B 267 38.32 6.26 21.88
CA ALA B 267 37.41 5.84 20.82
C ALA B 267 36.24 5.05 21.42
N CYS B 268 35.09 5.15 20.75
CA CYS B 268 33.87 4.53 21.22
C CYS B 268 33.29 3.64 20.12
N PHE B 269 32.89 2.43 20.49
CA PHE B 269 32.26 1.48 19.59
C PHE B 269 30.91 1.10 20.20
N VAL B 270 29.83 1.64 19.64
CA VAL B 270 28.51 1.54 20.24
C VAL B 270 27.49 1.20 19.15
N ASN B 271 26.39 0.57 19.58
CA ASN B 271 25.27 0.23 18.71
C ASN B 271 24.12 1.15 19.04
N GLY B 272 23.83 2.10 18.15
CA GLY B 272 22.76 3.05 18.38
C GLY B 272 23.26 4.47 18.51
N ALA B 273 22.76 5.37 17.66
CA ALA B 273 23.22 6.75 17.69
C ALA B 273 22.89 7.41 19.03
N GLY B 274 21.70 7.15 19.56
CA GLY B 274 21.34 7.72 20.84
C GLY B 274 22.24 7.26 21.97
N LEU B 275 22.62 5.98 21.96
CA LEU B 275 23.52 5.46 22.98
C LEU B 275 24.93 5.98 22.78
N ALA B 276 25.37 6.09 21.52
CA ALA B 276 26.71 6.61 21.24
C ALA B 276 26.87 8.02 21.81
N MET B 277 25.89 8.88 21.57
CA MET B 277 25.95 10.23 22.15
C MET B 277 25.95 10.18 23.67
N ALA B 278 25.10 9.32 24.24
CA ALA B 278 25.08 9.18 25.70
C ALA B 278 26.42 8.68 26.22
N THR B 279 27.07 7.78 25.47
CA THR B 279 28.40 7.33 25.85
C THR B 279 29.38 8.50 25.84
N CYS B 280 29.37 9.30 24.77
CA CYS B 280 30.22 10.49 24.73
C CYS B 280 29.86 11.44 25.86
N ASP B 281 28.55 11.62 26.12
CA ASP B 281 28.12 12.55 27.17
C ASP B 281 28.71 12.16 28.52
N ILE B 282 28.65 10.88 28.87
CA ILE B 282 29.12 10.45 30.18
C ILE B 282 30.64 10.40 30.26
N ILE B 283 31.33 10.38 29.13
CA ILE B 283 32.79 10.45 29.16
C ILE B 283 33.24 11.84 29.59
N PHE B 284 32.67 12.88 28.98
CA PHE B 284 32.91 14.24 29.46
C PHE B 284 32.60 14.36 30.94
N LEU B 285 31.49 13.78 31.38
CA LEU B 285 31.09 13.89 32.78
C LEU B 285 32.20 13.44 33.71
N ASN B 286 33.01 12.47 33.29
CA ASN B 286 34.09 11.93 34.10
C ASN B 286 35.46 12.45 33.66
N GLY B 287 35.49 13.55 32.91
CA GLY B 287 36.74 14.22 32.57
C GLY B 287 37.39 13.77 31.29
N GLY B 288 36.88 12.73 30.62
CA GLY B 288 37.48 12.25 29.41
C GLY B 288 36.98 12.96 28.17
N LYS B 289 37.75 12.82 27.08
CA LYS B 289 37.39 13.37 25.78
C LYS B 289 37.30 12.24 24.76
N PRO B 290 36.11 11.90 24.25
CA PRO B 290 36.02 10.80 23.28
C PRO B 290 36.62 11.21 21.95
N ALA B 291 37.49 10.34 21.42
CA ALA B 291 38.09 10.61 20.12
C ALA B 291 37.06 10.53 18.99
N ASN B 292 36.04 9.68 19.15
CA ASN B 292 35.02 9.48 18.13
C ASN B 292 34.07 8.41 18.65
N PHE B 293 33.00 8.17 17.91
CA PHE B 293 32.13 7.03 18.14
C PHE B 293 31.81 6.39 16.81
N LEU B 294 31.86 5.06 16.77
CA LEU B 294 31.63 4.27 15.56
C LEU B 294 30.30 3.55 15.73
N ASP B 295 29.21 4.21 15.33
CA ASP B 295 27.89 3.62 15.47
C ASP B 295 27.80 2.33 14.68
N LEU B 296 27.34 1.27 15.34
CA LEU B 296 27.29 -0.05 14.73
C LEU B 296 25.95 -0.36 14.08
N GLY B 297 24.88 0.29 14.49
CA GLY B 297 23.56 -0.03 13.97
C GLY B 297 23.08 -1.36 14.48
N GLY B 298 21.77 -1.61 14.36
CA GLY B 298 21.23 -2.86 14.85
C GLY B 298 21.92 -4.08 14.25
N GLY B 299 22.15 -4.06 12.94
CA GLY B 299 22.78 -5.18 12.28
C GLY B 299 24.24 -5.38 12.65
N VAL B 300 24.51 -6.41 13.44
CA VAL B 300 25.87 -6.75 13.87
C VAL B 300 26.34 -7.96 13.07
N LYS B 301 27.55 -7.87 12.53
CA LYS B 301 28.19 -8.98 11.83
C LYS B 301 29.63 -9.07 12.29
N GLU B 302 30.07 -10.28 12.67
CA GLU B 302 31.38 -10.45 13.28
C GLU B 302 32.51 -9.97 12.37
N SER B 303 32.23 -9.69 11.10
CA SER B 303 33.28 -9.15 10.23
C SER B 303 33.57 -7.69 10.55
N GLN B 304 32.54 -6.90 10.88
CA GLN B 304 32.76 -5.48 11.10
C GLN B 304 33.28 -5.16 12.49
N VAL B 305 33.02 -6.03 13.47
CA VAL B 305 33.68 -5.86 14.77
C VAL B 305 35.19 -5.94 14.58
N TYR B 306 35.63 -6.82 13.68
CA TYR B 306 37.05 -6.87 13.32
C TYR B 306 37.49 -5.58 12.64
N GLN B 307 36.69 -5.09 11.70
CA GLN B 307 37.03 -3.86 10.99
C GLN B 307 36.97 -2.67 11.94
N ALA B 308 35.92 -2.58 12.76
CA ALA B 308 35.76 -1.46 13.68
C ALA B 308 37.04 -1.18 14.45
N PHE B 309 37.64 -2.24 15.02
CA PHE B 309 38.91 -2.08 15.72
C PHE B 309 39.98 -1.54 14.78
N LYS B 310 39.97 -1.98 13.52
CA LYS B 310 40.99 -1.54 12.57
C LYS B 310 40.92 -0.03 12.34
N LEU B 311 39.72 0.49 12.09
CA LEU B 311 39.59 1.91 11.78
C LEU B 311 39.93 2.77 13.00
N LEU B 312 39.39 2.40 14.17
CA LEU B 312 39.66 3.18 15.37
C LEU B 312 41.16 3.21 15.69
N THR B 313 41.82 2.05 15.59
CA THR B 313 43.25 2.00 15.85
C THR B 313 44.06 2.66 14.74
N ALA B 314 43.53 2.75 13.53
CA ALA B 314 44.25 3.41 12.45
C ALA B 314 44.57 4.85 12.80
N ASP B 315 43.66 5.52 13.51
CA ASP B 315 43.88 6.88 13.97
C ASP B 315 44.82 6.86 15.17
N PRO B 316 46.04 7.41 15.06
CA PRO B 316 46.95 7.39 16.20
C PRO B 316 46.42 8.16 17.40
N LYS B 317 45.47 9.08 17.18
CA LYS B 317 44.92 9.86 18.28
C LYS B 317 44.14 9.00 19.26
N VAL B 318 43.73 7.80 18.85
CA VAL B 318 42.97 6.89 19.71
C VAL B 318 43.92 6.27 20.72
N GLU B 319 43.76 6.62 21.99
CA GLU B 319 44.54 6.05 23.08
C GLU B 319 43.77 5.00 23.87
N ALA B 320 42.53 4.72 23.50
CA ALA B 320 41.70 3.74 24.19
C ALA B 320 40.42 3.54 23.40
N ILE B 321 39.91 2.32 23.42
CA ILE B 321 38.68 1.95 22.71
C ILE B 321 37.65 1.50 23.74
N LEU B 322 36.49 2.15 23.74
CA LEU B 322 35.39 1.80 24.61
C LEU B 322 34.33 1.07 23.78
N VAL B 323 34.11 -0.20 24.10
CA VAL B 323 33.09 -1.01 23.45
C VAL B 323 31.88 -1.06 24.37
N ASN B 324 30.74 -0.57 23.89
CA ASN B 324 29.50 -0.54 24.65
C ASN B 324 28.39 -1.06 23.74
N ILE B 325 28.10 -2.35 23.85
CA ILE B 325 27.05 -3.01 23.08
C ILE B 325 25.98 -3.47 24.06
N PHE B 326 24.78 -2.91 23.95
CA PHE B 326 23.68 -3.21 24.85
C PHE B 326 22.45 -3.54 24.01
N GLY B 327 21.97 -4.77 24.11
CA GLY B 327 20.72 -5.15 23.48
C GLY B 327 20.82 -5.36 21.98
N GLY B 328 21.90 -5.98 21.51
CA GLY B 328 22.01 -6.26 20.10
C GLY B 328 21.13 -7.41 19.66
N ILE B 329 20.97 -7.51 18.33
CA ILE B 329 20.19 -8.60 17.74
C ILE B 329 20.98 -9.90 17.66
N VAL B 330 22.28 -9.85 17.85
CA VAL B 330 23.14 -11.04 17.80
C VAL B 330 23.60 -11.35 19.22
N ASN B 331 23.84 -12.64 19.46
CA ASN B 331 24.28 -13.08 20.78
C ASN B 331 25.60 -12.39 21.15
N CYS B 332 25.71 -12.02 22.42
CA CYS B 332 26.92 -11.36 22.90
C CYS B 332 28.14 -12.27 22.78
N ALA B 333 27.97 -13.56 23.08
CA ALA B 333 29.07 -14.50 22.96
C ALA B 333 29.65 -14.51 21.55
N ILE B 334 28.83 -14.22 20.54
CA ILE B 334 29.34 -14.15 19.18
C ILE B 334 30.17 -12.89 18.99
N ILE B 335 29.72 -11.77 19.58
CA ILE B 335 30.52 -10.54 19.53
C ILE B 335 31.78 -10.69 20.38
N ALA B 336 31.72 -11.50 21.43
CA ALA B 336 32.89 -11.69 22.28
C ALA B 336 34.02 -12.38 21.51
N ASN B 337 33.69 -13.39 20.71
CA ASN B 337 34.71 -14.08 19.94
C ASN B 337 35.24 -13.19 18.80
N GLY B 338 34.38 -12.34 18.24
CA GLY B 338 34.86 -11.42 17.22
C GLY B 338 35.81 -10.38 17.77
N ILE B 339 35.58 -9.94 19.00
CA ILE B 339 36.48 -8.98 19.63
C ILE B 339 37.84 -9.62 19.89
N THR B 340 37.85 -10.78 20.55
CA THR B 340 39.10 -11.49 20.78
C THR B 340 39.79 -11.82 19.47
N LYS B 341 39.08 -12.50 18.55
CA LYS B 341 39.66 -12.82 17.25
C LYS B 341 40.26 -11.59 16.60
N ALA B 342 39.55 -10.46 16.64
CA ALA B 342 40.09 -9.24 16.06
C ALA B 342 41.34 -8.79 16.81
N CYS B 343 41.31 -8.85 18.15
CA CYS B 343 42.48 -8.47 18.93
C CYS B 343 43.65 -9.40 18.64
N ARG B 344 43.39 -10.71 18.64
CA ARG B 344 44.45 -11.68 18.38
C ARG B 344 45.04 -11.47 16.99
N GLU B 345 44.20 -11.21 16.00
CA GLU B 345 44.62 -11.09 14.61
C GLU B 345 45.18 -9.72 14.26
N LEU B 346 45.07 -8.72 15.15
CA LEU B 346 45.52 -7.37 14.85
C LEU B 346 46.57 -6.82 15.80
N GLU B 347 46.94 -7.53 16.86
CA GLU B 347 47.94 -7.02 17.79
C GLU B 347 47.54 -5.65 18.33
N LEU B 348 46.60 -5.62 19.26
CA LEU B 348 46.06 -4.35 19.76
C LEU B 348 46.98 -3.77 20.84
N LYS B 349 47.25 -2.47 20.73
CA LYS B 349 48.04 -1.74 21.71
C LYS B 349 47.17 -1.00 22.73
N VAL B 350 46.25 -0.17 22.26
CA VAL B 350 45.47 0.68 23.16
C VAL B 350 44.71 -0.19 24.15
N PRO B 351 44.52 0.24 25.40
CA PRO B 351 43.69 -0.53 26.32
C PRO B 351 42.27 -0.66 25.79
N LEU B 352 41.60 -1.75 26.15
CA LEU B 352 40.26 -2.05 25.65
C LEU B 352 39.31 -2.28 26.81
N VAL B 353 38.35 -1.38 26.97
CA VAL B 353 37.27 -1.52 27.95
C VAL B 353 36.02 -1.96 27.21
N VAL B 354 35.47 -3.11 27.59
CA VAL B 354 34.34 -3.71 26.88
C VAL B 354 33.17 -3.82 27.85
N ARG B 355 32.02 -3.33 27.43
CA ARG B 355 30.77 -3.48 28.18
C ARG B 355 29.79 -4.20 27.28
N LEU B 356 29.36 -5.39 27.70
CA LEU B 356 28.36 -6.18 26.98
C LEU B 356 27.22 -6.48 27.94
N GLU B 357 25.99 -6.19 27.50
CA GLU B 357 24.81 -6.44 28.32
C GLU B 357 23.68 -7.08 27.53
N GLY B 358 23.89 -7.45 26.26
CA GLY B 358 22.84 -8.05 25.47
C GLY B 358 22.43 -9.43 25.94
N THR B 359 22.23 -10.35 25.00
CA THR B 359 21.78 -11.70 25.33
C THR B 359 22.96 -12.59 25.71
N ASN B 360 22.78 -13.39 26.75
CA ASN B 360 23.81 -14.33 27.22
C ASN B 360 25.13 -13.59 27.47
N VAL B 361 25.10 -12.76 28.50
CA VAL B 361 26.25 -11.95 28.86
C VAL B 361 27.22 -12.73 29.76
N HIS B 362 26.71 -13.61 30.62
CA HIS B 362 27.58 -14.35 31.53
C HIS B 362 28.66 -15.11 30.77
N GLU B 363 28.26 -15.83 29.71
CA GLU B 363 29.25 -16.53 28.90
C GLU B 363 30.18 -15.55 28.19
N ALA B 364 29.62 -14.46 27.65
CA ALA B 364 30.43 -13.50 26.91
C ALA B 364 31.55 -12.95 27.78
N GLN B 365 31.23 -12.57 29.02
CA GLN B 365 32.26 -12.04 29.91
C GLN B 365 33.31 -13.09 30.21
N ASN B 366 32.91 -14.36 30.32
CA ASN B 366 33.87 -15.43 30.54
C ASN B 366 34.78 -15.59 29.34
N ILE B 367 34.24 -15.47 28.13
CA ILE B 367 35.07 -15.57 26.93
C ILE B 367 36.13 -14.47 26.92
N LEU B 368 35.81 -13.30 27.48
CA LEU B 368 36.74 -12.19 27.46
C LEU B 368 37.75 -12.27 28.60
N THR B 369 37.29 -12.61 29.81
CA THR B 369 38.19 -12.64 30.95
C THR B 369 39.15 -13.82 30.90
N ASN B 370 38.70 -14.96 30.38
CA ASN B 370 39.51 -16.17 30.30
C ASN B 370 40.18 -16.31 28.95
N SER B 371 40.44 -15.19 28.26
CA SER B 371 41.11 -15.20 26.97
C SER B 371 42.60 -14.87 27.08
N GLY B 372 43.06 -14.35 28.21
CA GLY B 372 44.44 -13.93 28.32
C GLY B 372 44.79 -12.71 27.52
N LEU B 373 43.80 -11.88 27.19
CA LEU B 373 43.98 -10.68 26.39
C LEU B 373 43.79 -9.43 27.23
N PRO B 374 44.39 -8.31 26.84
CA PRO B 374 44.21 -7.06 27.60
C PRO B 374 42.78 -6.54 27.54
N ILE B 375 41.88 -7.23 28.23
CA ILE B 375 40.45 -6.90 28.21
C ILE B 375 39.95 -6.85 29.64
N THR B 376 39.42 -5.70 30.04
CA THR B 376 38.78 -5.53 31.34
C THR B 376 37.29 -5.31 31.09
N SER B 377 36.46 -6.21 31.61
CA SER B 377 35.02 -6.14 31.40
C SER B 377 34.40 -5.04 32.26
N ALA B 378 33.28 -4.51 31.77
CA ALA B 378 32.54 -3.47 32.46
C ALA B 378 31.12 -3.96 32.70
N VAL B 379 30.48 -3.38 33.72
CA VAL B 379 29.17 -3.83 34.17
C VAL B 379 28.05 -2.93 33.66
N ASP B 380 28.21 -1.62 33.78
CA ASP B 380 27.22 -0.66 33.32
C ASP B 380 27.91 0.46 32.56
N LEU B 381 27.12 1.42 32.08
CA LEU B 381 27.68 2.51 31.28
C LEU B 381 28.60 3.39 32.12
N GLU B 382 28.19 3.70 33.35
CA GLU B 382 29.03 4.53 34.22
C GLU B 382 30.37 3.87 34.49
N ASP B 383 30.36 2.54 34.67
CA ASP B 383 31.60 1.83 34.93
C ASP B 383 32.54 1.89 33.73
N ALA B 384 32.01 1.64 32.53
CA ALA B 384 32.85 1.68 31.33
C ALA B 384 33.46 3.06 31.13
N ALA B 385 32.69 4.11 31.39
CA ALA B 385 33.21 5.47 31.23
C ALA B 385 34.33 5.74 32.22
N LYS B 386 34.09 5.46 33.51
CA LYS B 386 35.11 5.69 34.51
C LYS B 386 36.35 4.84 34.24
N LYS B 387 36.17 3.63 33.71
CA LYS B 387 37.31 2.80 33.35
C LYS B 387 37.99 3.25 32.07
N ALA B 388 37.30 4.02 31.23
CA ALA B 388 37.92 4.52 30.01
C ALA B 388 38.77 5.76 30.28
N VAL B 389 38.32 6.63 31.18
CA VAL B 389 39.11 7.81 31.52
C VAL B 389 40.30 7.41 32.39
N ALA B 390 40.19 6.30 33.12
CA ALA B 390 41.32 5.86 33.94
C ALA B 390 42.44 5.27 33.08
N SER B 391 42.10 4.64 31.96
CA SER B 391 43.11 4.01 31.12
C SER B 391 43.88 5.02 30.27
N VAL B 392 43.55 6.30 30.36
CA VAL B 392 44.27 7.33 29.63
C VAL B 392 45.06 8.17 30.64
N THR B 393 45.94 7.50 31.37
CA THR B 393 46.75 8.17 32.38
C THR B 393 48.20 8.30 31.93
N SER C 1 -10.24 15.61 -11.19
CA SER C 1 -8.99 15.82 -11.90
C SER C 1 -8.38 14.49 -12.36
N TYR C 2 -8.94 13.38 -11.87
CA TYR C 2 -8.46 12.07 -12.30
C TYR C 2 -8.64 11.87 -13.79
N THR C 3 -9.62 12.57 -14.39
CA THR C 3 -9.80 12.50 -15.83
C THR C 3 -8.56 13.00 -16.57
N ALA C 4 -7.72 13.80 -15.91
CA ALA C 4 -6.51 14.28 -16.56
C ALA C 4 -5.61 13.13 -17.01
N SER C 5 -5.63 12.02 -16.28
CA SER C 5 -4.84 10.86 -16.66
C SER C 5 -5.49 10.05 -17.77
N ARG C 6 -6.70 10.42 -18.20
CA ARG C 6 -7.36 9.73 -19.28
C ARG C 6 -6.48 9.65 -20.52
N LYS C 7 -5.69 10.71 -20.78
CA LYS C 7 -4.87 10.75 -21.98
C LYS C 7 -3.95 9.54 -22.07
N HIS C 8 -3.46 9.05 -20.94
CA HIS C 8 -2.49 7.97 -20.93
C HIS C 8 -3.08 6.63 -21.36
N LEU C 9 -4.38 6.57 -21.66
CA LEU C 9 -4.95 5.32 -22.13
C LEU C 9 -4.49 4.99 -23.55
N TYR C 10 -4.16 6.02 -24.34
CA TYR C 10 -3.83 5.83 -25.75
C TYR C 10 -2.32 5.61 -25.88
N VAL C 11 -1.89 4.40 -25.56
CA VAL C 11 -0.48 4.07 -25.71
C VAL C 11 -0.08 4.19 -27.17
N ASP C 12 1.22 4.34 -27.41
CA ASP C 12 1.75 4.48 -28.75
C ASP C 12 3.13 3.84 -28.82
N LYS C 13 3.81 4.04 -29.95
CA LYS C 13 5.10 3.39 -30.16
C LYS C 13 6.15 3.85 -29.15
N ASN C 14 5.98 5.05 -28.60
CA ASN C 14 6.94 5.61 -27.66
C ASN C 14 6.68 5.20 -26.21
N THR C 15 5.60 4.46 -25.95
CA THR C 15 5.31 4.00 -24.60
C THR C 15 6.34 2.97 -24.16
N LYS C 16 7.03 3.26 -23.06
CA LYS C 16 8.03 2.37 -22.49
C LYS C 16 7.42 1.65 -21.29
N VAL C 17 7.34 0.33 -21.37
CA VAL C 17 6.57 -0.47 -20.43
C VAL C 17 7.50 -1.26 -19.52
N ILE C 18 7.07 -1.43 -18.26
CA ILE C 18 7.72 -2.33 -17.31
C ILE C 18 6.68 -3.31 -16.82
N CYS C 19 7.14 -4.49 -16.39
CA CYS C 19 6.28 -5.58 -15.97
C CYS C 19 6.46 -5.84 -14.48
N GLN C 20 5.39 -5.65 -13.71
CA GLN C 20 5.39 -5.99 -12.29
C GLN C 20 4.99 -7.46 -12.16
N GLY C 21 5.84 -8.24 -11.49
CA GLY C 21 5.71 -9.69 -11.54
C GLY C 21 6.43 -10.22 -12.75
N PHE C 22 7.65 -9.72 -12.98
CA PHE C 22 8.35 -9.97 -14.23
C PHE C 22 8.71 -11.43 -14.39
N THR C 23 9.41 -12.00 -13.39
CA THR C 23 9.89 -13.37 -13.49
C THR C 23 8.80 -14.41 -13.27
N GLY C 24 7.59 -14.00 -12.90
CA GLY C 24 6.51 -14.96 -12.75
C GLY C 24 6.15 -15.62 -14.07
N LYS C 25 5.47 -16.76 -13.98
CA LYS C 25 5.10 -17.50 -15.17
C LYS C 25 4.26 -16.65 -16.11
N GLN C 26 3.21 -16.01 -15.59
CA GLN C 26 2.39 -15.16 -16.44
C GLN C 26 3.20 -13.97 -16.96
N GLY C 27 3.86 -13.25 -16.06
CA GLY C 27 4.67 -12.12 -16.49
C GLY C 27 5.71 -12.52 -17.52
N THR C 28 6.34 -13.67 -17.32
CA THR C 28 7.35 -14.15 -18.26
C THR C 28 6.75 -14.38 -19.64
N PHE C 29 5.67 -15.17 -19.70
CA PHE C 29 5.08 -15.51 -20.99
C PHE C 29 4.66 -14.26 -21.75
N HIS C 30 3.82 -13.42 -21.12
CA HIS C 30 3.30 -12.25 -21.80
C HIS C 30 4.36 -11.20 -22.05
N SER C 31 5.45 -11.21 -21.28
CA SER C 31 6.58 -10.33 -21.59
C SER C 31 7.28 -10.76 -22.87
N GLN C 32 7.41 -12.08 -23.06
CA GLN C 32 7.94 -12.59 -24.32
C GLN C 32 7.08 -12.14 -25.49
N GLN C 33 5.76 -12.36 -25.37
CA GLN C 33 4.84 -11.93 -26.43
C GLN C 33 4.94 -10.43 -26.66
N ALA C 34 5.13 -9.66 -25.60
CA ALA C 34 5.24 -8.21 -25.75
C ALA C 34 6.49 -7.84 -26.53
N LEU C 35 7.61 -8.50 -26.23
CA LEU C 35 8.84 -8.23 -26.97
C LEU C 35 8.71 -8.63 -28.43
N GLU C 36 8.18 -9.83 -28.68
CA GLU C 36 8.04 -10.30 -30.06
C GLU C 36 7.10 -9.40 -30.86
N TYR C 37 6.06 -8.86 -30.22
CA TYR C 37 5.13 -7.98 -30.91
C TYR C 37 5.72 -6.60 -31.18
N GLY C 38 6.84 -6.25 -30.57
CA GLY C 38 7.47 -4.96 -30.76
C GLY C 38 7.20 -3.96 -29.65
N THR C 39 6.53 -4.36 -28.58
CA THR C 39 6.27 -3.44 -27.48
C THR C 39 7.59 -3.08 -26.80
N ASN C 40 7.69 -1.81 -26.37
CA ASN C 40 8.93 -1.31 -25.77
C ASN C 40 9.00 -1.70 -24.29
N LEU C 41 9.07 -3.01 -24.07
CA LEU C 41 9.25 -3.55 -22.73
C LEU C 41 10.73 -3.41 -22.34
N VAL C 42 11.00 -2.63 -21.30
CA VAL C 42 12.36 -2.27 -20.93
C VAL C 42 12.75 -2.83 -19.56
N GLY C 43 12.01 -3.80 -19.07
CA GLY C 43 12.34 -4.47 -17.82
C GLY C 43 11.10 -4.74 -16.99
N GLY C 44 11.33 -5.10 -15.74
CA GLY C 44 10.24 -5.38 -14.82
C GLY C 44 10.74 -5.40 -13.40
N THR C 45 9.88 -5.86 -12.49
CA THR C 45 10.19 -5.86 -11.07
C THR C 45 9.71 -7.15 -10.43
N THR C 46 10.52 -7.67 -9.50
CA THR C 46 10.12 -8.75 -8.60
C THR C 46 10.90 -8.58 -7.30
N PRO C 47 10.23 -8.47 -6.16
CA PRO C 47 10.97 -8.23 -4.90
C PRO C 47 12.02 -9.31 -4.66
N GLY C 48 13.24 -8.85 -4.38
CA GLY C 48 14.33 -9.72 -4.04
C GLY C 48 15.18 -10.21 -5.20
N LYS C 49 14.86 -9.79 -6.43
CA LYS C 49 15.64 -10.16 -7.61
C LYS C 49 16.18 -8.94 -8.36
N GLY C 50 16.22 -7.78 -7.70
CA GLY C 50 16.79 -6.62 -8.36
C GLY C 50 18.24 -6.85 -8.73
N GLY C 51 18.60 -6.45 -9.95
CA GLY C 51 19.92 -6.66 -10.48
C GLY C 51 20.02 -7.82 -11.45
N LYS C 52 19.21 -8.86 -11.23
CA LYS C 52 19.20 -10.00 -12.13
C LYS C 52 18.80 -9.56 -13.54
N THR C 53 18.99 -10.47 -14.50
CA THR C 53 18.61 -10.25 -15.88
C THR C 53 17.52 -11.26 -16.26
N HIS C 54 16.54 -10.79 -17.01
CA HIS C 54 15.41 -11.63 -17.39
C HIS C 54 14.94 -11.22 -18.77
N LEU C 55 14.88 -12.18 -19.69
CA LEU C 55 14.50 -11.90 -21.08
C LEU C 55 15.36 -10.78 -21.67
N GLY C 56 16.64 -10.78 -21.30
CA GLY C 56 17.55 -9.76 -21.76
C GLY C 56 17.28 -8.37 -21.24
N LEU C 57 16.41 -8.22 -20.25
CA LEU C 57 16.06 -6.92 -19.69
C LEU C 57 16.41 -6.88 -18.21
N PRO C 58 16.66 -5.68 -17.67
CA PRO C 58 16.99 -5.59 -16.24
C PRO C 58 15.78 -5.81 -15.35
N VAL C 59 16.04 -6.40 -14.19
CA VAL C 59 15.02 -6.63 -13.17
C VAL C 59 15.35 -5.75 -11.97
N PHE C 60 14.32 -5.17 -11.37
CA PHE C 60 14.47 -4.27 -10.25
C PHE C 60 13.62 -4.76 -9.08
N ASN C 61 13.96 -4.27 -7.88
CA ASN C 61 13.22 -4.68 -6.69
C ASN C 61 11.93 -3.89 -6.53
N THR C 62 11.93 -2.63 -6.93
CA THR C 62 10.78 -1.75 -6.76
C THR C 62 10.44 -1.08 -8.09
N VAL C 63 9.21 -0.56 -8.17
CA VAL C 63 8.78 0.10 -9.39
C VAL C 63 9.54 1.40 -9.60
N LYS C 64 9.80 2.14 -8.52
CA LYS C 64 10.52 3.41 -8.64
C LYS C 64 11.91 3.19 -9.24
N GLU C 65 12.57 2.09 -8.87
CA GLU C 65 13.85 1.77 -9.48
C GLU C 65 13.71 1.55 -10.98
N ALA C 66 12.70 0.78 -11.37
CA ALA C 66 12.50 0.52 -12.79
C ALA C 66 12.14 1.78 -13.55
N LYS C 67 11.43 2.71 -12.91
CA LYS C 67 10.99 3.92 -13.60
C LYS C 67 12.13 4.89 -13.81
N GLU C 68 12.95 5.11 -12.77
CA GLU C 68 14.06 6.05 -12.87
C GLU C 68 15.22 5.51 -13.69
N GLN C 69 15.34 4.18 -13.81
CA GLN C 69 16.41 3.61 -14.62
C GLN C 69 16.02 3.55 -16.10
N THR C 70 14.77 3.21 -16.40
CA THR C 70 14.34 3.01 -17.77
C THR C 70 13.45 4.11 -18.32
N GLY C 71 13.07 5.09 -17.51
CA GLY C 71 12.15 6.12 -17.97
C GLY C 71 10.81 5.58 -18.38
N ALA C 72 10.40 4.44 -17.82
CA ALA C 72 9.14 3.82 -18.19
C ALA C 72 7.97 4.75 -17.94
N THR C 73 6.97 4.68 -18.82
CA THR C 73 5.75 5.46 -18.69
C THR C 73 4.51 4.60 -18.53
N ALA C 74 4.63 3.28 -18.61
CA ALA C 74 3.51 2.37 -18.42
C ALA C 74 3.97 1.15 -17.64
N SER C 75 3.04 0.53 -16.92
CA SER C 75 3.34 -0.63 -16.12
C SER C 75 2.21 -1.65 -16.24
N VAL C 76 2.58 -2.92 -16.37
CA VAL C 76 1.63 -4.02 -16.44
C VAL C 76 1.86 -4.94 -15.24
N ILE C 77 0.77 -5.38 -14.63
CA ILE C 77 0.82 -6.11 -13.37
C ILE C 77 0.25 -7.50 -13.57
N TYR C 78 1.02 -8.52 -13.16
CA TYR C 78 0.56 -9.90 -13.14
C TYR C 78 0.67 -10.50 -11.75
N VAL C 79 0.86 -9.67 -10.72
CA VAL C 79 1.00 -10.12 -9.34
C VAL C 79 -0.25 -10.90 -8.95
N PRO C 80 -0.15 -11.93 -8.13
CA PRO C 80 -1.36 -12.69 -7.74
C PRO C 80 -2.36 -11.81 -7.03
N PRO C 81 -3.60 -12.29 -6.85
CA PRO C 81 -4.66 -11.44 -6.30
C PRO C 81 -4.32 -10.89 -4.92
N PRO C 82 -3.80 -11.73 -4.01
CA PRO C 82 -3.55 -11.23 -2.65
C PRO C 82 -2.65 -9.99 -2.59
N PHE C 83 -1.80 -9.79 -3.60
CA PHE C 83 -0.85 -8.69 -3.57
C PHE C 83 -0.95 -7.80 -4.80
N ALA C 84 -1.99 -7.96 -5.62
CA ALA C 84 -2.10 -7.15 -6.83
C ALA C 84 -2.48 -5.71 -6.49
N ALA C 85 -3.37 -5.52 -5.52
CA ALA C 85 -3.75 -4.16 -5.14
C ALA C 85 -2.53 -3.38 -4.66
N ALA C 86 -1.75 -3.97 -3.75
CA ALA C 86 -0.55 -3.31 -3.28
C ALA C 86 0.42 -3.02 -4.42
N ALA C 87 0.39 -3.84 -5.47
CA ALA C 87 1.24 -3.58 -6.62
C ALA C 87 0.75 -2.36 -7.40
N ILE C 88 -0.57 -2.20 -7.50
CA ILE C 88 -1.10 -0.99 -8.13
C ILE C 88 -0.66 0.23 -7.33
N ASN C 89 -0.76 0.16 -6.00
CA ASN C 89 -0.38 1.30 -5.17
C ASN C 89 1.07 1.68 -5.37
N GLU C 90 1.96 0.69 -5.50
CA GLU C 90 3.37 0.99 -5.70
C GLU C 90 3.58 1.77 -6.99
N ALA C 91 2.79 1.47 -8.02
CA ALA C 91 2.92 2.20 -9.28
C ALA C 91 2.37 3.61 -9.17
N ILE C 92 1.26 3.78 -8.45
CA ILE C 92 0.73 5.12 -8.22
C ILE C 92 1.72 5.94 -7.40
N ASP C 93 2.28 5.33 -6.36
CA ASP C 93 3.31 5.99 -5.58
C ASP C 93 4.45 6.45 -6.49
N ALA C 94 4.86 5.59 -7.43
CA ALA C 94 5.89 5.94 -8.40
C ALA C 94 5.37 6.87 -9.50
N GLU C 95 4.08 7.16 -9.51
CA GLU C 95 3.51 8.08 -10.49
C GLU C 95 3.72 7.57 -11.91
N VAL C 96 3.54 6.27 -12.10
CA VAL C 96 3.59 5.67 -13.44
C VAL C 96 2.38 6.18 -14.20
N PRO C 97 2.55 6.88 -15.32
CA PRO C 97 1.37 7.45 -16.02
C PRO C 97 0.26 6.44 -16.27
N LEU C 98 0.59 5.26 -16.80
CA LEU C 98 -0.39 4.23 -17.13
C LEU C 98 -0.06 2.95 -16.39
N VAL C 99 -1.05 2.42 -15.69
CA VAL C 99 -0.94 1.13 -15.01
C VAL C 99 -2.09 0.25 -15.49
N VAL C 100 -1.76 -0.94 -15.98
CA VAL C 100 -2.74 -1.90 -16.43
C VAL C 100 -2.58 -3.16 -15.58
N CYS C 101 -3.63 -3.52 -14.84
CA CYS C 101 -3.60 -4.69 -13.97
C CYS C 101 -4.39 -5.81 -14.64
N ILE C 102 -3.68 -6.86 -15.04
CA ILE C 102 -4.35 -7.99 -15.69
C ILE C 102 -4.98 -8.92 -14.67
N THR C 103 -4.42 -8.97 -13.46
CA THR C 103 -4.79 -10.01 -12.50
C THR C 103 -6.30 -10.04 -12.26
N GLU C 104 -6.85 -11.25 -12.22
CA GLU C 104 -8.24 -11.49 -11.88
C GLU C 104 -8.32 -12.06 -10.47
N GLY C 105 -9.36 -11.68 -9.74
CA GLY C 105 -9.59 -12.20 -8.41
C GLY C 105 -9.20 -11.29 -7.27
N ILE C 106 -8.98 -10.01 -7.52
CA ILE C 106 -8.63 -9.09 -6.43
C ILE C 106 -9.88 -8.83 -5.59
N PRO C 107 -9.82 -8.98 -4.27
CA PRO C 107 -11.00 -8.69 -3.44
C PRO C 107 -11.58 -7.32 -3.76
N GLN C 108 -12.91 -7.25 -3.81
CA GLN C 108 -13.56 -5.99 -4.15
C GLN C 108 -13.21 -4.90 -3.15
N GLN C 109 -13.10 -5.25 -1.86
CA GLN C 109 -12.74 -4.26 -0.86
C GLN C 109 -11.38 -3.64 -1.16
N ASP C 110 -10.43 -4.46 -1.62
CA ASP C 110 -9.11 -3.93 -1.96
C ASP C 110 -9.20 -2.90 -3.07
N MET C 111 -9.99 -3.16 -4.11
CA MET C 111 -10.09 -2.23 -5.23
C MET C 111 -10.92 -1.01 -4.86
N VAL C 112 -11.89 -1.16 -3.96
CA VAL C 112 -12.60 0.02 -3.47
C VAL C 112 -11.62 0.99 -2.82
N ARG C 113 -10.69 0.46 -2.02
CA ARG C 113 -9.72 1.32 -1.36
C ARG C 113 -8.72 1.89 -2.36
N VAL C 114 -8.28 1.07 -3.33
CA VAL C 114 -7.36 1.55 -4.36
C VAL C 114 -8.01 2.68 -5.15
N LYS C 115 -9.26 2.47 -5.59
CA LYS C 115 -9.94 3.49 -6.39
C LYS C 115 -10.22 4.75 -5.59
N HIS C 116 -10.33 4.63 -4.26
CA HIS C 116 -10.54 5.81 -3.43
C HIS C 116 -9.40 6.81 -3.60
N ARG C 117 -8.16 6.33 -3.50
CA ARG C 117 -7.01 7.20 -3.68
C ARG C 117 -6.80 7.54 -5.16
N LEU C 118 -7.05 6.58 -6.04
CA LEU C 118 -6.82 6.80 -7.46
C LEU C 118 -7.60 8.02 -7.95
N LEU C 119 -8.84 8.17 -7.49
CA LEU C 119 -9.68 9.29 -7.91
C LEU C 119 -9.24 10.62 -7.33
N ARG C 120 -8.38 10.61 -6.32
CA ARG C 120 -7.88 11.84 -5.71
C ARG C 120 -6.60 12.34 -6.36
N GLN C 121 -6.13 11.70 -7.43
CA GLN C 121 -4.93 12.10 -8.13
C GLN C 121 -5.17 12.05 -9.63
N GLY C 122 -4.24 12.64 -10.38
CA GLY C 122 -4.37 12.71 -11.83
C GLY C 122 -3.10 12.34 -12.55
N LYS C 123 -2.15 11.74 -11.83
CA LYS C 123 -0.86 11.37 -12.43
C LYS C 123 -0.89 9.97 -13.03
N THR C 124 -1.59 9.04 -12.40
CA THR C 124 -1.62 7.64 -12.85
C THR C 124 -3.01 7.29 -13.37
N ARG C 125 -3.03 6.52 -14.46
CA ARG C 125 -4.26 6.02 -15.06
C ARG C 125 -4.25 4.50 -14.94
N LEU C 126 -5.31 3.95 -14.35
CA LEU C 126 -5.43 2.52 -14.14
C LEU C 126 -6.40 1.92 -15.15
N ILE C 127 -6.01 0.77 -15.71
CA ILE C 127 -6.90 -0.07 -16.51
C ILE C 127 -6.99 -1.41 -15.80
N GLY C 128 -8.23 -1.83 -15.49
CA GLY C 128 -8.44 -3.08 -14.78
C GLY C 128 -8.87 -2.84 -13.35
N PRO C 129 -8.71 -3.85 -12.48
CA PRO C 129 -8.10 -5.16 -12.74
C PRO C 129 -8.98 -6.12 -13.52
N ASN C 130 -8.53 -7.37 -13.63
CA ASN C 130 -9.26 -8.43 -14.32
C ASN C 130 -9.66 -7.99 -15.72
N CYS C 131 -8.65 -7.59 -16.48
CA CYS C 131 -8.84 -7.08 -17.84
C CYS C 131 -7.76 -7.66 -18.74
N PRO C 132 -8.00 -7.68 -20.06
CA PRO C 132 -7.00 -8.20 -20.99
C PRO C 132 -5.91 -7.20 -21.34
N GLY C 133 -6.09 -5.92 -21.02
CA GLY C 133 -5.11 -4.90 -21.25
C GLY C 133 -5.52 -3.92 -22.33
N VAL C 134 -4.52 -3.24 -22.89
CA VAL C 134 -4.72 -2.27 -23.96
C VAL C 134 -3.67 -2.52 -25.02
N ILE C 135 -4.05 -2.29 -26.28
CA ILE C 135 -3.16 -2.52 -27.41
C ILE C 135 -3.42 -1.45 -28.47
N ASN C 136 -2.35 -0.78 -28.90
CA ASN C 136 -2.37 0.05 -30.08
C ASN C 136 -1.83 -0.79 -31.23
N PRO C 137 -2.68 -1.33 -32.12
CA PRO C 137 -2.19 -2.31 -33.10
C PRO C 137 -0.97 -1.82 -33.88
N GLY C 138 0.13 -2.58 -33.79
CA GLY C 138 1.35 -2.26 -34.48
C GLY C 138 2.30 -1.37 -33.71
N GLU C 139 1.84 -0.67 -32.68
CA GLU C 139 2.66 0.26 -31.94
C GLU C 139 2.97 -0.20 -30.52
N CYS C 140 1.96 -0.63 -29.76
CA CYS C 140 2.18 -1.05 -28.38
C CYS C 140 1.12 -2.06 -27.96
N LYS C 141 1.57 -3.12 -27.29
CA LYS C 141 0.70 -4.17 -26.79
C LYS C 141 1.01 -4.40 -25.32
N ILE C 142 0.10 -4.00 -24.44
CA ILE C 142 0.27 -4.15 -22.99
C ILE C 142 -0.90 -4.99 -22.51
N GLY C 143 -0.70 -6.29 -22.40
CA GLY C 143 -1.73 -7.18 -21.92
C GLY C 143 -1.54 -8.58 -22.48
N ILE C 144 -2.63 -9.32 -22.47
CA ILE C 144 -2.63 -10.74 -22.83
C ILE C 144 -3.31 -11.02 -24.15
N MET C 145 -3.81 -9.99 -24.84
CA MET C 145 -4.53 -10.22 -26.09
C MET C 145 -3.57 -10.75 -27.16
N PRO C 146 -4.01 -11.71 -27.99
CA PRO C 146 -3.15 -12.17 -29.09
C PRO C 146 -2.93 -11.06 -30.10
N GLY C 147 -1.67 -10.77 -30.39
CA GLY C 147 -1.35 -9.65 -31.25
C GLY C 147 -1.67 -9.86 -32.72
N HIS C 148 -1.55 -11.10 -33.20
CA HIS C 148 -1.64 -11.35 -34.63
C HIS C 148 -3.02 -11.05 -35.21
N ILE C 149 -4.07 -11.07 -34.39
CA ILE C 149 -5.43 -10.80 -34.89
C ILE C 149 -5.70 -9.33 -35.09
N HIS C 150 -4.80 -8.45 -34.64
CA HIS C 150 -5.02 -7.02 -34.72
C HIS C 150 -4.51 -6.45 -36.03
N LYS C 151 -5.02 -5.28 -36.38
CA LYS C 151 -4.58 -4.53 -37.56
C LYS C 151 -4.87 -3.06 -37.32
N LYS C 152 -3.85 -2.21 -37.42
CA LYS C 152 -4.05 -0.78 -37.26
C LYS C 152 -5.14 -0.33 -38.22
N GLY C 153 -6.16 0.31 -37.69
CA GLY C 153 -7.35 0.63 -38.47
C GLY C 153 -8.11 1.82 -37.96
N ARG C 154 -9.44 1.73 -38.01
CA ARG C 154 -10.31 2.87 -37.84
C ARG C 154 -11.36 2.68 -36.76
N ILE C 155 -11.41 1.52 -36.12
CA ILE C 155 -12.45 1.18 -35.17
C ILE C 155 -11.84 1.16 -33.77
N GLY C 156 -12.34 2.03 -32.89
CA GLY C 156 -11.98 2.00 -31.50
C GLY C 156 -12.84 1.02 -30.73
N ILE C 157 -12.23 0.04 -30.08
CA ILE C 157 -12.94 -1.03 -29.40
C ILE C 157 -12.74 -0.87 -27.90
N VAL C 158 -13.84 -0.88 -27.16
CA VAL C 158 -13.82 -0.91 -25.70
C VAL C 158 -14.67 -2.10 -25.26
N SER C 159 -14.14 -2.90 -24.34
CA SER C 159 -14.78 -4.16 -23.98
C SER C 159 -14.70 -4.37 -22.48
N ARG C 160 -15.84 -4.69 -21.88
CA ARG C 160 -15.91 -5.13 -20.49
C ARG C 160 -15.68 -6.62 -20.33
N SER C 161 -15.67 -7.37 -21.43
CA SER C 161 -15.44 -8.81 -21.41
C SER C 161 -13.99 -9.11 -21.76
N GLY C 162 -13.59 -10.36 -21.46
CA GLY C 162 -12.23 -10.79 -21.72
C GLY C 162 -12.03 -11.34 -23.11
N THR C 163 -12.05 -12.67 -23.25
CA THR C 163 -11.80 -13.28 -24.54
C THR C 163 -12.83 -12.84 -25.59
N LEU C 164 -14.03 -12.48 -25.15
CA LEU C 164 -15.05 -12.02 -26.10
C LEU C 164 -14.56 -10.80 -26.86
N THR C 165 -13.66 -10.01 -26.26
CA THR C 165 -13.13 -8.84 -26.96
C THR C 165 -12.45 -9.24 -28.26
N TYR C 166 -11.78 -10.40 -28.28
CA TYR C 166 -11.04 -10.80 -29.46
C TYR C 166 -11.97 -11.01 -30.65
N GLU C 167 -13.23 -11.37 -30.41
CA GLU C 167 -14.18 -11.55 -31.51
C GLU C 167 -14.39 -10.24 -32.26
N ALA C 168 -14.56 -9.13 -31.53
CA ALA C 168 -14.70 -7.84 -32.19
C ALA C 168 -13.43 -7.47 -32.95
N VAL C 169 -12.26 -7.84 -32.41
CA VAL C 169 -11.00 -7.54 -33.09
C VAL C 169 -10.87 -8.35 -34.36
N HIS C 170 -10.98 -9.68 -34.24
CA HIS C 170 -10.82 -10.55 -35.40
C HIS C 170 -11.78 -10.17 -36.52
N GLN C 171 -13.04 -9.86 -36.16
CA GLN C 171 -14.02 -9.52 -37.18
C GLN C 171 -13.69 -8.18 -37.84
N THR C 172 -13.31 -7.18 -37.04
CA THR C 172 -12.95 -5.88 -37.62
C THR C 172 -11.73 -5.97 -38.51
N THR C 173 -10.89 -6.99 -38.32
CA THR C 173 -9.73 -7.18 -39.19
C THR C 173 -10.12 -7.85 -40.51
N GLN C 174 -11.00 -8.86 -40.44
CA GLN C 174 -11.40 -9.57 -41.66
C GLN C 174 -12.12 -8.64 -42.63
N VAL C 175 -12.94 -7.73 -42.11
CA VAL C 175 -13.65 -6.77 -42.96
C VAL C 175 -12.75 -5.66 -43.46
N GLY C 176 -11.47 -5.65 -43.08
CA GLY C 176 -10.53 -4.68 -43.60
C GLY C 176 -10.53 -3.34 -42.90
N LEU C 177 -11.25 -3.20 -41.79
CA LEU C 177 -11.30 -1.93 -41.07
C LEU C 177 -10.20 -1.79 -40.03
N GLY C 178 -9.81 -2.90 -39.38
CA GLY C 178 -8.79 -2.83 -38.36
C GLY C 178 -9.27 -2.10 -37.11
N GLN C 179 -8.29 -1.75 -36.27
CA GLN C 179 -8.58 -1.09 -35.01
C GLN C 179 -7.60 0.05 -34.80
N SER C 180 -8.11 1.18 -34.33
CA SER C 180 -7.24 2.29 -33.95
C SER C 180 -6.65 2.06 -32.56
N LEU C 181 -7.50 1.76 -31.58
CA LEU C 181 -7.08 1.45 -30.23
C LEU C 181 -8.12 0.54 -29.59
N CYS C 182 -7.66 -0.55 -28.98
CA CYS C 182 -8.53 -1.50 -28.30
C CYS C 182 -8.20 -1.50 -26.82
N VAL C 183 -9.23 -1.31 -25.99
CA VAL C 183 -9.06 -1.23 -24.54
C VAL C 183 -10.03 -2.20 -23.88
N GLY C 184 -9.49 -3.12 -23.09
CA GLY C 184 -10.31 -3.97 -22.25
C GLY C 184 -10.36 -3.46 -20.84
N ILE C 185 -11.50 -2.93 -20.41
CA ILE C 185 -11.60 -2.30 -19.10
C ILE C 185 -11.81 -3.31 -17.97
N GLY C 186 -12.00 -4.59 -18.30
CA GLY C 186 -12.11 -5.62 -17.30
C GLY C 186 -13.54 -5.84 -16.83
N GLY C 187 -13.72 -6.92 -16.06
CA GLY C 187 -15.04 -7.33 -15.63
C GLY C 187 -15.26 -7.22 -14.13
N ASP C 188 -14.46 -6.35 -13.45
CA ASP C 188 -14.66 -6.14 -12.03
C ASP C 188 -15.48 -4.88 -11.78
N PRO C 189 -16.24 -4.83 -10.67
CA PRO C 189 -17.11 -3.67 -10.45
C PRO C 189 -16.37 -2.39 -10.16
N PHE C 190 -15.20 -2.47 -9.53
CA PHE C 190 -14.39 -1.30 -9.19
C PHE C 190 -13.10 -1.35 -10.01
N ASN C 191 -12.98 -0.44 -10.97
CA ASN C 191 -11.86 -0.42 -11.90
C ASN C 191 -11.46 1.04 -12.15
N GLY C 192 -10.31 1.20 -12.80
CA GLY C 192 -9.77 2.53 -13.06
C GLY C 192 -10.24 3.19 -14.33
N THR C 193 -10.85 2.44 -15.24
CA THR C 193 -11.30 2.98 -16.52
C THR C 193 -12.63 2.34 -16.88
N ASP C 194 -13.61 3.17 -17.22
CA ASP C 194 -14.94 2.72 -17.59
C ASP C 194 -15.18 2.99 -19.07
N PHE C 195 -16.40 2.66 -19.52
CA PHE C 195 -16.76 2.87 -20.91
C PHE C 195 -16.58 4.32 -21.31
N THR C 196 -17.13 5.26 -20.53
CA THR C 196 -17.11 6.66 -20.92
C THR C 196 -15.69 7.17 -21.08
N ASP C 197 -14.77 6.73 -20.22
CA ASP C 197 -13.38 7.16 -20.34
C ASP C 197 -12.83 6.81 -21.72
N CYS C 198 -13.10 5.59 -22.19
CA CYS C 198 -12.62 5.20 -23.50
C CYS C 198 -13.41 5.88 -24.61
N LEU C 199 -14.72 6.03 -24.42
CA LEU C 199 -15.54 6.68 -25.44
C LEU C 199 -15.11 8.13 -25.63
N GLU C 200 -14.70 8.80 -24.55
CA GLU C 200 -14.19 10.17 -24.68
C GLU C 200 -12.98 10.21 -25.61
N ILE C 201 -12.03 9.28 -25.41
CA ILE C 201 -10.85 9.25 -26.27
C ILE C 201 -11.25 8.89 -27.69
N PHE C 202 -12.16 7.93 -27.85
CA PHE C 202 -12.57 7.53 -29.19
C PHE C 202 -13.21 8.69 -29.94
N LEU C 203 -14.17 9.37 -29.31
CA LEU C 203 -14.87 10.46 -29.98
C LEU C 203 -13.96 11.64 -30.29
N ASN C 204 -12.81 11.74 -29.61
CA ASN C 204 -11.86 12.82 -29.84
C ASN C 204 -10.61 12.35 -30.57
N ASP C 205 -10.58 11.09 -31.00
CA ASP C 205 -9.43 10.56 -31.73
C ASP C 205 -9.72 10.62 -33.22
N PRO C 206 -9.00 11.42 -34.01
CA PRO C 206 -9.22 11.38 -35.47
C PRO C 206 -9.05 9.99 -36.06
N ALA C 207 -8.05 9.24 -35.60
CA ALA C 207 -7.81 7.90 -36.13
C ALA C 207 -8.98 6.97 -35.86
N THR C 208 -9.81 7.26 -34.86
CA THR C 208 -10.96 6.43 -34.53
C THR C 208 -12.19 6.99 -35.25
N GLU C 209 -12.63 6.30 -36.30
CA GLU C 209 -13.82 6.70 -37.05
C GLU C 209 -15.06 5.91 -36.67
N GLY C 210 -14.89 4.65 -36.27
CA GLY C 210 -15.99 3.85 -35.75
C GLY C 210 -15.69 3.35 -34.35
N ILE C 211 -16.71 2.89 -33.64
CA ILE C 211 -16.56 2.42 -32.27
C ILE C 211 -17.34 1.13 -32.08
N ILE C 212 -16.73 0.17 -31.40
CA ILE C 212 -17.40 -1.07 -30.99
C ILE C 212 -17.30 -1.16 -29.48
N LEU C 213 -18.44 -1.38 -28.83
CA LEU C 213 -18.53 -1.49 -27.37
C LEU C 213 -19.04 -2.88 -27.01
N ILE C 214 -18.21 -3.65 -26.30
CA ILE C 214 -18.57 -4.99 -25.87
C ILE C 214 -18.94 -4.93 -24.39
N GLY C 215 -20.13 -5.42 -24.07
CA GLY C 215 -20.59 -5.43 -22.69
C GLY C 215 -21.18 -6.78 -22.32
N GLU C 216 -21.95 -6.80 -21.22
CA GLU C 216 -22.56 -8.03 -20.74
C GLU C 216 -23.48 -7.68 -19.58
N ILE C 217 -24.21 -8.67 -19.10
CA ILE C 217 -25.16 -8.44 -18.01
C ILE C 217 -24.42 -7.99 -16.76
N GLY C 218 -25.15 -7.31 -15.89
CA GLY C 218 -24.64 -6.88 -14.60
C GLY C 218 -24.39 -5.38 -14.56
N GLY C 219 -24.66 -4.78 -13.40
CA GLY C 219 -24.37 -3.38 -13.21
C GLY C 219 -25.12 -2.49 -14.21
N ASN C 220 -24.61 -1.26 -14.33
CA ASN C 220 -25.18 -0.28 -15.24
C ASN C 220 -24.10 0.42 -16.06
N ALA C 221 -22.94 -0.21 -16.24
CA ALA C 221 -21.87 0.40 -17.02
C ALA C 221 -22.32 0.66 -18.44
N GLU C 222 -22.96 -0.34 -19.07
CA GLU C 222 -23.44 -0.16 -20.43
C GLU C 222 -24.46 0.97 -20.51
N GLU C 223 -25.33 1.07 -19.50
CA GLU C 223 -26.30 2.16 -19.45
C GLU C 223 -25.59 3.51 -19.40
N ASN C 224 -24.57 3.62 -18.54
CA ASN C 224 -23.83 4.88 -18.44
C ASN C 224 -23.17 5.22 -19.77
N ALA C 225 -22.63 4.22 -20.47
CA ALA C 225 -22.06 4.47 -21.79
C ALA C 225 -23.12 5.01 -22.74
N ALA C 226 -24.35 4.49 -22.64
CA ALA C 226 -25.42 4.97 -23.52
C ALA C 226 -25.71 6.45 -23.26
N GLU C 227 -25.94 6.82 -22.00
CA GLU C 227 -26.20 8.22 -21.66
C GLU C 227 -25.08 9.12 -22.15
N PHE C 228 -23.82 8.66 -22.04
CA PHE C 228 -22.70 9.47 -22.51
C PHE C 228 -22.80 9.75 -24.00
N LEU C 229 -23.14 8.73 -24.78
CA LEU C 229 -23.22 8.93 -26.22
C LEU C 229 -24.37 9.86 -26.59
N LYS C 230 -25.47 9.83 -25.83
CA LYS C 230 -26.59 10.72 -26.12
C LYS C 230 -26.14 12.17 -26.16
N GLN C 231 -25.28 12.58 -25.22
CA GLN C 231 -24.86 13.97 -25.12
C GLN C 231 -23.69 14.30 -26.05
N HIS C 232 -22.68 13.43 -26.08
CA HIS C 232 -21.44 13.76 -26.78
C HIS C 232 -21.41 13.27 -28.22
N ASN C 233 -22.13 12.20 -28.54
CA ASN C 233 -22.07 11.64 -29.89
C ASN C 233 -23.21 12.11 -30.78
N SER C 234 -24.35 12.52 -30.22
CA SER C 234 -25.45 13.02 -31.02
C SER C 234 -25.09 14.39 -31.58
N GLY C 235 -24.88 14.45 -32.89
CA GLY C 235 -24.51 15.68 -33.54
C GLY C 235 -24.14 15.47 -34.99
N PRO C 236 -23.59 16.50 -35.63
CA PRO C 236 -23.22 16.38 -37.05
C PRO C 236 -22.09 15.39 -37.27
N LYS C 237 -21.04 15.48 -36.46
CA LYS C 237 -19.90 14.56 -36.54
C LYS C 237 -20.13 13.30 -35.73
N SER C 238 -21.34 12.75 -35.77
CA SER C 238 -21.63 11.52 -35.07
C SER C 238 -20.84 10.36 -35.67
N LYS C 239 -20.17 9.59 -34.80
CA LYS C 239 -19.42 8.43 -35.23
C LYS C 239 -20.25 7.16 -35.05
N PRO C 240 -20.24 6.25 -36.02
CA PRO C 240 -21.02 5.01 -35.85
C PRO C 240 -20.53 4.21 -34.66
N VAL C 241 -21.48 3.68 -33.89
CA VAL C 241 -21.18 2.87 -32.72
C VAL C 241 -21.94 1.55 -32.83
N VAL C 242 -21.21 0.44 -32.74
CA VAL C 242 -21.80 -0.89 -32.76
C VAL C 242 -21.53 -1.53 -31.40
N SER C 243 -22.40 -2.45 -31.00
CA SER C 243 -22.27 -3.08 -29.71
C SER C 243 -22.91 -4.46 -29.72
N PHE C 244 -22.41 -5.32 -28.84
CA PHE C 244 -23.03 -6.61 -28.53
C PHE C 244 -23.01 -6.77 -27.02
N ILE C 245 -24.14 -7.16 -26.45
CA ILE C 245 -24.29 -7.34 -25.01
C ILE C 245 -24.47 -8.83 -24.75
N ALA C 246 -23.46 -9.44 -24.12
CA ALA C 246 -23.52 -10.86 -23.84
C ALA C 246 -24.48 -11.16 -22.70
N GLY C 247 -25.04 -12.36 -22.71
CA GLY C 247 -25.94 -12.80 -21.67
C GLY C 247 -27.39 -12.46 -21.88
N LEU C 248 -27.81 -12.15 -23.11
CA LEU C 248 -29.21 -11.88 -23.36
C LEU C 248 -30.07 -13.08 -23.00
N THR C 249 -29.54 -14.28 -23.16
CA THR C 249 -30.24 -15.52 -22.84
C THR C 249 -29.82 -16.09 -21.49
N ALA C 250 -29.09 -15.31 -20.70
CA ALA C 250 -28.67 -15.79 -19.39
C ALA C 250 -29.87 -15.90 -18.46
N PRO C 251 -29.87 -16.87 -17.54
CA PRO C 251 -31.01 -17.02 -16.63
C PRO C 251 -30.89 -16.06 -15.46
N PRO C 252 -32.03 -15.72 -14.83
CA PRO C 252 -31.98 -14.77 -13.71
C PRO C 252 -31.14 -15.29 -12.54
N GLY C 253 -30.01 -14.64 -12.29
CA GLY C 253 -29.12 -15.04 -11.21
C GLY C 253 -29.78 -14.95 -9.85
N HIS C 258 -32.23 -7.10 -4.16
CA HIS C 258 -32.91 -5.97 -3.55
C HIS C 258 -32.03 -4.72 -3.57
N ALA C 259 -31.00 -4.71 -2.72
CA ALA C 259 -30.15 -3.52 -2.61
C ALA C 259 -29.40 -3.26 -3.90
N GLY C 260 -28.87 -4.31 -4.53
CA GLY C 260 -28.11 -4.12 -5.76
C GLY C 260 -28.96 -3.52 -6.87
N ALA C 261 -30.21 -3.95 -6.99
CA ALA C 261 -31.07 -3.40 -8.03
C ALA C 261 -31.41 -1.94 -7.77
N ILE C 262 -31.47 -1.54 -6.50
CA ILE C 262 -31.74 -0.15 -6.14
C ILE C 262 -30.52 0.68 -6.45
N ILE C 263 -30.58 1.46 -7.54
CA ILE C 263 -29.48 2.32 -7.92
C ILE C 263 -30.00 3.67 -8.42
N GLY C 268 -30.29 -5.23 -13.61
CA GLY C 268 -29.55 -4.77 -14.77
C GLY C 268 -29.36 -5.85 -15.81
N GLY C 269 -30.47 -6.26 -16.43
CA GLY C 269 -30.43 -7.29 -17.44
C GLY C 269 -29.93 -6.78 -18.78
N ALA C 270 -29.76 -7.74 -19.71
CA ALA C 270 -29.29 -7.38 -21.05
C ALA C 270 -30.31 -6.52 -21.77
N LYS C 271 -31.56 -6.98 -21.86
CA LYS C 271 -32.59 -6.26 -22.59
C LYS C 271 -32.56 -4.77 -22.32
N GLU C 272 -32.46 -4.38 -21.05
CA GLU C 272 -32.41 -2.96 -20.72
C GLU C 272 -31.14 -2.33 -21.28
N LYS C 273 -30.03 -3.06 -21.28
CA LYS C 273 -28.79 -2.52 -21.82
C LYS C 273 -28.88 -2.34 -23.33
N ILE C 274 -29.33 -3.37 -24.05
CA ILE C 274 -29.49 -3.27 -25.50
C ILE C 274 -30.44 -2.13 -25.84
N THR C 275 -31.58 -2.07 -25.16
CA THR C 275 -32.58 -1.06 -25.47
C THR C 275 -32.05 0.35 -25.19
N ALA C 276 -31.22 0.50 -24.16
CA ALA C 276 -30.70 1.82 -23.83
C ALA C 276 -29.67 2.29 -24.86
N LEU C 277 -28.77 1.40 -25.28
CA LEU C 277 -27.77 1.75 -26.28
C LEU C 277 -28.43 2.14 -27.59
N GLN C 278 -29.50 1.44 -27.99
CA GLN C 278 -30.18 1.75 -29.24
C GLN C 278 -30.76 3.16 -29.23
N SER C 279 -31.36 3.56 -28.11
CA SER C 279 -31.95 4.89 -28.02
C SER C 279 -30.91 5.98 -28.28
N ALA C 280 -29.65 5.72 -27.94
CA ALA C 280 -28.58 6.68 -28.18
C ALA C 280 -28.02 6.60 -29.59
N GLY C 281 -28.56 5.74 -30.44
CA GLY C 281 -28.09 5.60 -31.81
C GLY C 281 -27.13 4.46 -32.04
N VAL C 282 -26.89 3.61 -31.05
CA VAL C 282 -25.96 2.50 -31.20
C VAL C 282 -26.64 1.37 -31.94
N VAL C 283 -25.95 0.80 -32.93
CA VAL C 283 -26.44 -0.36 -33.67
C VAL C 283 -25.99 -1.60 -32.92
N VAL C 284 -26.95 -2.34 -32.38
CA VAL C 284 -26.67 -3.50 -31.53
C VAL C 284 -26.79 -4.75 -32.38
N SER C 285 -25.68 -5.44 -32.56
CA SER C 285 -25.68 -6.74 -33.22
C SER C 285 -26.14 -7.80 -32.22
N MET C 286 -27.20 -8.53 -32.55
CA MET C 286 -27.70 -9.56 -31.66
C MET C 286 -26.84 -10.81 -31.67
N SER C 287 -25.96 -10.96 -32.66
CA SER C 287 -25.09 -12.12 -32.76
C SER C 287 -23.65 -11.70 -32.49
N PRO C 288 -22.90 -12.45 -31.68
CA PRO C 288 -21.50 -12.08 -31.43
C PRO C 288 -20.60 -12.22 -32.65
N ALA C 289 -21.07 -12.86 -33.72
CA ALA C 289 -20.25 -13.11 -34.90
C ALA C 289 -20.46 -12.06 -35.99
N GLN C 290 -21.32 -11.06 -35.78
CA GLN C 290 -21.66 -10.08 -36.80
C GLN C 290 -21.23 -8.67 -36.39
N LEU C 291 -20.26 -8.53 -35.49
CA LEU C 291 -19.79 -7.20 -35.12
C LEU C 291 -19.01 -6.57 -36.26
N GLY C 292 -18.24 -7.36 -37.00
CA GLY C 292 -17.48 -6.79 -38.10
C GLY C 292 -18.35 -6.41 -39.28
N THR C 293 -19.28 -7.30 -39.66
CA THR C 293 -20.15 -7.00 -40.78
C THR C 293 -21.07 -5.84 -40.46
N THR C 294 -21.54 -5.75 -39.21
CA THR C 294 -22.46 -4.67 -38.83
C THR C 294 -21.76 -3.32 -38.91
N ILE C 295 -20.60 -3.19 -38.29
CA ILE C 295 -19.87 -1.92 -38.33
C ILE C 295 -19.45 -1.60 -39.75
N TYR C 296 -19.06 -2.62 -40.52
CA TYR C 296 -18.69 -2.40 -41.91
C TYR C 296 -19.85 -1.86 -42.71
N LYS C 297 -21.02 -2.51 -42.59
CA LYS C 297 -22.19 -2.07 -43.35
C LYS C 297 -22.69 -0.71 -42.88
N GLU C 298 -22.46 -0.37 -41.61
CA GLU C 298 -22.76 0.98 -41.15
C GLU C 298 -21.85 2.02 -41.79
N PHE C 299 -20.59 1.65 -42.05
CA PHE C 299 -19.68 2.56 -42.75
C PHE C 299 -20.17 2.85 -44.16
N GLU C 300 -20.75 1.85 -44.84
CA GLU C 300 -21.23 2.07 -46.20
C GLU C 300 -22.41 3.04 -46.23
N LYS C 301 -23.34 2.91 -45.28
CA LYS C 301 -24.47 3.83 -45.25
C LYS C 301 -24.02 5.29 -45.26
N ARG C 302 -22.94 5.58 -44.54
CA ARG C 302 -22.46 6.95 -44.34
C ARG C 302 -21.32 7.32 -45.29
N LYS C 303 -21.05 6.48 -46.29
CA LYS C 303 -20.05 6.78 -47.32
C LYS C 303 -18.66 7.03 -46.72
N MET C 304 -18.29 6.24 -45.72
CA MET C 304 -17.00 6.39 -45.06
C MET C 304 -15.93 5.45 -45.63
N LEU C 305 -16.32 4.44 -46.40
CA LEU C 305 -15.35 3.54 -47.00
C LEU C 305 -14.48 4.28 -48.00
N MET D 1 -21.23 -16.15 -2.39
CA MET D 1 -21.52 -17.30 -1.48
C MET D 1 -22.59 -16.91 -0.47
N ASN D 2 -23.44 -17.87 -0.10
CA ASN D 2 -24.55 -17.64 0.82
C ASN D 2 -24.49 -18.66 1.95
N LEU D 3 -24.79 -18.19 3.16
CA LEU D 3 -24.78 -19.00 4.37
C LEU D 3 -26.20 -19.31 4.83
N GLN D 4 -26.29 -20.26 5.76
CA GLN D 4 -27.57 -20.61 6.35
C GLN D 4 -28.08 -19.44 7.20
N GLU D 5 -29.29 -19.60 7.73
CA GLU D 5 -29.86 -18.55 8.57
C GLU D 5 -29.18 -18.52 9.93
N TYR D 6 -28.98 -19.70 10.54
CA TYR D 6 -28.35 -19.73 11.85
C TYR D 6 -26.87 -19.38 11.79
N GLN D 7 -26.28 -19.44 10.60
CA GLN D 7 -24.86 -19.10 10.46
C GLN D 7 -24.66 -17.59 10.30
N SER D 8 -25.49 -16.94 9.50
CA SER D 8 -25.39 -15.49 9.38
C SER D 8 -25.79 -14.80 10.67
N LYS D 9 -26.87 -15.28 11.31
CA LYS D 9 -27.30 -14.68 12.57
C LYS D 9 -26.21 -14.77 13.64
N LYS D 10 -25.55 -15.93 13.75
CA LYS D 10 -24.49 -16.08 14.74
C LYS D 10 -23.33 -15.14 14.42
N LEU D 11 -22.89 -15.12 13.16
CA LEU D 11 -21.79 -14.26 12.77
C LEU D 11 -22.07 -12.82 13.17
N MET D 12 -23.33 -12.41 13.05
CA MET D 12 -23.70 -11.04 13.42
C MET D 12 -23.66 -10.86 14.93
N SER D 13 -24.24 -11.81 15.66
CA SER D 13 -24.24 -11.72 17.12
C SER D 13 -22.83 -11.74 17.68
N ASP D 14 -21.96 -12.59 17.12
CA ASP D 14 -20.58 -12.65 17.58
C ASP D 14 -19.86 -11.31 17.40
N ASN D 15 -20.38 -10.42 16.57
CA ASN D 15 -19.79 -9.10 16.32
C ASN D 15 -20.66 -7.97 16.87
N GLY D 16 -21.41 -8.25 17.93
CA GLY D 16 -22.14 -7.20 18.63
C GLY D 16 -23.43 -6.78 17.99
N VAL D 17 -23.89 -7.45 16.94
CA VAL D 17 -25.14 -7.11 16.29
C VAL D 17 -26.29 -7.81 17.02
N LYS D 18 -27.33 -7.04 17.33
CA LYS D 18 -28.45 -7.55 18.11
C LYS D 18 -29.38 -8.40 17.25
N VAL D 19 -29.52 -9.67 17.61
CA VAL D 19 -30.41 -10.60 16.93
C VAL D 19 -31.21 -11.37 17.98
N GLN D 20 -32.15 -12.17 17.50
CA GLN D 20 -33.03 -12.93 18.40
C GLN D 20 -32.27 -14.13 18.94
N ARG D 21 -32.52 -14.45 20.22
CA ARG D 21 -31.93 -15.65 20.79
C ARG D 21 -32.46 -16.88 20.05
N PHE D 22 -31.55 -17.79 19.70
CA PHE D 22 -31.91 -18.96 18.92
C PHE D 22 -31.02 -20.11 19.34
N PHE D 23 -31.42 -21.33 18.95
CA PHE D 23 -30.64 -22.52 19.19
C PHE D 23 -30.75 -23.43 17.97
N VAL D 24 -29.70 -24.23 17.75
CA VAL D 24 -29.64 -25.17 16.65
C VAL D 24 -29.58 -26.57 17.24
N ALA D 25 -30.32 -27.49 16.62
CA ALA D 25 -30.41 -28.87 17.10
C ALA D 25 -30.23 -29.83 15.95
N ASP D 26 -29.50 -30.91 16.21
CA ASP D 26 -29.27 -31.95 15.21
C ASP D 26 -30.33 -33.05 15.27
N THR D 27 -31.12 -33.08 16.34
CA THR D 27 -32.16 -34.07 16.53
C THR D 27 -33.46 -33.37 16.92
N ALA D 28 -34.55 -34.15 16.96
CA ALA D 28 -35.85 -33.60 17.29
C ALA D 28 -35.99 -33.31 18.78
N ASN D 29 -35.42 -34.16 19.63
CA ASN D 29 -35.49 -33.95 21.07
C ASN D 29 -34.64 -32.75 21.49
N GLU D 30 -33.56 -32.47 20.76
CA GLU D 30 -32.75 -31.29 21.07
C GLU D 30 -33.50 -30.01 20.72
N ALA D 31 -34.38 -30.05 19.72
CA ALA D 31 -35.25 -28.92 19.47
C ALA D 31 -36.23 -28.69 20.62
N LEU D 32 -36.61 -29.77 21.30
CA LEU D 32 -37.44 -29.64 22.50
C LEU D 32 -36.63 -29.11 23.67
N GLU D 33 -35.37 -29.53 23.80
CA GLU D 33 -34.52 -29.02 24.87
C GLU D 33 -34.34 -27.51 24.77
N ALA D 34 -34.32 -26.98 23.54
CA ALA D 34 -34.15 -25.55 23.33
C ALA D 34 -35.47 -24.78 23.38
N ALA D 35 -36.54 -25.35 22.82
CA ALA D 35 -37.83 -24.66 22.82
C ALA D 35 -38.24 -24.25 24.22
N LYS D 36 -38.05 -25.13 25.21
CA LYS D 36 -38.32 -24.75 26.59
C LYS D 36 -37.25 -23.83 27.14
N ARG D 37 -36.02 -23.96 26.65
CA ARG D 37 -34.92 -23.11 27.09
C ARG D 37 -35.02 -21.68 26.57
N LEU D 38 -35.88 -21.43 25.57
CA LEU D 38 -35.97 -20.10 24.98
C LEU D 38 -36.76 -19.14 25.87
N ASN D 39 -37.79 -19.64 26.55
CA ASN D 39 -38.60 -18.83 27.46
C ASN D 39 -39.46 -17.83 26.70
N ALA D 40 -39.95 -18.22 25.52
CA ALA D 40 -40.58 -17.27 24.61
C ALA D 40 -42.09 -17.28 24.75
N LYS D 41 -42.69 -16.09 24.61
CA LYS D 41 -44.14 -16.00 24.52
C LYS D 41 -44.67 -16.51 23.18
N GLU D 42 -43.84 -16.50 22.15
CA GLU D 42 -44.25 -16.98 20.82
C GLU D 42 -43.05 -17.42 20.02
N LYS D 46 -37.70 -23.49 12.72
CA LYS D 46 -37.25 -23.02 11.42
C LYS D 46 -36.24 -24.01 10.81
N ALA D 47 -36.67 -24.72 9.77
CA ALA D 47 -35.77 -25.63 9.07
C ALA D 47 -34.64 -24.85 8.41
N GLN D 48 -33.43 -25.42 8.45
CA GLN D 48 -32.25 -24.74 7.95
C GLN D 48 -31.95 -25.24 6.53
N ILE D 49 -32.43 -24.50 5.54
CA ILE D 49 -32.08 -24.71 4.14
C ILE D 49 -31.78 -23.34 3.53
N LEU D 50 -30.83 -23.33 2.60
CA LEU D 50 -30.38 -22.09 1.97
C LEU D 50 -31.40 -21.47 1.02
N ALA D 51 -32.53 -22.13 0.77
CA ALA D 51 -33.53 -21.57 -0.14
C ALA D 51 -34.55 -20.74 0.62
N GLY D 52 -35.21 -19.83 -0.11
CA GLY D 52 -36.19 -18.94 0.47
C GLY D 52 -37.62 -19.30 0.16
N GLY D 53 -38.16 -20.31 0.85
CA GLY D 53 -39.53 -20.71 0.64
C GLY D 53 -39.99 -21.75 1.65
N ARG D 54 -39.39 -21.73 2.83
CA ARG D 54 -39.72 -22.72 3.85
C ARG D 54 -41.13 -22.54 4.39
N GLY D 55 -41.63 -21.30 4.41
CA GLY D 55 -42.97 -21.06 4.94
C GLY D 55 -44.02 -21.90 4.26
N LYS D 56 -44.06 -21.85 2.92
CA LYS D 56 -45.04 -22.56 2.13
C LYS D 56 -44.44 -23.83 1.50
N GLY D 57 -43.53 -24.48 2.20
CA GLY D 57 -42.91 -25.71 1.74
C GLY D 57 -43.38 -26.92 2.53
N VAL D 58 -43.38 -28.08 1.89
CA VAL D 58 -43.84 -29.33 2.49
C VAL D 58 -42.65 -30.28 2.61
N PHE D 59 -42.59 -31.00 3.72
CA PHE D 59 -41.54 -31.99 3.94
C PHE D 59 -41.96 -33.34 3.37
N SER D 60 -41.01 -34.27 3.35
CA SER D 60 -41.27 -35.65 2.92
C SER D 60 -41.88 -36.50 4.01
N SER D 61 -42.29 -35.89 5.13
CA SER D 61 -42.92 -36.60 6.22
C SER D 61 -44.40 -36.27 6.38
N GLY D 62 -44.88 -35.22 5.73
CA GLY D 62 -46.27 -34.80 5.81
C GLY D 62 -46.47 -33.41 6.39
N LEU D 63 -45.49 -32.88 7.11
CA LEU D 63 -45.62 -31.54 7.66
C LEU D 63 -45.54 -30.51 6.54
N LYS D 64 -46.59 -29.72 6.37
CA LYS D 64 -46.64 -28.73 5.30
C LYS D 64 -46.35 -27.34 5.88
N GLY D 65 -45.08 -27.15 6.25
CA GLY D 65 -44.63 -25.88 6.76
C GLY D 65 -43.34 -25.97 7.55
N GLY D 66 -42.32 -25.26 7.10
CA GLY D 66 -41.07 -25.16 7.83
C GLY D 66 -41.15 -24.25 9.03
N VAL D 75 -44.55 -28.60 21.41
CA VAL D 75 -44.96 -28.69 20.01
C VAL D 75 -43.74 -28.58 19.10
N VAL D 76 -42.62 -28.12 19.66
CA VAL D 76 -41.38 -28.04 18.88
C VAL D 76 -40.81 -29.44 18.66
N GLY D 77 -40.78 -30.26 19.71
CA GLY D 77 -40.34 -31.64 19.55
C GLY D 77 -41.23 -32.42 18.60
N GLN D 78 -42.51 -32.07 18.54
CA GLN D 78 -43.42 -32.72 17.60
C GLN D 78 -43.11 -32.31 16.16
N LEU D 79 -42.94 -31.01 15.94
CA LEU D 79 -42.64 -30.52 14.60
C LEU D 79 -41.20 -30.86 14.20
N ALA D 80 -40.27 -30.84 15.16
CA ALA D 80 -38.88 -31.14 14.84
C ALA D 80 -38.71 -32.58 14.38
N LYS D 81 -39.46 -33.51 14.95
CA LYS D 81 -39.41 -34.89 14.50
C LYS D 81 -39.94 -35.06 13.08
N GLN D 82 -40.79 -34.13 12.63
CA GLN D 82 -41.30 -34.12 11.26
C GLN D 82 -40.46 -33.24 10.35
N MET D 83 -39.25 -32.86 10.79
CA MET D 83 -38.38 -31.99 10.01
C MET D 83 -36.99 -32.60 9.90
N ILE D 84 -36.39 -32.95 11.04
CA ILE D 84 -35.01 -33.43 11.05
C ILE D 84 -34.92 -34.72 10.25
N GLY D 85 -33.99 -34.75 9.30
CA GLY D 85 -33.72 -35.92 8.50
C GLY D 85 -34.48 -36.01 7.19
N TYR D 86 -35.60 -35.28 7.07
CA TYR D 86 -36.42 -35.32 5.87
C TYR D 86 -36.05 -34.21 4.89
N ASN D 87 -36.38 -34.44 3.62
CA ASN D 87 -36.16 -33.46 2.58
C ASN D 87 -37.24 -32.37 2.63
N LEU D 88 -36.82 -31.12 2.54
CA LEU D 88 -37.72 -29.97 2.54
C LEU D 88 -37.78 -29.38 1.13
N ALA D 89 -38.90 -29.62 0.45
CA ALA D 89 -39.12 -29.11 -0.90
C ALA D 89 -39.89 -27.80 -0.82
N THR D 90 -39.26 -26.71 -1.25
CA THR D 90 -39.85 -25.38 -1.19
C THR D 90 -40.03 -24.82 -2.60
N LYS D 91 -40.33 -23.52 -2.68
CA LYS D 91 -40.60 -22.90 -3.97
C LYS D 91 -39.39 -22.87 -4.87
N GLN D 92 -38.19 -22.78 -4.30
CA GLN D 92 -36.96 -22.62 -5.07
C GLN D 92 -35.96 -23.75 -4.83
N THR D 93 -36.45 -24.91 -4.39
CA THR D 93 -35.62 -26.09 -4.24
C THR D 93 -36.07 -27.17 -5.21
N PRO D 94 -35.21 -28.13 -5.53
CA PRO D 94 -35.64 -29.24 -6.38
C PRO D 94 -36.82 -29.97 -5.76
N LYS D 95 -37.67 -30.53 -6.63
CA LYS D 95 -38.85 -31.24 -6.17
C LYS D 95 -38.50 -32.40 -5.23
N GLU D 96 -37.26 -32.87 -5.26
CA GLU D 96 -36.84 -33.89 -4.31
C GLU D 96 -36.64 -33.31 -2.91
N GLY D 97 -36.39 -32.00 -2.82
CA GLY D 97 -36.23 -31.34 -1.54
C GLY D 97 -34.78 -31.21 -1.13
N VAL D 98 -34.60 -30.64 0.06
CA VAL D 98 -33.28 -30.44 0.64
C VAL D 98 -33.29 -31.11 2.02
N LYS D 99 -32.36 -32.04 2.23
CA LYS D 99 -32.33 -32.76 3.50
C LYS D 99 -32.04 -31.79 4.64
N VAL D 100 -32.89 -31.83 5.67
CA VAL D 100 -32.76 -30.95 6.82
C VAL D 100 -32.08 -31.73 7.93
N ASN D 101 -30.81 -31.41 8.20
CA ASN D 101 -30.06 -32.04 9.27
C ASN D 101 -30.05 -31.21 10.55
N LYS D 102 -30.34 -29.92 10.46
CA LYS D 102 -30.35 -29.03 11.61
C LYS D 102 -31.59 -28.14 11.52
N VAL D 103 -32.02 -27.64 12.67
CA VAL D 103 -33.19 -26.76 12.74
C VAL D 103 -32.92 -25.65 13.74
N MET D 104 -33.56 -24.50 13.50
CA MET D 104 -33.39 -23.32 14.35
C MET D 104 -34.74 -22.98 14.98
N VAL D 105 -34.77 -22.97 16.31
CA VAL D 105 -35.91 -22.50 17.08
C VAL D 105 -35.49 -21.23 17.80
N ALA D 106 -36.16 -20.11 17.49
CA ALA D 106 -35.74 -18.81 17.99
C ALA D 106 -36.90 -18.11 18.67
N GLU D 107 -36.56 -17.31 19.68
CA GLU D 107 -37.52 -16.50 20.43
C GLU D 107 -38.13 -15.43 19.53
N ALA D 108 -39.37 -15.64 19.11
CA ALA D 108 -40.06 -14.62 18.32
C ALA D 108 -40.28 -13.38 19.19
N LEU D 109 -40.12 -12.22 18.56
CA LEU D 109 -40.30 -10.95 19.24
C LEU D 109 -41.41 -10.15 18.58
N ASP D 110 -42.03 -9.26 19.36
CA ASP D 110 -43.02 -8.35 18.81
C ASP D 110 -42.33 -7.26 18.00
N ILE D 111 -42.96 -6.87 16.90
CA ILE D 111 -42.38 -5.92 15.95
C ILE D 111 -43.28 -4.69 15.91
N SER D 112 -42.82 -3.60 16.53
CA SER D 112 -43.57 -2.36 16.48
C SER D 112 -43.43 -1.66 15.14
N ARG D 113 -42.29 -1.83 14.46
CA ARG D 113 -42.00 -1.12 13.23
C ARG D 113 -40.95 -1.88 12.45
N GLU D 114 -41.14 -1.97 11.14
CA GLU D 114 -40.21 -2.65 10.25
C GLU D 114 -39.53 -1.63 9.35
N THR D 115 -38.20 -1.69 9.30
CA THR D 115 -37.42 -0.83 8.43
C THR D 115 -36.44 -1.68 7.62
N TYR D 116 -35.92 -1.08 6.55
CA TYR D 116 -34.98 -1.74 5.64
C TYR D 116 -33.62 -1.06 5.75
N LEU D 117 -32.57 -1.88 5.81
CA LEU D 117 -31.21 -1.36 5.89
C LEU D 117 -30.28 -2.32 5.15
N ALA D 118 -29.35 -1.76 4.39
CA ALA D 118 -28.41 -2.58 3.63
C ALA D 118 -27.08 -1.85 3.54
N ILE D 119 -26.00 -2.63 3.55
CA ILE D 119 -24.65 -2.12 3.37
C ILE D 119 -24.02 -2.90 2.23
N LEU D 120 -23.47 -2.19 1.25
CA LEU D 120 -22.89 -2.84 0.08
C LEU D 120 -21.90 -1.92 -0.59
N MET D 121 -21.02 -2.53 -1.38
CA MET D 121 -20.15 -1.79 -2.28
C MET D 121 -20.92 -1.46 -3.55
N ASP D 122 -20.97 -0.19 -3.91
CA ASP D 122 -21.69 0.26 -5.09
C ASP D 122 -20.76 1.05 -5.99
N ARG D 123 -20.72 0.68 -7.28
CA ARG D 123 -19.83 1.34 -8.22
C ARG D 123 -20.15 2.83 -8.33
N SER D 124 -21.43 3.16 -8.53
CA SER D 124 -21.81 4.56 -8.69
C SER D 124 -21.43 5.38 -7.47
N CYS D 125 -21.69 4.85 -6.28
CA CYS D 125 -21.33 5.53 -5.05
C CYS D 125 -19.85 5.42 -4.73
N ASN D 126 -19.08 4.70 -5.54
CA ASN D 126 -17.63 4.58 -5.37
C ASN D 126 -17.28 4.15 -3.96
N GLY D 127 -17.66 2.91 -3.64
CA GLY D 127 -17.33 2.32 -2.37
C GLY D 127 -18.54 1.95 -1.54
N PRO D 128 -18.36 1.77 -0.24
CA PRO D 128 -19.48 1.36 0.61
C PRO D 128 -20.55 2.43 0.68
N VAL D 129 -21.79 2.00 0.86
CA VAL D 129 -22.93 2.89 0.98
C VAL D 129 -23.97 2.24 1.86
N LEU D 130 -24.53 3.01 2.79
CA LEU D 130 -25.66 2.56 3.58
C LEU D 130 -26.93 2.83 2.79
N VAL D 131 -27.73 1.79 2.57
CA VAL D 131 -29.00 1.90 1.86
C VAL D 131 -30.10 1.44 2.82
N GLY D 132 -31.01 2.34 3.15
CA GLY D 132 -32.08 2.02 4.07
C GLY D 132 -33.35 2.74 3.71
N SER D 133 -34.46 2.21 4.22
CA SER D 133 -35.76 2.80 4.01
C SER D 133 -36.63 2.51 5.22
N PRO D 134 -37.44 3.48 5.68
CA PRO D 134 -38.38 3.18 6.77
C PRO D 134 -39.48 2.22 6.37
N GLN D 135 -39.81 2.14 5.07
CA GLN D 135 -40.83 1.22 4.59
C GLN D 135 -40.22 -0.16 4.36
N GLY D 136 -39.88 -0.80 5.48
CA GLY D 136 -39.25 -2.11 5.46
C GLY D 136 -40.25 -3.24 5.65
N GLY D 137 -39.70 -4.46 5.66
CA GLY D 137 -40.48 -5.66 5.89
C GLY D 137 -41.21 -6.19 4.67
N VAL D 138 -41.55 -5.32 3.73
CA VAL D 138 -42.27 -5.71 2.52
C VAL D 138 -41.33 -5.59 1.34
N ASP D 139 -41.87 -5.71 0.12
CA ASP D 139 -41.05 -5.59 -1.08
C ASP D 139 -40.33 -4.24 -1.07
N ILE D 140 -39.01 -4.29 -1.06
CA ILE D 140 -38.22 -3.06 -1.05
C ILE D 140 -38.02 -2.54 -2.46
N GLU D 141 -37.91 -3.43 -3.46
CA GLU D 141 -37.83 -2.98 -4.83
C GLU D 141 -39.16 -2.38 -5.28
N GLU D 142 -40.26 -2.80 -4.66
CA GLU D 142 -41.57 -2.24 -4.99
C GLU D 142 -41.67 -0.80 -4.51
N VAL D 143 -41.33 -0.55 -3.23
CA VAL D 143 -41.40 0.80 -2.71
C VAL D 143 -40.29 1.67 -3.30
N ALA D 144 -39.14 1.06 -3.64
CA ALA D 144 -38.08 1.82 -4.28
C ALA D 144 -38.53 2.37 -5.62
N ALA D 145 -39.38 1.62 -6.33
CA ALA D 145 -39.91 2.10 -7.61
C ALA D 145 -41.08 3.03 -7.39
N SER D 146 -41.98 2.70 -6.46
CA SER D 146 -43.15 3.54 -6.22
C SER D 146 -42.72 4.90 -5.66
N ASN D 147 -42.02 4.90 -4.54
CA ASN D 147 -41.58 6.12 -3.86
C ASN D 147 -40.07 6.11 -3.76
N PRO D 148 -39.35 6.59 -4.77
CA PRO D 148 -37.88 6.64 -4.67
C PRO D 148 -37.38 7.53 -3.54
N GLU D 149 -38.14 8.56 -3.16
CA GLU D 149 -37.68 9.49 -2.13
C GLU D 149 -37.57 8.84 -0.76
N LEU D 150 -38.24 7.71 -0.54
CA LEU D 150 -38.18 7.00 0.73
C LEU D 150 -37.02 6.03 0.80
N ILE D 151 -36.12 6.07 -0.17
CA ILE D 151 -34.89 5.28 -0.14
C ILE D 151 -33.76 6.27 0.15
N PHE D 152 -33.01 6.00 1.22
CA PHE D 152 -31.94 6.86 1.67
C PHE D 152 -30.59 6.18 1.49
N LYS D 153 -29.61 6.94 1.04
CA LYS D 153 -28.26 6.45 0.80
C LYS D 153 -27.27 7.29 1.59
N GLU D 154 -26.25 6.64 2.15
CA GLU D 154 -25.23 7.31 2.94
C GLU D 154 -23.88 6.75 2.50
N GLN D 155 -23.18 7.50 1.66
CA GLN D 155 -21.89 7.05 1.15
C GLN D 155 -20.84 7.10 2.27
N ILE D 156 -20.18 5.96 2.49
CA ILE D 156 -19.20 5.81 3.57
C ILE D 156 -17.81 5.91 2.97
N ASP D 157 -16.95 6.69 3.60
CA ASP D 157 -15.56 6.83 3.16
C ASP D 157 -14.77 5.61 3.65
N ILE D 158 -14.27 4.80 2.71
CA ILE D 158 -13.62 3.55 3.07
C ILE D 158 -12.45 3.79 4.02
N ILE D 159 -11.77 4.94 3.89
CA ILE D 159 -10.60 5.23 4.71
C ILE D 159 -11.01 5.69 6.10
N GLU D 160 -11.86 6.72 6.16
CA GLU D 160 -12.28 7.26 7.45
C GLU D 160 -13.18 6.29 8.21
N GLY D 161 -13.93 5.46 7.49
CA GLY D 161 -14.91 4.60 8.12
C GLY D 161 -16.22 5.33 8.36
N ILE D 162 -17.14 4.62 8.99
CA ILE D 162 -18.46 5.18 9.27
C ILE D 162 -18.36 6.11 10.47
N LYS D 163 -18.83 7.34 10.30
CA LYS D 163 -18.84 8.34 11.36
C LYS D 163 -20.19 8.35 12.06
N ASP D 164 -20.20 8.93 13.26
CA ASP D 164 -21.45 9.01 14.02
C ASP D 164 -22.50 9.81 13.26
N SER D 165 -22.10 10.92 12.64
CA SER D 165 -23.05 11.75 11.92
C SER D 165 -23.77 10.98 10.83
N GLN D 166 -23.11 9.99 10.23
CA GLN D 166 -23.74 9.20 9.17
C GLN D 166 -24.70 8.18 9.75
N ALA D 167 -24.27 7.46 10.79
CA ALA D 167 -25.15 6.47 11.42
C ALA D 167 -26.35 7.15 12.07
N GLN D 168 -26.15 8.30 12.72
CA GLN D 168 -27.25 9.00 13.34
C GLN D 168 -28.25 9.50 12.29
N ARG D 169 -27.75 10.04 11.19
CA ARG D 169 -28.63 10.54 10.13
C ARG D 169 -29.43 9.41 9.51
N MET D 170 -28.77 8.29 9.19
CA MET D 170 -29.48 7.16 8.61
C MET D 170 -30.54 6.64 9.56
N ALA D 171 -30.18 6.49 10.85
CA ALA D 171 -31.16 6.03 11.83
C ALA D 171 -32.37 6.95 11.90
N GLU D 172 -32.16 8.26 11.71
CA GLU D 172 -33.28 9.19 11.76
C GLU D 172 -34.15 9.06 10.52
N ASN D 173 -33.53 8.89 9.34
CA ASN D 173 -34.31 8.71 8.12
C ASN D 173 -35.08 7.40 8.15
N LEU D 174 -34.56 6.38 8.83
CA LEU D 174 -35.28 5.12 8.97
C LEU D 174 -36.44 5.22 9.95
N GLY D 175 -36.56 6.33 10.68
CA GLY D 175 -37.64 6.52 11.61
C GLY D 175 -37.34 6.15 13.05
N PHE D 176 -36.07 5.92 13.39
CA PHE D 176 -35.69 5.61 14.77
C PHE D 176 -35.59 6.92 15.54
N LEU D 177 -36.55 7.16 16.43
CA LEU D 177 -36.65 8.39 17.19
C LEU D 177 -36.28 8.14 18.65
N GLY D 178 -36.12 9.23 19.39
CA GLY D 178 -35.83 9.17 20.80
C GLY D 178 -34.56 8.39 21.08
N PRO D 179 -34.50 7.73 22.24
CA PRO D 179 -33.30 6.95 22.59
C PRO D 179 -33.00 5.84 21.60
N LEU D 180 -33.95 5.47 20.74
CA LEU D 180 -33.73 4.41 19.77
C LEU D 180 -32.88 4.88 18.60
N GLN D 181 -32.74 6.20 18.41
CA GLN D 181 -31.91 6.70 17.33
C GLN D 181 -30.45 6.32 17.53
N ASN D 182 -29.89 6.62 18.71
CA ASN D 182 -28.50 6.26 18.98
C ASN D 182 -28.33 4.75 19.06
N GLN D 183 -29.37 4.02 19.51
CA GLN D 183 -29.26 2.57 19.55
C GLN D 183 -29.20 1.97 18.16
N ALA D 184 -30.05 2.45 17.25
CA ALA D 184 -30.00 1.99 15.86
C ALA D 184 -28.71 2.44 15.21
N ALA D 185 -28.34 3.71 15.37
CA ALA D 185 -27.08 4.19 14.81
C ALA D 185 -25.91 3.38 15.29
N ASP D 186 -25.95 2.90 16.54
CA ASP D 186 -24.87 2.07 17.03
C ASP D 186 -24.89 0.68 16.40
N GLN D 187 -26.07 0.19 16.05
CA GLN D 187 -26.16 -1.09 15.34
C GLN D 187 -25.72 -0.94 13.89
N ILE D 188 -26.02 0.22 13.28
CA ILE D 188 -25.55 0.47 11.92
C ILE D 188 -24.03 0.42 11.87
N LYS D 189 -23.37 1.00 12.87
CA LYS D 189 -21.91 0.98 12.92
C LYS D 189 -21.39 -0.45 13.00
N LYS D 190 -21.94 -1.24 13.92
CA LYS D 190 -21.48 -2.62 14.07
C LYS D 190 -21.78 -3.45 12.83
N LEU D 191 -22.82 -3.09 12.08
CA LEU D 191 -23.10 -3.78 10.83
C LEU D 191 -22.05 -3.43 9.78
N TYR D 192 -21.72 -2.15 9.65
CA TYR D 192 -20.71 -1.74 8.69
C TYR D 192 -19.35 -2.38 9.01
N ASN D 193 -18.98 -2.37 10.29
CA ASN D 193 -17.73 -3.03 10.67
C ASN D 193 -17.75 -4.51 10.33
N LEU D 194 -18.88 -5.17 10.59
CA LEU D 194 -19.03 -6.57 10.17
C LEU D 194 -18.94 -6.67 8.66
N PHE D 195 -19.61 -5.77 7.94
CA PHE D 195 -19.58 -5.79 6.48
C PHE D 195 -18.15 -5.81 5.95
N LEU D 196 -17.26 -4.99 6.52
CA LEU D 196 -15.89 -4.94 6.04
C LEU D 196 -15.07 -6.13 6.53
N LYS D 197 -15.31 -6.58 7.76
CA LYS D 197 -14.49 -7.65 8.34
C LYS D 197 -14.63 -8.94 7.53
N ILE D 198 -15.86 -9.29 7.15
CA ILE D 198 -16.13 -10.59 6.53
C ILE D 198 -16.00 -10.50 5.02
N ASP D 199 -15.50 -9.37 4.52
CA ASP D 199 -15.34 -9.17 3.08
C ASP D 199 -16.66 -9.39 2.34
N ALA D 200 -17.72 -8.81 2.89
CA ALA D 200 -19.04 -8.94 2.29
C ALA D 200 -19.21 -7.96 1.14
N THR D 201 -19.92 -8.40 0.10
CA THR D 201 -20.37 -7.49 -0.94
C THR D 201 -21.69 -6.84 -0.62
N GLN D 202 -22.49 -7.45 0.26
CA GLN D 202 -23.77 -6.87 0.67
C GLN D 202 -24.19 -7.52 1.98
N VAL D 203 -24.57 -6.69 2.94
CA VAL D 203 -25.18 -7.13 4.19
C VAL D 203 -26.55 -6.48 4.25
N GLU D 204 -27.60 -7.29 4.12
CA GLU D 204 -28.96 -6.79 4.05
C GLU D 204 -29.75 -7.33 5.23
N VAL D 205 -30.32 -6.42 6.03
CA VAL D 205 -31.18 -6.78 7.16
C VAL D 205 -32.58 -6.27 6.85
N ASN D 206 -33.54 -7.19 6.83
CA ASN D 206 -34.92 -6.83 6.53
C ASN D 206 -35.85 -7.83 7.21
N PRO D 207 -36.65 -7.41 8.20
CA PRO D 207 -36.78 -6.05 8.74
C PRO D 207 -35.73 -5.68 9.78
N PHE D 208 -35.15 -4.50 9.65
CA PHE D 208 -34.34 -3.88 10.69
C PHE D 208 -35.32 -3.34 11.72
N GLY D 209 -35.73 -4.19 12.66
CA GLY D 209 -36.94 -3.97 13.42
C GLY D 209 -36.76 -3.14 14.67
N GLU D 210 -37.88 -2.85 15.31
CA GLU D 210 -37.95 -1.98 16.49
C GLU D 210 -39.03 -2.54 17.40
N THR D 211 -38.63 -3.18 18.49
CA THR D 211 -39.58 -3.83 19.38
C THR D 211 -40.33 -2.81 20.23
N PRO D 212 -41.46 -3.20 20.82
CA PRO D 212 -42.19 -2.25 21.69
C PRO D 212 -41.44 -1.92 22.96
N GLU D 213 -40.55 -2.80 23.43
CA GLU D 213 -39.74 -2.51 24.60
C GLU D 213 -38.59 -1.57 24.29
N GLY D 214 -38.44 -1.14 23.04
CA GLY D 214 -37.37 -0.23 22.68
C GLY D 214 -36.03 -0.90 22.40
N GLN D 215 -36.04 -2.00 21.64
CA GLN D 215 -34.82 -2.70 21.27
C GLN D 215 -34.76 -2.81 19.75
N VAL D 216 -33.72 -2.25 19.16
CA VAL D 216 -33.49 -2.36 17.72
C VAL D 216 -32.88 -3.73 17.44
N VAL D 217 -33.56 -4.52 16.60
CA VAL D 217 -33.18 -5.91 16.36
C VAL D 217 -33.14 -6.16 14.86
N CYS D 218 -32.15 -6.94 14.42
CA CYS D 218 -32.08 -7.44 13.06
C CYS D 218 -32.75 -8.81 13.04
N PHE D 219 -33.96 -8.89 12.48
CA PHE D 219 -34.73 -10.13 12.56
C PHE D 219 -34.28 -11.14 11.51
N ASP D 220 -34.08 -10.69 10.26
CA ASP D 220 -33.57 -11.52 9.20
C ASP D 220 -32.37 -10.84 8.55
N ALA D 221 -31.42 -11.66 8.09
CA ALA D 221 -30.17 -11.15 7.54
C ALA D 221 -29.83 -11.91 6.27
N LYS D 222 -29.35 -11.18 5.27
CA LYS D 222 -28.93 -11.74 3.98
C LYS D 222 -27.56 -11.17 3.66
N ILE D 223 -26.51 -11.97 3.90
CA ILE D 223 -25.14 -11.54 3.69
C ILE D 223 -24.62 -12.18 2.41
N ASN D 224 -24.12 -11.35 1.50
CA ASN D 224 -23.49 -11.80 0.27
C ASN D 224 -21.99 -11.59 0.38
N PHE D 225 -21.23 -12.65 0.14
CA PHE D 225 -19.79 -12.65 0.35
C PHE D 225 -19.04 -12.56 -0.97
N ASP D 226 -17.93 -11.83 -0.95
CA ASP D 226 -17.07 -11.69 -2.11
C ASP D 226 -16.29 -12.98 -2.34
N ASP D 227 -16.51 -13.63 -3.49
CA ASP D 227 -15.79 -14.86 -3.78
C ASP D 227 -14.29 -14.64 -3.87
N ASN D 228 -13.86 -13.45 -4.32
CA ASN D 228 -12.44 -13.19 -4.47
C ASN D 228 -11.70 -13.16 -3.13
N ALA D 229 -12.42 -12.98 -2.02
CA ALA D 229 -11.80 -12.88 -0.71
C ALA D 229 -11.78 -14.21 0.04
N GLU D 230 -12.12 -15.31 -0.63
CA GLU D 230 -12.16 -16.60 0.05
C GLU D 230 -10.81 -16.95 0.66
N PHE D 231 -9.71 -16.53 0.02
CA PHE D 231 -8.39 -16.88 0.52
C PHE D 231 -8.13 -16.27 1.90
N ARG D 232 -8.91 -15.27 2.31
CA ARG D 232 -8.77 -14.66 3.62
C ARG D 232 -10.08 -14.69 4.41
N GLN D 233 -11.00 -15.58 4.04
CA GLN D 233 -12.24 -15.81 4.78
C GLN D 233 -12.49 -17.31 4.89
N LYS D 234 -11.45 -18.03 5.31
CA LYS D 234 -11.50 -19.49 5.32
C LYS D 234 -12.60 -20.00 6.24
N ASP D 235 -12.66 -19.49 7.48
CA ASP D 235 -13.67 -19.96 8.41
C ASP D 235 -15.08 -19.75 7.87
N ILE D 236 -15.31 -18.62 7.20
CA ILE D 236 -16.65 -18.32 6.71
C ILE D 236 -17.01 -19.22 5.54
N PHE D 237 -16.11 -19.34 4.56
CA PHE D 237 -16.38 -20.16 3.40
C PHE D 237 -16.46 -21.64 3.74
N ALA D 238 -15.88 -22.06 4.88
CA ALA D 238 -16.00 -23.44 5.30
C ALA D 238 -17.42 -23.78 5.71
N MET D 239 -18.22 -22.78 6.12
CA MET D 239 -19.59 -23.05 6.54
C MET D 239 -20.53 -23.34 5.39
N ASP D 240 -20.14 -23.04 4.15
CA ASP D 240 -21.00 -23.32 3.01
C ASP D 240 -21.20 -24.83 2.88
N ASP D 241 -22.45 -25.26 3.01
CA ASP D 241 -22.74 -26.70 2.99
C ASP D 241 -22.31 -27.34 1.67
N LYS D 242 -22.57 -26.65 0.55
CA LYS D 242 -22.31 -27.18 -0.79
C LYS D 242 -23.28 -28.30 -1.15
N SER D 243 -24.12 -28.73 -0.22
CA SER D 243 -25.04 -29.82 -0.51
C SER D 243 -26.21 -29.37 -1.37
N GLU D 244 -26.62 -28.10 -1.24
CA GLU D 244 -27.73 -27.55 -2.01
C GLU D 244 -27.32 -27.11 -3.40
N ASN D 245 -26.06 -27.32 -3.80
CA ASN D 245 -25.60 -27.03 -5.14
C ASN D 245 -25.55 -28.30 -5.97
N GLU D 246 -25.69 -28.14 -7.29
CA GLU D 246 -25.68 -29.29 -8.16
C GLU D 246 -24.35 -30.03 -8.04
N PRO D 247 -24.35 -31.36 -8.07
CA PRO D 247 -23.07 -32.09 -7.93
C PRO D 247 -22.06 -31.72 -9.00
N ILE D 248 -22.52 -31.49 -10.23
CA ILE D 248 -21.62 -31.13 -11.32
C ILE D 248 -20.98 -29.78 -11.05
N GLU D 249 -21.74 -28.85 -10.46
CA GLU D 249 -21.18 -27.55 -10.11
C GLU D 249 -20.02 -27.69 -9.13
N ASN D 250 -20.23 -28.49 -8.07
CA ASN D 250 -19.16 -28.69 -7.10
C ASN D 250 -18.01 -29.48 -7.69
N GLU D 251 -18.29 -30.40 -8.62
CA GLU D 251 -17.21 -31.19 -9.22
C GLU D 251 -16.42 -30.35 -10.21
N ALA D 252 -17.09 -29.55 -11.04
CA ALA D 252 -16.38 -28.68 -11.96
C ALA D 252 -15.56 -27.65 -11.19
N ALA D 253 -16.11 -27.11 -10.10
CA ALA D 253 -15.37 -26.15 -9.30
C ALA D 253 -14.12 -26.78 -8.69
N LYS D 254 -14.15 -28.09 -8.45
CA LYS D 254 -12.99 -28.76 -7.86
C LYS D 254 -11.74 -28.54 -8.70
N TYR D 255 -11.89 -28.47 -10.03
CA TYR D 255 -10.77 -28.25 -10.94
C TYR D 255 -10.75 -26.83 -11.49
N ASP D 256 -11.33 -25.89 -10.75
CA ASP D 256 -11.35 -24.47 -11.14
C ASP D 256 -12.08 -24.25 -12.46
N LEU D 257 -13.25 -24.88 -12.59
CA LEU D 257 -14.12 -24.70 -13.74
C LEU D 257 -15.47 -24.21 -13.25
N LYS D 258 -15.91 -23.05 -13.75
CA LYS D 258 -17.17 -22.46 -13.36
C LYS D 258 -18.29 -23.04 -14.22
N TYR D 259 -19.33 -23.55 -13.56
CA TYR D 259 -20.43 -24.23 -14.22
C TYR D 259 -21.73 -23.45 -14.05
N ILE D 260 -22.50 -23.38 -15.11
CA ILE D 260 -23.83 -22.76 -15.09
C ILE D 260 -24.78 -23.67 -15.86
N GLY D 261 -25.60 -24.42 -15.11
CA GLY D 261 -26.49 -25.37 -15.75
C GLY D 261 -27.71 -24.71 -16.36
N LEU D 262 -28.15 -25.28 -17.48
CA LEU D 262 -29.34 -24.83 -18.19
C LEU D 262 -30.19 -26.05 -18.56
N ASP D 263 -31.33 -25.79 -19.18
CA ASP D 263 -32.27 -26.84 -19.59
C ASP D 263 -32.18 -26.99 -21.11
N GLY D 264 -31.10 -27.64 -21.55
CA GLY D 264 -30.89 -27.86 -22.98
C GLY D 264 -30.10 -29.12 -23.25
N ASN D 265 -29.63 -29.30 -24.48
CA ASN D 265 -28.89 -30.48 -24.87
C ASN D 265 -27.54 -30.19 -25.50
N ILE D 266 -27.19 -28.92 -25.71
CA ILE D 266 -25.93 -28.54 -26.35
C ILE D 266 -25.04 -27.95 -25.26
N ALA D 267 -24.10 -28.75 -24.77
CA ALA D 267 -23.15 -28.27 -23.78
C ALA D 267 -22.12 -27.34 -24.43
N CYS D 268 -21.61 -26.41 -23.64
CA CYS D 268 -20.65 -25.43 -24.11
C CYS D 268 -19.40 -25.48 -23.25
N PHE D 269 -18.24 -25.50 -23.89
CA PHE D 269 -16.95 -25.47 -23.22
C PHE D 269 -16.16 -24.30 -23.78
N VAL D 270 -16.04 -23.22 -23.00
CA VAL D 270 -15.50 -21.95 -23.48
C VAL D 270 -14.55 -21.39 -22.44
N ASN D 271 -13.62 -20.55 -22.91
CA ASN D 271 -12.67 -19.85 -22.04
C ASN D 271 -13.09 -18.39 -21.95
N GLY D 272 -13.63 -18.00 -20.80
CA GLY D 272 -14.11 -16.65 -20.59
C GLY D 272 -15.60 -16.60 -20.37
N ALA D 273 -16.02 -16.04 -19.23
CA ALA D 273 -17.44 -15.97 -18.91
C ALA D 273 -18.19 -15.14 -19.93
N GLY D 274 -17.62 -14.01 -20.34
CA GLY D 274 -18.28 -13.18 -21.34
C GLY D 274 -18.46 -13.89 -22.66
N LEU D 275 -17.44 -14.65 -23.07
CA LEU D 275 -17.55 -15.42 -24.31
C LEU D 275 -18.52 -16.59 -24.13
N ALA D 276 -18.49 -17.22 -22.97
CA ALA D 276 -19.41 -18.34 -22.71
C ALA D 276 -20.86 -17.90 -22.85
N MET D 277 -21.20 -16.75 -22.26
CA MET D 277 -22.55 -16.23 -22.41
C MET D 277 -22.87 -15.94 -23.87
N ALA D 278 -21.91 -15.35 -24.60
CA ALA D 278 -22.12 -15.10 -26.02
C ALA D 278 -22.36 -16.39 -26.78
N THR D 279 -21.65 -17.46 -26.41
CA THR D 279 -21.87 -18.76 -27.05
C THR D 279 -23.30 -19.23 -26.82
N CYS D 280 -23.78 -19.16 -25.58
CA CYS D 280 -25.17 -19.51 -25.31
C CYS D 280 -26.12 -18.61 -26.09
N ASP D 281 -25.81 -17.31 -26.14
CA ASP D 281 -26.67 -16.38 -26.85
C ASP D 281 -26.83 -16.77 -28.32
N ILE D 282 -25.72 -17.09 -28.99
CA ILE D 282 -25.78 -17.38 -30.41
C ILE D 282 -26.35 -18.76 -30.69
N ILE D 283 -26.35 -19.65 -29.70
CA ILE D 283 -26.98 -20.96 -29.90
C ILE D 283 -28.49 -20.81 -29.98
N PHE D 284 -29.09 -20.04 -29.06
CA PHE D 284 -30.51 -19.76 -29.14
C PHE D 284 -30.88 -19.19 -30.51
N LEU D 285 -30.09 -18.23 -31.00
CA LEU D 285 -30.40 -17.59 -32.26
C LEU D 285 -30.51 -18.58 -33.41
N ASN D 286 -29.74 -19.68 -33.36
CA ASN D 286 -29.71 -20.66 -34.44
C ASN D 286 -30.54 -21.90 -34.13
N GLY D 287 -31.50 -21.79 -33.20
CA GLY D 287 -32.44 -22.85 -32.94
C GLY D 287 -32.04 -23.85 -31.88
N GLY D 288 -30.83 -23.76 -31.36
CA GLY D 288 -30.37 -24.71 -30.37
C GLY D 288 -30.75 -24.30 -28.96
N LYS D 289 -30.66 -25.26 -28.06
CA LYS D 289 -30.91 -25.04 -26.64
C LYS D 289 -29.65 -25.41 -25.87
N PRO D 290 -28.91 -24.44 -25.32
CA PRO D 290 -27.68 -24.79 -24.60
C PRO D 290 -27.99 -25.49 -23.28
N ALA D 291 -27.36 -26.65 -23.08
CA ALA D 291 -27.53 -27.36 -21.82
C ALA D 291 -26.84 -26.65 -20.67
N ASN D 292 -25.74 -25.96 -20.95
CA ASN D 292 -24.94 -25.28 -19.93
C ASN D 292 -23.73 -24.68 -20.63
N PHE D 293 -22.93 -23.93 -19.87
CA PHE D 293 -21.62 -23.51 -20.30
C PHE D 293 -20.64 -23.71 -19.15
N LEU D 294 -19.48 -24.26 -19.47
CA LEU D 294 -18.44 -24.58 -18.49
C LEU D 294 -17.30 -23.59 -18.74
N ASP D 295 -17.39 -22.43 -18.09
CA ASP D 295 -16.37 -21.40 -18.28
C ASP D 295 -15.01 -21.92 -17.86
N LEU D 296 -14.04 -21.81 -18.77
CA LEU D 296 -12.70 -22.32 -18.54
C LEU D 296 -11.72 -21.26 -18.07
N GLY D 297 -12.02 -19.97 -18.33
CA GLY D 297 -11.08 -18.91 -18.04
C GLY D 297 -9.95 -18.88 -19.05
N GLY D 298 -9.23 -17.75 -19.12
CA GLY D 298 -8.15 -17.63 -20.09
C GLY D 298 -7.15 -18.77 -19.98
N GLY D 299 -6.76 -19.12 -18.76
CA GLY D 299 -5.82 -20.20 -18.54
C GLY D 299 -6.41 -21.54 -18.93
N VAL D 300 -5.91 -22.13 -20.01
CA VAL D 300 -6.43 -23.41 -20.50
C VAL D 300 -5.50 -24.53 -20.06
N LYS D 301 -5.44 -24.78 -18.76
CA LYS D 301 -4.70 -25.92 -18.25
C LYS D 301 -5.24 -27.19 -18.91
N GLU D 302 -4.37 -27.90 -19.62
CA GLU D 302 -4.86 -29.01 -20.45
C GLU D 302 -5.34 -30.20 -19.64
N SER D 303 -5.10 -30.23 -18.32
CA SER D 303 -5.56 -31.37 -17.53
C SER D 303 -7.07 -31.35 -17.36
N GLN D 304 -7.67 -30.17 -17.28
CA GLN D 304 -9.10 -30.05 -17.01
C GLN D 304 -9.95 -30.25 -18.25
N VAL D 305 -9.37 -30.13 -19.45
CA VAL D 305 -10.12 -30.49 -20.65
C VAL D 305 -10.62 -31.93 -20.55
N TYR D 306 -9.82 -32.80 -19.92
CA TYR D 306 -10.27 -34.16 -19.69
C TYR D 306 -11.49 -34.19 -18.78
N GLN D 307 -11.45 -33.44 -17.67
CA GLN D 307 -12.58 -33.38 -16.76
C GLN D 307 -13.77 -32.69 -17.42
N ALA D 308 -13.53 -31.57 -18.09
CA ALA D 308 -14.62 -30.83 -18.73
C ALA D 308 -15.48 -31.75 -19.58
N PHE D 309 -14.87 -32.53 -20.47
CA PHE D 309 -15.65 -33.45 -21.29
C PHE D 309 -16.33 -34.50 -20.42
N LYS D 310 -15.64 -34.99 -19.39
CA LYS D 310 -16.22 -36.03 -18.54
C LYS D 310 -17.48 -35.53 -17.86
N LEU D 311 -17.43 -34.34 -17.29
CA LEU D 311 -18.57 -33.81 -16.53
C LEU D 311 -19.76 -33.54 -17.45
N LEU D 312 -19.52 -32.89 -18.59
CA LEU D 312 -20.61 -32.59 -19.51
C LEU D 312 -21.32 -33.85 -19.96
N THR D 313 -20.55 -34.91 -20.28
CA THR D 313 -21.14 -36.16 -20.70
C THR D 313 -21.89 -36.85 -19.57
N ALA D 314 -21.54 -36.56 -18.32
CA ALA D 314 -22.25 -37.17 -17.19
C ALA D 314 -23.74 -36.86 -17.25
N ASP D 315 -24.08 -35.66 -17.70
CA ASP D 315 -25.49 -35.28 -17.85
C ASP D 315 -26.05 -35.97 -19.09
N PRO D 316 -27.00 -36.91 -18.94
CA PRO D 316 -27.52 -37.61 -20.13
C PRO D 316 -28.23 -36.69 -21.11
N LYS D 317 -28.75 -35.55 -20.66
CA LYS D 317 -29.44 -34.65 -21.58
C LYS D 317 -28.49 -34.02 -22.60
N VAL D 318 -27.19 -34.06 -22.35
CA VAL D 318 -26.23 -33.45 -23.26
C VAL D 318 -26.12 -34.33 -24.50
N GLU D 319 -26.61 -33.83 -25.63
CA GLU D 319 -26.53 -34.52 -26.90
C GLU D 319 -25.44 -33.97 -27.82
N ALA D 320 -24.71 -32.96 -27.38
CA ALA D 320 -23.66 -32.37 -28.20
C ALA D 320 -22.88 -31.37 -27.35
N ILE D 321 -21.58 -31.27 -27.62
CA ILE D 321 -20.69 -30.36 -26.92
C ILE D 321 -20.11 -29.39 -27.96
N LEU D 322 -20.28 -28.09 -27.71
CA LEU D 322 -19.71 -27.06 -28.56
C LEU D 322 -18.50 -26.47 -27.85
N VAL D 323 -17.32 -26.69 -28.43
CA VAL D 323 -16.07 -26.18 -27.87
C VAL D 323 -15.65 -24.93 -28.64
N ASN D 324 -15.50 -23.82 -27.92
CA ASN D 324 -15.10 -22.54 -28.49
C ASN D 324 -13.99 -21.96 -27.63
N ILE D 325 -12.75 -22.19 -28.02
CA ILE D 325 -11.58 -21.69 -27.30
C ILE D 325 -10.87 -20.68 -28.18
N PHE D 326 -10.81 -19.43 -27.72
CA PHE D 326 -10.19 -18.34 -28.47
C PHE D 326 -9.25 -17.59 -27.54
N GLY D 327 -7.97 -17.59 -27.89
CA GLY D 327 -6.99 -16.79 -27.16
C GLY D 327 -6.52 -17.37 -25.85
N GLY D 328 -6.30 -18.69 -25.80
CA GLY D 328 -5.72 -19.29 -24.62
C GLY D 328 -4.23 -19.02 -24.53
N ILE D 329 -3.66 -19.33 -23.37
CA ILE D 329 -2.21 -19.18 -23.20
C ILE D 329 -1.45 -20.31 -23.89
N VAL D 330 -2.13 -21.36 -24.31
CA VAL D 330 -1.51 -22.48 -25.00
C VAL D 330 -1.93 -22.44 -26.46
N ASN D 331 -1.05 -22.95 -27.33
CA ASN D 331 -1.33 -22.97 -28.75
C ASN D 331 -2.60 -23.76 -29.04
N CYS D 332 -3.38 -23.28 -30.02
CA CYS D 332 -4.63 -23.96 -30.36
C CYS D 332 -4.36 -25.36 -30.89
N ALA D 333 -3.33 -25.52 -31.73
CA ALA D 333 -2.98 -26.84 -32.22
C ALA D 333 -2.62 -27.77 -31.05
N ILE D 334 -2.07 -27.21 -29.97
CA ILE D 334 -1.77 -28.01 -28.79
C ILE D 334 -3.06 -28.34 -28.05
N ILE D 335 -3.99 -27.40 -27.99
CA ILE D 335 -5.29 -27.68 -27.38
C ILE D 335 -6.06 -28.70 -28.21
N ALA D 336 -5.81 -28.72 -29.52
CA ALA D 336 -6.50 -29.69 -30.37
C ALA D 336 -6.11 -31.12 -30.00
N ASN D 337 -4.82 -31.34 -29.72
CA ASN D 337 -4.38 -32.68 -29.32
C ASN D 337 -4.91 -33.07 -27.95
N GLY D 338 -5.09 -32.10 -27.06
CA GLY D 338 -5.69 -32.38 -25.77
C GLY D 338 -7.15 -32.79 -25.90
N ILE D 339 -7.86 -32.20 -26.86
CA ILE D 339 -9.26 -32.58 -27.10
C ILE D 339 -9.33 -34.03 -27.57
N THR D 340 -8.55 -34.37 -28.59
CA THR D 340 -8.50 -35.75 -29.05
C THR D 340 -8.06 -36.69 -27.93
N LYS D 341 -6.92 -36.37 -27.30
CA LYS D 341 -6.44 -37.18 -26.18
C LYS D 341 -7.54 -37.37 -25.13
N ALA D 342 -8.22 -36.28 -24.76
CA ALA D 342 -9.31 -36.37 -23.80
C ALA D 342 -10.48 -37.17 -24.36
N CYS D 343 -10.84 -36.91 -25.62
CA CYS D 343 -11.97 -37.62 -26.22
C CYS D 343 -11.70 -39.10 -26.34
N ARG D 344 -10.56 -39.48 -26.90
CA ARG D 344 -10.23 -40.90 -27.05
C ARG D 344 -10.10 -41.58 -25.69
N GLU D 345 -9.57 -40.87 -24.70
CA GLU D 345 -9.32 -41.46 -23.39
C GLU D 345 -10.60 -41.64 -22.59
N LEU D 346 -11.73 -41.12 -23.09
CA LEU D 346 -13.02 -41.25 -22.43
C LEU D 346 -14.05 -41.97 -23.29
N GLU D 347 -13.71 -42.28 -24.55
CA GLU D 347 -14.62 -42.96 -25.46
C GLU D 347 -15.93 -42.19 -25.58
N LEU D 348 -15.83 -41.05 -26.27
CA LEU D 348 -16.95 -40.13 -26.41
C LEU D 348 -17.85 -40.56 -27.57
N LYS D 349 -19.16 -40.55 -27.31
CA LYS D 349 -20.15 -40.83 -28.34
C LYS D 349 -20.75 -39.57 -28.93
N VAL D 350 -21.25 -38.67 -28.07
CA VAL D 350 -22.01 -37.50 -28.52
C VAL D 350 -21.16 -36.68 -29.49
N PRO D 351 -21.77 -36.05 -30.49
CA PRO D 351 -20.99 -35.24 -31.43
C PRO D 351 -20.28 -34.10 -30.73
N LEU D 352 -19.15 -33.69 -31.29
CA LEU D 352 -18.30 -32.66 -30.74
C LEU D 352 -18.05 -31.62 -31.82
N VAL D 353 -18.54 -30.41 -31.61
CA VAL D 353 -18.28 -29.28 -32.50
C VAL D 353 -17.21 -28.41 -31.85
N VAL D 354 -16.08 -28.25 -32.55
CA VAL D 354 -14.92 -27.57 -32.00
C VAL D 354 -14.61 -26.35 -32.86
N ARG D 355 -14.46 -25.20 -32.20
CA ARG D 355 -13.98 -23.98 -32.83
C ARG D 355 -12.71 -23.54 -32.13
N LEU D 356 -11.61 -23.48 -32.89
CA LEU D 356 -10.33 -23.00 -32.39
C LEU D 356 -9.87 -21.86 -33.27
N GLU D 357 -9.54 -20.72 -32.66
CA GLU D 357 -9.07 -19.55 -33.38
C GLU D 357 -7.86 -18.97 -32.65
N GLY D 358 -6.86 -18.57 -33.41
CA GLY D 358 -5.65 -18.01 -32.84
C GLY D 358 -4.40 -18.44 -33.57
N THR D 359 -3.37 -18.80 -32.83
CA THR D 359 -2.10 -19.20 -33.43
C THR D 359 -2.16 -20.67 -33.85
N ASN D 360 -1.61 -20.96 -35.02
CA ASN D 360 -1.60 -22.31 -35.59
C ASN D 360 -3.02 -22.90 -35.62
N VAL D 361 -3.87 -22.26 -36.42
CA VAL D 361 -5.26 -22.68 -36.53
C VAL D 361 -5.43 -23.73 -37.62
N HIS D 362 -4.70 -23.60 -38.74
CA HIS D 362 -4.84 -24.56 -39.82
C HIS D 362 -4.49 -25.96 -39.37
N GLU D 363 -3.39 -26.10 -38.62
CA GLU D 363 -3.00 -27.42 -38.11
C GLU D 363 -4.04 -27.96 -37.15
N ALA D 364 -4.56 -27.11 -36.26
CA ALA D 364 -5.54 -27.57 -35.28
C ALA D 364 -6.75 -28.18 -35.96
N GLN D 365 -7.28 -27.52 -36.99
CA GLN D 365 -8.46 -28.03 -37.68
C GLN D 365 -8.19 -29.37 -38.34
N ASN D 366 -6.97 -29.56 -38.88
CA ASN D 366 -6.64 -30.84 -39.50
C ASN D 366 -6.56 -31.95 -38.45
N ILE D 367 -6.01 -31.65 -37.27
CA ILE D 367 -5.92 -32.65 -36.21
C ILE D 367 -7.32 -33.13 -35.81
N LEU D 368 -8.33 -32.28 -35.94
CA LEU D 368 -9.67 -32.64 -35.51
C LEU D 368 -10.39 -33.48 -36.57
N THR D 369 -10.28 -33.09 -37.84
CA THR D 369 -11.00 -33.79 -38.89
C THR D 369 -10.40 -35.17 -39.17
N ASN D 370 -9.09 -35.30 -39.06
CA ASN D 370 -8.40 -36.55 -39.35
C ASN D 370 -8.16 -37.40 -38.11
N SER D 371 -9.02 -37.28 -37.11
CA SER D 371 -8.90 -38.05 -35.88
C SER D 371 -9.79 -39.29 -35.84
N GLY D 372 -10.76 -39.37 -36.74
CA GLY D 372 -11.69 -40.49 -36.71
C GLY D 372 -12.65 -40.46 -35.53
N LEU D 373 -12.82 -39.30 -34.91
CA LEU D 373 -13.69 -39.11 -33.77
C LEU D 373 -14.88 -38.24 -34.14
N PRO D 374 -15.98 -38.35 -33.40
CA PRO D 374 -17.13 -37.48 -33.69
C PRO D 374 -16.80 -36.01 -33.42
N ILE D 375 -15.95 -35.44 -34.28
CA ILE D 375 -15.46 -34.08 -34.12
C ILE D 375 -15.61 -33.36 -35.45
N THR D 376 -16.41 -32.29 -35.46
CA THR D 376 -16.59 -31.43 -36.62
C THR D 376 -16.00 -30.06 -36.31
N SER D 377 -15.02 -29.62 -37.10
CA SER D 377 -14.39 -28.34 -36.88
C SER D 377 -15.30 -27.21 -37.38
N ALA D 378 -15.18 -26.05 -36.72
CA ALA D 378 -15.95 -24.87 -37.06
C ALA D 378 -15.03 -23.70 -37.35
N VAL D 379 -15.54 -22.75 -38.14
CA VAL D 379 -14.75 -21.61 -38.60
C VAL D 379 -15.04 -20.35 -37.80
N ASP D 380 -16.32 -20.04 -37.56
CA ASP D 380 -16.73 -18.89 -36.78
C ASP D 380 -17.80 -19.33 -35.79
N LEU D 381 -18.27 -18.38 -34.97
CA LEU D 381 -19.25 -18.72 -33.94
C LEU D 381 -20.58 -19.15 -34.56
N GLU D 382 -21.04 -18.44 -35.60
CA GLU D 382 -22.29 -18.83 -36.24
C GLU D 382 -22.19 -20.24 -36.82
N ASP D 383 -21.03 -20.60 -37.35
CA ASP D 383 -20.86 -21.92 -37.93
C ASP D 383 -20.96 -22.99 -36.84
N ALA D 384 -20.28 -22.79 -35.72
CA ALA D 384 -20.32 -23.78 -34.65
C ALA D 384 -21.74 -23.96 -34.12
N ALA D 385 -22.49 -22.87 -34.01
CA ALA D 385 -23.87 -22.97 -33.54
C ALA D 385 -24.73 -23.75 -34.52
N LYS D 386 -24.70 -23.35 -35.79
CA LYS D 386 -25.47 -24.07 -36.80
C LYS D 386 -25.04 -25.53 -36.91
N LYS D 387 -23.74 -25.80 -36.71
CA LYS D 387 -23.25 -27.17 -36.72
C LYS D 387 -23.60 -27.92 -35.45
N ALA D 388 -23.90 -27.21 -34.36
CA ALA D 388 -24.28 -27.87 -33.12
C ALA D 388 -25.76 -28.25 -33.14
N VAL D 389 -26.61 -27.42 -33.73
CA VAL D 389 -28.03 -27.76 -33.82
C VAL D 389 -28.25 -28.84 -34.85
N ALA D 390 -27.38 -28.94 -35.86
CA ALA D 390 -27.52 -29.99 -36.86
C ALA D 390 -27.10 -31.35 -36.30
N SER D 391 -26.13 -31.36 -35.38
CA SER D 391 -25.60 -32.59 -34.80
C SER D 391 -26.51 -33.22 -33.76
N VAL D 392 -27.66 -32.62 -33.47
CA VAL D 392 -28.58 -33.16 -32.48
C VAL D 392 -29.78 -33.78 -33.19
N THR D 393 -29.53 -34.79 -34.03
CA THR D 393 -30.57 -35.46 -34.78
C THR D 393 -30.82 -36.86 -34.20
#